data_8K31
#
_entry.id   8K31
#
loop_
_entity.id
_entity.type
_entity.pdbx_description
1 polymer 'Sigma factor binding protein 1, chloroplastic'
2 polymer 'Probable WRKY transcription factor 33'
3 non-polymer 'ZINC ION'
#
loop_
_entity_poly.entity_id
_entity_poly.type
_entity_poly.pdbx_seq_one_letter_code
_entity_poly.pdbx_strand_id
1 'polypeptide(L)'
;MTTSLDKKKPSPVSRKSPKQKKKTTSTNKPIKVRYISNPMRVQTCASKFRELVQELTGQDAVDLQPEPIYSPSSDDHNLS
PPAENLAPRVLLEHHHHH
;
A
2 'polypeptide(L)'
;MDNETNGGNGGGSKTVREPRIVVQTTSCIDILDDGYRWRKYGQKVVCGNPNPRSYYKCTTIGCPVRKHVERASHDMRAVI
TTYEGKHNHDVPALEHHHHHH
;
B
#
# COMPACT_ATOMS: atom_id res chain seq x y z
N SER A 37 -7.73 7.11 19.47
CA SER A 37 -7.15 6.31 18.30
C SER A 37 -8.22 5.82 17.35
N ASN A 38 -7.98 5.55 16.06
CA ASN A 38 -8.90 4.83 15.21
C ASN A 38 -8.38 3.39 14.91
N PRO A 39 -9.21 2.28 14.72
CA PRO A 39 -8.61 0.97 14.67
C PRO A 39 -7.89 0.57 13.29
N MET A 40 -6.82 -0.22 13.51
CA MET A 40 -5.94 -0.76 12.47
C MET A 40 -6.77 -1.23 11.30
N ARG A 41 -6.65 -0.47 10.21
CA ARG A 41 -7.39 -0.81 8.96
C ARG A 41 -6.84 -2.12 8.35
N VAL A 42 -5.60 -2.43 8.52
CA VAL A 42 -4.96 -3.66 7.90
C VAL A 42 -5.41 -3.94 6.43
N GLN A 43 -6.19 -4.95 6.08
CA GLN A 43 -6.55 -5.46 4.76
C GLN A 43 -7.62 -4.64 3.99
N THR A 44 -8.05 -3.50 4.44
CA THR A 44 -9.34 -2.82 4.04
C THR A 44 -9.33 -2.41 2.58
N CYS A 45 -8.13 -2.13 2.06
CA CYS A 45 -7.90 -1.75 0.58
C CYS A 45 -7.15 -2.81 -0.34
N ALA A 46 -6.96 -4.03 0.18
CA ALA A 46 -6.24 -5.15 -0.49
C ALA A 46 -6.98 -5.93 -1.63
N SER A 47 -8.29 -5.49 -1.78
CA SER A 47 -9.11 -5.85 -2.90
C SER A 47 -8.45 -5.66 -4.25
N LYS A 48 -8.90 -6.45 -5.23
CA LYS A 48 -8.48 -6.49 -6.67
C LYS A 48 -9.32 -5.55 -7.54
N PHE A 49 -9.47 -4.28 -7.15
CA PHE A 49 -10.22 -3.29 -7.94
C PHE A 49 -9.63 -3.14 -9.32
N ARG A 50 -10.50 -2.71 -10.27
CA ARG A 50 -10.05 -2.52 -11.68
C ARG A 50 -9.41 -1.17 -11.99
N GLU A 51 -9.96 -0.10 -11.41
CA GLU A 51 -9.72 1.34 -11.60
C GLU A 51 -8.31 1.71 -11.14
N LEU A 52 -7.97 2.96 -11.40
CA LEU A 52 -6.75 3.56 -10.84
C LEU A 52 -6.83 3.99 -9.36
N VAL A 53 -8.07 4.18 -8.90
CA VAL A 53 -8.35 4.55 -7.51
C VAL A 53 -9.19 3.53 -6.68
N GLN A 54 -8.49 2.92 -5.73
CA GLN A 54 -9.03 2.02 -4.71
C GLN A 54 -10.22 2.81 -3.90
N GLU A 55 -11.34 2.18 -3.49
CA GLU A 55 -12.55 2.82 -2.92
C GLU A 55 -12.30 3.72 -1.74
N LEU A 56 -11.25 3.50 -0.90
CA LEU A 56 -10.95 4.36 0.30
C LEU A 56 -9.84 5.37 -0.02
N THR A 57 -9.65 5.78 -1.31
CA THR A 57 -8.63 6.74 -1.68
C THR A 57 -8.82 8.14 -1.09
N GLY A 58 -7.94 8.60 -0.21
CA GLY A 58 -7.94 10.01 0.28
C GLY A 58 -6.66 10.75 -0.06
N GLN A 59 -6.33 11.68 0.81
CA GLN A 59 -5.02 12.36 0.75
C GLN A 59 -3.78 11.44 1.08
N ASP A 60 -3.99 10.15 0.99
CA ASP A 60 -2.98 9.14 1.31
C ASP A 60 -2.68 9.15 2.77
N ALA A 61 -3.56 9.26 3.75
CA ALA A 61 -5.06 9.29 3.91
C ALA A 61 -5.37 9.72 5.35
N VAL A 62 -6.61 10.00 5.67
CA VAL A 62 -6.93 10.30 7.04
C VAL A 62 -8.23 9.59 7.44
N ASP A 63 -8.33 9.33 8.79
CA ASP A 63 -9.56 8.70 9.33
C ASP A 63 -10.67 9.82 9.39
N LEU A 64 -11.70 9.60 8.58
CA LEU A 64 -12.83 10.53 8.45
C LEU A 64 -13.76 10.70 9.66
N GLN A 65 -13.64 9.82 10.72
CA GLN A 65 -14.40 9.74 12.00
C GLN A 65 -14.06 10.80 13.02
N PRO A 66 -14.88 11.09 14.06
CA PRO A 66 -14.65 12.21 14.98
C PRO A 66 -13.77 11.82 16.16
N GLU A 67 -12.72 12.61 16.55
CA GLU A 67 -11.69 12.21 17.54
C GLU A 67 -12.25 12.37 19.00
N PRO A 68 -12.41 11.27 19.75
CA PRO A 68 -12.98 11.32 21.16
C PRO A 68 -12.02 11.95 22.21
N ILE A 69 -10.76 12.34 21.83
CA ILE A 69 -9.79 13.05 22.58
C ILE A 69 -9.05 14.12 21.65
N TYR A 70 -8.39 15.13 22.22
CA TYR A 70 -7.51 16.15 21.59
C TYR A 70 -6.46 15.54 20.62
N SER A 71 -5.89 16.30 19.69
CA SER A 71 -5.02 15.74 18.65
C SER A 71 -3.48 15.78 19.02
N LYS B 14 -4.76 13.45 -20.39
CA LYS B 14 -5.52 12.70 -19.34
C LYS B 14 -4.70 12.77 -18.05
N THR B 15 -5.33 12.68 -16.93
CA THR B 15 -4.69 12.85 -15.64
C THR B 15 -3.80 11.68 -15.29
N VAL B 16 -2.58 11.99 -14.86
CA VAL B 16 -1.56 10.93 -14.64
C VAL B 16 -1.85 10.25 -13.33
N ARG B 17 -2.06 8.92 -13.34
CA ARG B 17 -2.20 8.07 -12.14
C ARG B 17 -1.60 6.65 -12.19
N GLU B 18 -1.65 6.02 -13.34
CA GLU B 18 -1.18 4.60 -13.55
C GLU B 18 0.26 4.32 -13.07
N PRO B 19 1.23 5.26 -13.22
CA PRO B 19 2.55 5.11 -12.64
C PRO B 19 2.60 4.95 -11.08
N ARG B 20 1.64 5.55 -10.36
CA ARG B 20 1.70 5.89 -8.90
C ARG B 20 0.35 5.70 -8.17
N ILE B 21 -0.22 4.51 -8.42
CA ILE B 21 -1.42 3.86 -7.78
C ILE B 21 -1.05 3.67 -6.28
N VAL B 22 -1.44 4.65 -5.35
CA VAL B 22 -1.01 4.62 -3.94
C VAL B 22 -2.16 4.06 -3.15
N VAL B 23 -1.84 3.29 -2.10
CA VAL B 23 -2.80 2.60 -1.20
C VAL B 23 -2.30 2.69 0.25
N GLN B 24 -3.05 3.34 1.18
CA GLN B 24 -2.65 3.51 2.61
C GLN B 24 -3.44 2.54 3.49
N THR B 25 -2.83 2.19 4.64
CA THR B 25 -3.47 1.35 5.71
C THR B 25 -2.77 1.67 7.06
N THR B 26 -3.38 1.23 8.18
CA THR B 26 -2.74 1.23 9.54
C THR B 26 -2.54 -0.23 10.08
N SER B 27 -1.37 -0.56 10.64
CA SER B 27 -1.09 -1.91 11.05
C SER B 27 0.05 -2.06 12.04
N CYS B 28 0.04 -3.13 12.88
CA CYS B 28 1.17 -3.12 13.83
C CYS B 28 2.55 -3.37 13.10
N ILE B 29 2.52 -3.80 11.86
CA ILE B 29 3.69 -4.02 11.00
C ILE B 29 3.45 -3.85 9.48
N ASP B 30 4.52 -3.52 8.66
CA ASP B 30 4.47 -3.36 7.18
C ASP B 30 4.50 -4.67 6.35
N ILE B 31 4.28 -5.93 6.95
CA ILE B 31 3.94 -7.17 6.27
C ILE B 31 2.45 -7.18 5.99
N LEU B 32 1.99 -7.15 4.69
CA LEU B 32 0.64 -7.05 4.26
C LEU B 32 0.36 -7.86 3.06
N ASP B 33 -0.84 -8.40 2.96
CA ASP B 33 -1.34 -9.18 1.75
C ASP B 33 -2.16 -8.32 0.77
N ASP B 34 -2.22 -8.72 -0.51
CA ASP B 34 -2.92 -8.03 -1.63
C ASP B 34 -3.45 -8.97 -2.65
N GLY B 35 -3.36 -10.26 -2.42
CA GLY B 35 -3.92 -11.27 -3.32
C GLY B 35 -3.18 -11.60 -4.63
N TYR B 36 -2.01 -11.00 -4.85
CA TYR B 36 -1.05 -11.25 -5.94
C TYR B 36 0.29 -11.86 -5.41
N ARG B 37 1.02 -12.42 -6.35
CA ARG B 37 2.35 -13.04 -6.05
C ARG B 37 3.53 -12.26 -6.70
N TRP B 38 4.64 -12.17 -5.93
CA TRP B 38 5.66 -11.16 -6.07
C TRP B 38 7.07 -11.77 -5.85
N ARG B 39 8.02 -11.25 -6.57
CA ARG B 39 9.46 -11.20 -6.17
C ARG B 39 9.96 -9.82 -5.95
N LYS B 40 10.90 -9.74 -4.92
CA LYS B 40 11.62 -8.51 -4.59
C LYS B 40 12.96 -8.31 -5.38
N TYR B 41 13.17 -7.11 -5.98
CA TYR B 41 14.29 -6.82 -6.84
C TYR B 41 15.24 -5.81 -6.11
N GLY B 42 14.80 -5.10 -5.11
CA GLY B 42 15.67 -4.20 -4.28
C GLY B 42 15.10 -3.35 -3.20
N GLN B 43 15.97 -2.55 -2.71
CA GLN B 43 15.56 -1.71 -1.50
C GLN B 43 16.36 -0.35 -1.42
N LYS B 44 15.59 0.70 -1.03
CA LYS B 44 16.15 2.01 -0.70
C LYS B 44 15.76 2.59 0.68
N VAL B 45 16.53 3.52 1.18
CA VAL B 45 16.27 4.19 2.52
C VAL B 45 15.32 5.36 2.36
N VAL B 46 14.45 5.66 3.34
CA VAL B 46 13.56 6.87 3.54
C VAL B 46 13.87 7.61 4.80
N CYS B 47 13.47 8.91 4.83
CA CYS B 47 13.52 9.76 6.03
C CYS B 47 12.60 9.20 7.15
N GLY B 48 13.01 9.38 8.40
CA GLY B 48 12.14 9.42 9.59
C GLY B 48 11.66 8.10 10.07
N ASN B 49 12.10 6.97 9.41
CA ASN B 49 11.72 5.62 9.76
C ASN B 49 13.00 4.69 9.59
N PRO B 50 13.23 3.70 10.51
CA PRO B 50 14.33 2.76 10.41
C PRO B 50 14.17 1.74 9.27
N ASN B 51 13.00 1.24 8.93
CA ASN B 51 12.77 0.23 7.88
C ASN B 51 13.07 0.87 6.53
N PRO B 52 13.65 0.10 5.60
CA PRO B 52 13.79 0.44 4.21
C PRO B 52 12.46 0.37 3.43
N ARG B 53 12.41 1.01 2.29
CA ARG B 53 11.35 0.73 1.40
C ARG B 53 11.83 -0.45 0.61
N SER B 54 10.96 -1.48 0.45
CA SER B 54 11.31 -2.58 -0.44
C SER B 54 10.54 -2.55 -1.75
N TYR B 55 11.14 -2.88 -2.86
CA TYR B 55 10.42 -2.92 -4.16
C TYR B 55 10.17 -4.31 -4.69
N TYR B 56 9.07 -4.59 -5.35
CA TYR B 56 8.63 -5.90 -5.84
C TYR B 56 8.20 -5.81 -7.35
N LYS B 57 8.13 -7.00 -7.96
CA LYS B 57 7.57 -7.21 -9.33
C LYS B 57 6.70 -8.44 -9.39
N CYS B 58 5.57 -8.44 -10.12
CA CYS B 58 4.72 -9.62 -10.30
C CYS B 58 5.54 -10.82 -10.87
N THR B 59 5.20 -12.05 -10.51
CA THR B 59 5.77 -13.38 -10.90
C THR B 59 4.81 -14.11 -11.83
N THR B 60 3.61 -13.56 -12.15
CA THR B 60 2.80 -13.98 -13.27
C THR B 60 3.49 -13.77 -14.66
N ILE B 61 3.39 -14.72 -15.57
CA ILE B 61 4.00 -14.78 -16.87
C ILE B 61 3.51 -13.63 -17.72
N GLY B 62 4.44 -12.83 -18.30
CA GLY B 62 4.10 -11.65 -19.15
C GLY B 62 3.46 -10.45 -18.42
N CYS B 63 3.42 -10.35 -17.09
CA CYS B 63 2.99 -9.25 -16.25
C CYS B 63 4.01 -8.19 -15.78
N PRO B 64 4.12 -6.95 -16.39
CA PRO B 64 5.18 -6.00 -16.06
C PRO B 64 4.79 -5.05 -14.87
N VAL B 65 3.89 -5.45 -13.98
CA VAL B 65 3.49 -4.75 -12.71
C VAL B 65 4.50 -4.82 -11.59
N ARG B 66 4.67 -3.67 -10.96
CA ARG B 66 5.57 -3.35 -9.82
C ARG B 66 4.86 -2.81 -8.65
N LYS B 67 5.47 -2.90 -7.49
CA LYS B 67 5.00 -2.08 -6.37
C LYS B 67 6.25 -1.74 -5.54
N HIS B 68 6.17 -0.74 -4.68
CA HIS B 68 7.05 -0.44 -3.51
C HIS B 68 6.25 -0.23 -2.28
N VAL B 69 6.79 -0.68 -1.14
CA VAL B 69 6.06 -0.73 0.17
C VAL B 69 6.86 -0.04 1.25
N GLU B 70 6.23 0.78 2.10
CA GLU B 70 6.96 1.64 3.11
C GLU B 70 6.01 1.84 4.31
N ARG B 71 6.61 1.94 5.49
CA ARG B 71 6.10 2.63 6.66
C ARG B 71 6.38 4.15 6.54
N ALA B 72 5.53 4.94 7.18
CA ALA B 72 5.72 6.35 7.30
C ALA B 72 6.75 6.81 8.33
N SER B 73 7.15 8.06 8.22
CA SER B 73 7.90 8.75 9.27
C SER B 73 7.14 9.00 10.56
N HIS B 74 5.94 9.58 10.53
CA HIS B 74 5.32 10.13 11.75
C HIS B 74 4.70 9.12 12.71
N ASP B 75 4.57 7.89 12.26
CA ASP B 75 4.01 6.78 13.13
C ASP B 75 4.62 5.43 12.81
N MET B 76 4.73 4.52 13.79
CA MET B 76 5.06 3.12 13.77
C MET B 76 3.97 2.33 13.00
N ARG B 77 2.71 2.80 13.13
CA ARG B 77 1.51 2.13 12.74
C ARG B 77 1.06 2.49 11.35
N ALA B 78 1.54 3.55 10.69
CA ALA B 78 1.06 3.92 9.35
C ALA B 78 1.82 3.22 8.26
N VAL B 79 1.18 2.63 7.26
CA VAL B 79 1.93 1.87 6.16
C VAL B 79 1.31 2.23 4.79
N ILE B 80 2.06 2.43 3.66
CA ILE B 80 1.61 2.82 2.32
C ILE B 80 2.26 1.84 1.29
N THR B 81 1.52 1.38 0.30
CA THR B 81 2.03 0.70 -0.90
C THR B 81 1.84 1.58 -2.11
N THR B 82 2.83 1.63 -3.02
CA THR B 82 2.66 2.29 -4.30
C THR B 82 2.85 1.33 -5.41
N TYR B 83 1.78 1.12 -6.21
CA TYR B 83 1.83 0.25 -7.36
C TYR B 83 2.12 1.06 -8.65
N GLU B 84 2.65 0.37 -9.61
CA GLU B 84 2.86 0.89 -10.98
C GLU B 84 2.40 -0.13 -12.06
N GLY B 85 1.44 0.29 -12.88
CA GLY B 85 0.56 -0.46 -13.74
C GLY B 85 -0.48 -1.36 -12.99
N LYS B 86 -1.43 -1.98 -13.70
CA LYS B 86 -2.58 -2.85 -13.25
C LYS B 86 -2.28 -4.30 -13.68
N HIS B 87 -2.70 -5.36 -12.92
CA HIS B 87 -2.67 -6.80 -13.31
C HIS B 87 -3.97 -7.19 -14.06
N ASN B 88 -3.91 -7.46 -15.38
CA ASN B 88 -5.06 -8.05 -16.05
C ASN B 88 -5.50 -9.50 -15.62
N HIS B 89 -4.92 -10.09 -14.57
CA HIS B 89 -5.16 -11.46 -13.99
C HIS B 89 -5.81 -11.34 -12.60
N ASP B 90 -6.82 -12.16 -12.21
CA ASP B 90 -7.47 -12.20 -10.91
C ASP B 90 -6.78 -13.31 -10.08
N VAL B 91 -6.18 -14.36 -10.71
CA VAL B 91 -5.35 -15.40 -10.04
C VAL B 91 -4.10 -14.74 -9.52
N PRO B 92 -3.68 -15.05 -8.29
CA PRO B 92 -2.47 -14.46 -7.67
C PRO B 92 -1.20 -14.40 -8.54
N SER A 37 -4.22 -0.68 21.49
CA SER A 37 -3.82 -0.44 20.16
C SER A 37 -5.02 -0.35 19.23
N ASN A 38 -4.89 0.37 18.10
CA ASN A 38 -5.86 0.48 17.03
C ASN A 38 -5.99 -0.88 16.16
N PRO A 39 -7.16 -1.12 15.49
CA PRO A 39 -7.30 -2.13 14.41
C PRO A 39 -6.21 -1.95 13.28
N MET A 40 -6.03 -3.09 12.51
CA MET A 40 -5.06 -3.21 11.35
C MET A 40 -5.74 -3.36 10.00
N ARG A 41 -5.69 -2.38 9.11
CA ARG A 41 -6.40 -2.48 7.76
C ARG A 41 -5.73 -3.36 6.64
N VAL A 42 -4.77 -4.19 6.99
CA VAL A 42 -4.13 -5.14 6.08
C VAL A 42 -5.09 -5.88 5.08
N GLN A 43 -6.01 -6.61 5.70
CA GLN A 43 -7.08 -7.40 5.03
C GLN A 43 -8.04 -6.51 4.18
N THR A 44 -8.48 -5.37 4.64
CA THR A 44 -9.27 -4.30 3.80
C THR A 44 -8.51 -4.04 2.45
N CYS A 45 -7.27 -3.55 2.57
CA CYS A 45 -6.53 -2.89 1.55
C CYS A 45 -6.02 -3.97 0.58
N ALA A 46 -5.97 -5.24 1.01
CA ALA A 46 -5.62 -6.45 0.25
C ALA A 46 -6.72 -6.81 -0.72
N SER A 47 -7.97 -6.34 -0.62
CA SER A 47 -9.11 -6.67 -1.60
C SER A 47 -8.72 -6.00 -2.97
N LYS A 48 -9.14 -6.64 -4.02
CA LYS A 48 -9.03 -6.17 -5.40
C LYS A 48 -9.98 -5.00 -5.63
N PHE A 49 -9.81 -4.19 -6.73
CA PHE A 49 -10.66 -3.10 -7.25
C PHE A 49 -10.80 -3.18 -8.78
N ARG A 50 -11.99 -3.08 -9.40
CA ARG A 50 -12.25 -3.00 -10.82
C ARG A 50 -11.66 -1.76 -11.48
N GLU A 51 -11.58 -0.64 -10.74
CA GLU A 51 -11.18 0.71 -11.03
C GLU A 51 -9.61 0.99 -11.03
N LEU A 52 -9.12 2.11 -11.51
CA LEU A 52 -7.72 2.46 -11.38
C LEU A 52 -7.30 2.92 -9.98
N VAL A 53 -8.36 3.21 -9.17
CA VAL A 53 -8.19 3.69 -7.75
C VAL A 53 -9.20 3.10 -6.77
N GLN A 54 -8.86 2.74 -5.58
CA GLN A 54 -9.67 2.04 -4.61
C GLN A 54 -10.78 2.99 -4.22
N GLU A 55 -11.96 2.38 -4.01
CA GLU A 55 -13.15 3.13 -3.51
C GLU A 55 -13.09 3.42 -2.02
N LEU A 56 -12.30 2.49 -1.41
CA LEU A 56 -12.02 2.52 0.11
C LEU A 56 -11.05 3.66 0.55
N THR A 57 -10.74 4.68 -0.37
CA THR A 57 -9.89 5.82 -0.12
C THR A 57 -10.43 6.67 1.03
N GLY A 58 -9.69 6.93 2.13
CA GLY A 58 -10.04 7.90 3.16
C GLY A 58 -9.20 9.19 3.01
N GLN A 59 -8.91 9.82 4.08
CA GLN A 59 -8.11 10.93 4.30
C GLN A 59 -6.55 10.64 4.34
N ASP A 60 -6.07 9.49 3.79
CA ASP A 60 -4.72 8.87 3.89
C ASP A 60 -4.04 8.87 5.27
N ALA A 61 -4.70 8.71 6.48
CA ALA A 61 -6.09 8.30 6.71
C ALA A 61 -6.40 8.46 8.27
N VAL A 62 -7.63 8.24 8.68
CA VAL A 62 -8.27 8.46 9.95
C VAL A 62 -9.23 7.32 10.34
N ASP A 63 -9.06 6.72 11.51
CA ASP A 63 -9.75 5.60 12.08
C ASP A 63 -11.11 6.08 12.67
N LEU A 64 -12.07 5.11 12.75
CA LEU A 64 -13.32 5.16 13.42
C LEU A 64 -13.20 4.98 14.93
N GLN A 65 -12.06 4.54 15.49
CA GLN A 65 -11.72 4.50 16.89
C GLN A 65 -11.41 5.95 17.43
N PRO A 66 -11.85 6.22 18.68
CA PRO A 66 -11.41 7.46 19.40
C PRO A 66 -9.86 7.67 19.63
N GLU A 67 -9.55 8.85 20.13
CA GLU A 67 -8.22 9.32 20.59
C GLU A 67 -7.71 8.37 21.71
N PRO A 68 -6.62 7.60 21.44
CA PRO A 68 -6.05 6.64 22.47
C PRO A 68 -5.16 7.30 23.55
N ILE A 69 -5.49 8.53 24.01
CA ILE A 69 -4.67 9.33 24.96
C ILE A 69 -5.42 9.56 26.33
N TYR A 70 -4.65 9.73 27.40
CA TYR A 70 -5.03 10.02 28.79
C TYR A 70 -4.28 11.30 29.28
N SER A 71 -3.39 11.93 28.52
CA SER A 71 -2.43 12.90 29.05
C SER A 71 -3.12 14.24 29.54
N LYS B 14 -5.03 16.26 -18.57
CA LYS B 14 -5.59 15.13 -17.96
C LYS B 14 -4.55 14.52 -17.05
N THR B 15 -4.82 14.38 -15.74
CA THR B 15 -3.82 13.90 -14.77
C THR B 15 -3.41 12.42 -14.94
N VAL B 16 -2.23 11.98 -14.68
CA VAL B 16 -1.68 10.66 -14.63
C VAL B 16 -1.77 10.07 -13.18
N ARG B 17 -2.21 8.79 -13.02
CA ARG B 17 -2.28 8.06 -11.76
C ARG B 17 -1.57 6.71 -11.85
N GLU B 18 -1.77 6.06 -13.04
CA GLU B 18 -1.43 4.63 -13.16
C GLU B 18 -0.03 4.16 -12.79
N PRO B 19 1.03 4.95 -13.01
CA PRO B 19 2.39 4.64 -12.53
C PRO B 19 2.66 4.91 -11.02
N ARG B 20 1.64 5.36 -10.27
CA ARG B 20 1.64 5.82 -8.83
C ARG B 20 0.32 5.58 -8.04
N ILE B 21 -0.28 4.40 -8.21
CA ILE B 21 -1.43 4.05 -7.46
C ILE B 21 -1.10 3.75 -6.00
N VAL B 22 -1.13 4.82 -5.17
CA VAL B 22 -0.75 4.83 -3.79
C VAL B 22 -1.97 4.42 -2.98
N VAL B 23 -1.80 3.48 -2.06
CA VAL B 23 -2.79 3.03 -1.09
C VAL B 23 -2.15 3.20 0.37
N GLN B 24 -2.94 3.72 1.31
CA GLN B 24 -2.56 3.69 2.73
C GLN B 24 -3.30 2.64 3.56
N THR B 25 -2.66 2.00 4.52
CA THR B 25 -3.26 1.05 5.48
C THR B 25 -2.54 0.97 6.83
N THR B 26 -2.80 -0.03 7.70
CA THR B 26 -2.29 -0.20 9.03
C THR B 26 -2.01 -1.61 9.43
N SER B 27 -0.83 -1.84 9.98
CA SER B 27 -0.13 -3.14 10.03
C SER B 27 0.70 -3.15 11.35
N CYS B 28 1.06 -4.39 11.77
CA CYS B 28 2.10 -4.72 12.72
C CYS B 28 3.51 -4.51 12.09
N ILE B 29 3.67 -4.65 10.82
CA ILE B 29 4.93 -4.72 10.05
C ILE B 29 4.83 -4.06 8.68
N ASP B 30 5.92 -3.71 8.03
CA ASP B 30 5.95 -3.12 6.67
C ASP B 30 5.75 -4.25 5.62
N ILE B 31 5.32 -5.48 6.01
CA ILE B 31 4.93 -6.48 5.06
C ILE B 31 3.40 -6.57 4.96
N LEU B 32 2.94 -6.77 3.72
CA LEU B 32 1.56 -6.71 3.47
C LEU B 32 1.03 -7.75 2.45
N ASP B 33 -0.28 -7.86 2.34
CA ASP B 33 -1.05 -8.65 1.46
C ASP B 33 -1.69 -7.90 0.26
N ASP B 34 -1.93 -8.60 -0.82
CA ASP B 34 -2.77 -8.22 -1.93
C ASP B 34 -3.33 -9.45 -2.70
N GLY B 35 -3.16 -10.69 -2.26
CA GLY B 35 -3.61 -11.87 -2.97
C GLY B 35 -2.97 -12.10 -4.30
N TYR B 36 -1.92 -11.36 -4.65
CA TYR B 36 -1.02 -11.70 -5.75
C TYR B 36 0.35 -12.26 -5.24
N ARG B 37 1.15 -12.93 -6.17
CA ARG B 37 2.52 -13.46 -6.01
C ARG B 37 3.63 -12.64 -6.62
N TRP B 38 4.61 -12.34 -5.75
CA TRP B 38 5.51 -11.24 -5.94
C TRP B 38 6.95 -11.75 -5.67
N ARG B 39 7.94 -11.09 -6.35
CA ARG B 39 9.37 -11.19 -6.13
C ARG B 39 10.09 -9.84 -5.65
N LYS B 40 10.90 -9.87 -4.57
CA LYS B 40 11.76 -8.79 -4.07
C LYS B 40 13.07 -8.67 -4.86
N TYR B 41 13.35 -7.44 -5.39
CA TYR B 41 14.51 -7.19 -6.24
C TYR B 41 15.43 -6.11 -5.65
N GLY B 42 14.89 -5.35 -4.71
CA GLY B 42 15.76 -4.48 -3.91
C GLY B 42 15.18 -3.86 -2.64
N GLN B 43 15.91 -2.95 -2.06
CA GLN B 43 15.48 -2.15 -0.81
C GLN B 43 16.21 -0.84 -0.80
N LYS B 44 15.56 0.30 -0.46
CA LYS B 44 16.25 1.59 -0.40
C LYS B 44 15.71 2.37 0.78
N VAL B 45 16.61 3.22 1.41
CA VAL B 45 16.42 4.01 2.64
C VAL B 45 15.37 5.23 2.55
N VAL B 46 14.83 5.57 3.69
CA VAL B 46 13.62 6.44 3.70
C VAL B 46 13.88 7.53 4.82
N CYS B 47 13.50 8.75 4.51
CA CYS B 47 13.40 9.87 5.37
C CYS B 47 12.53 9.66 6.63
N GLY B 48 13.02 9.90 7.84
CA GLY B 48 12.35 9.91 9.15
C GLY B 48 11.90 8.52 9.60
N ASN B 49 12.19 7.38 8.92
CA ASN B 49 11.88 6.03 9.36
C ASN B 49 13.11 5.12 9.27
N PRO B 50 13.44 4.28 10.30
CA PRO B 50 14.55 3.37 10.33
C PRO B 50 14.37 2.21 9.40
N ASN B 51 13.22 1.88 8.89
CA ASN B 51 13.02 0.77 7.92
C ASN B 51 13.17 1.30 6.45
N PRO B 52 13.88 0.56 5.54
CA PRO B 52 13.83 0.82 4.04
C PRO B 52 12.38 0.61 3.47
N ARG B 53 12.19 1.09 2.29
CA ARG B 53 11.20 0.73 1.29
C ARG B 53 11.63 -0.49 0.42
N SER B 54 10.80 -1.57 0.36
CA SER B 54 11.08 -2.82 -0.40
C SER B 54 10.41 -2.74 -1.73
N TYR B 55 11.17 -3.26 -2.69
CA TYR B 55 10.81 -3.16 -4.10
C TYR B 55 10.46 -4.55 -4.62
N TYR B 56 9.45 -4.59 -5.53
CA TYR B 56 8.98 -5.80 -6.09
C TYR B 56 8.43 -5.65 -7.47
N LYS B 57 8.24 -6.83 -8.12
CA LYS B 57 7.50 -7.05 -9.37
C LYS B 57 6.71 -8.37 -9.34
N CYS B 58 5.56 -8.30 -9.98
CA CYS B 58 4.67 -9.43 -10.13
C CYS B 58 5.21 -10.66 -10.84
N THR B 59 4.82 -11.91 -10.46
CA THR B 59 5.44 -13.11 -10.99
C THR B 59 4.71 -13.58 -12.26
N THR B 60 3.47 -13.18 -12.50
CA THR B 60 2.56 -13.63 -13.61
C THR B 60 3.06 -13.26 -14.96
N ILE B 61 3.04 -14.17 -15.88
CA ILE B 61 3.57 -14.12 -17.26
C ILE B 61 2.80 -13.01 -18.02
N GLY B 62 3.54 -12.03 -18.48
CA GLY B 62 3.00 -10.82 -19.24
C GLY B 62 2.37 -9.81 -18.27
N CYS B 63 2.52 -9.89 -16.95
CA CYS B 63 2.21 -8.78 -16.03
C CYS B 63 3.43 -7.88 -15.92
N PRO B 64 3.36 -6.58 -16.30
CA PRO B 64 4.40 -5.55 -16.02
C PRO B 64 4.60 -5.09 -14.56
N VAL B 65 3.64 -5.33 -13.74
CA VAL B 65 3.32 -4.49 -12.56
C VAL B 65 4.51 -4.45 -11.51
N ARG B 66 5.13 -3.30 -11.26
CA ARG B 66 6.05 -3.13 -10.12
C ARG B 66 5.37 -2.47 -8.89
N LYS B 67 5.69 -2.88 -7.66
CA LYS B 67 5.24 -2.24 -6.48
C LYS B 67 6.37 -1.86 -5.57
N HIS B 68 6.18 -0.88 -4.70
CA HIS B 68 7.01 -0.70 -3.51
C HIS B 68 6.22 -0.40 -2.24
N VAL B 69 6.76 -0.62 -1.05
CA VAL B 69 6.15 -0.50 0.22
C VAL B 69 7.08 0.17 1.23
N GLU B 70 6.51 1.02 2.09
CA GLU B 70 7.22 1.71 3.17
C GLU B 70 6.31 1.84 4.42
N ARG B 71 6.93 1.90 5.61
CA ARG B 71 6.19 2.29 6.82
C ARG B 71 6.30 3.82 7.00
N ALA B 72 5.20 4.41 7.53
CA ALA B 72 5.14 5.90 7.59
C ALA B 72 6.15 6.44 8.58
N SER B 73 6.86 7.54 8.32
CA SER B 73 7.76 8.23 9.26
C SER B 73 6.99 8.93 10.38
N HIS B 74 5.82 9.53 10.10
CA HIS B 74 5.12 10.37 11.12
C HIS B 74 4.18 9.57 12.00
N ASP B 75 3.85 8.30 11.70
CA ASP B 75 2.90 7.47 12.43
C ASP B 75 3.15 6.03 12.24
N MET B 76 3.90 5.39 13.15
CA MET B 76 4.47 4.02 12.99
C MET B 76 3.47 2.88 12.73
N ARG B 77 2.16 3.16 13.16
CA ARG B 77 1.07 2.25 12.93
C ARG B 77 0.73 2.14 11.41
N ALA B 78 1.06 3.12 10.56
CA ALA B 78 0.53 3.16 9.22
C ALA B 78 1.66 2.79 8.19
N VAL B 79 1.23 2.25 7.09
CA VAL B 79 2.10 1.67 6.01
C VAL B 79 1.49 2.10 4.61
N ILE B 80 2.37 2.24 3.62
CA ILE B 80 1.97 2.63 2.28
C ILE B 80 2.56 1.68 1.18
N THR B 81 1.71 1.17 0.28
CA THR B 81 2.07 0.50 -1.05
C THR B 81 1.78 1.44 -2.20
N THR B 82 2.70 1.45 -3.18
CA THR B 82 2.46 2.15 -4.45
C THR B 82 2.66 1.20 -5.61
N TYR B 83 1.74 1.12 -6.53
CA TYR B 83 1.79 0.18 -7.64
C TYR B 83 1.99 1.07 -8.89
N GLU B 84 3.00 0.70 -9.70
CA GLU B 84 3.11 1.05 -11.08
C GLU B 84 2.06 0.47 -12.07
N GLY B 85 1.07 -0.27 -11.60
CA GLY B 85 -0.09 -0.57 -12.41
C GLY B 85 -1.14 -1.33 -11.61
N LYS B 86 -2.29 -1.42 -12.22
CA LYS B 86 -3.22 -2.46 -11.92
C LYS B 86 -2.92 -3.69 -12.71
N HIS B 87 -3.32 -4.83 -12.09
CA HIS B 87 -3.13 -6.14 -12.75
C HIS B 87 -4.25 -6.56 -13.76
N ASN B 88 -3.85 -7.25 -14.89
CA ASN B 88 -4.93 -7.76 -15.85
C ASN B 88 -5.39 -9.30 -15.67
N HIS B 89 -4.74 -9.95 -14.73
CA HIS B 89 -5.10 -11.20 -14.09
C HIS B 89 -5.61 -11.03 -12.64
N ASP B 90 -6.55 -11.89 -12.25
CA ASP B 90 -7.23 -11.95 -10.94
C ASP B 90 -6.93 -13.21 -10.17
N VAL B 91 -6.42 -14.28 -10.79
CA VAL B 91 -5.65 -15.43 -10.20
C VAL B 91 -4.31 -14.96 -9.63
N PRO B 92 -3.80 -15.46 -8.47
CA PRO B 92 -2.67 -14.89 -7.79
C PRO B 92 -1.27 -14.81 -8.48
N SER A 37 -4.21 1.32 20.72
CA SER A 37 -4.34 1.92 19.40
C SER A 37 -5.44 1.25 18.57
N ASN A 38 -6.09 1.99 17.64
CA ASN A 38 -7.08 1.59 16.65
C ASN A 38 -6.53 0.57 15.67
N PRO A 39 -7.39 -0.36 15.14
CA PRO A 39 -6.91 -1.54 14.51
C PRO A 39 -6.13 -1.40 13.20
N MET A 40 -5.90 -2.55 12.57
CA MET A 40 -5.41 -2.74 11.20
C MET A 40 -6.52 -2.71 10.07
N ARG A 41 -6.16 -2.13 8.94
CA ARG A 41 -6.98 -2.10 7.68
C ARG A 41 -6.60 -2.85 6.45
N VAL A 42 -5.59 -3.67 6.56
CA VAL A 42 -4.98 -4.48 5.51
C VAL A 42 -5.99 -5.01 4.45
N GLN A 43 -6.94 -5.86 4.92
CA GLN A 43 -7.79 -6.63 4.00
C GLN A 43 -8.82 -5.77 3.29
N THR A 44 -9.33 -4.65 3.89
CA THR A 44 -10.12 -3.66 3.13
C THR A 44 -9.26 -2.76 2.26
N CYS A 45 -7.97 -2.58 2.60
CA CYS A 45 -7.07 -1.86 1.70
C CYS A 45 -6.64 -2.69 0.50
N ALA A 46 -6.56 -3.99 0.72
CA ALA A 46 -6.23 -5.01 -0.34
C ALA A 46 -7.18 -5.15 -1.56
N SER A 47 -8.40 -4.62 -1.44
CA SER A 47 -9.53 -4.69 -2.43
C SER A 47 -9.14 -3.95 -3.69
N LYS A 48 -9.52 -4.60 -4.78
CA LYS A 48 -9.29 -4.18 -6.17
C LYS A 48 -10.14 -2.99 -6.59
N PHE A 49 -9.76 -2.24 -7.60
CA PHE A 49 -10.38 -1.09 -8.18
C PHE A 49 -9.81 -0.91 -9.62
N ARG A 50 -10.69 -0.56 -10.62
CA ARG A 50 -10.27 -0.20 -11.99
C ARG A 50 -9.61 1.14 -12.19
N GLU A 51 -9.73 1.91 -11.17
CA GLU A 51 -9.58 3.32 -11.18
C GLU A 51 -8.15 3.74 -10.92
N LEU A 52 -7.81 5.06 -11.12
CA LEU A 52 -6.55 5.64 -10.70
C LEU A 52 -6.36 5.95 -9.17
N VAL A 53 -7.42 6.03 -8.37
CA VAL A 53 -7.52 6.14 -6.89
C VAL A 53 -8.48 5.13 -6.20
N GLN A 54 -8.05 4.64 -5.01
CA GLN A 54 -8.89 3.81 -4.15
C GLN A 54 -9.93 4.61 -3.35
N GLU A 55 -11.18 4.11 -3.14
CA GLU A 55 -12.24 4.87 -2.41
C GLU A 55 -11.91 5.43 -0.97
N LEU A 56 -11.11 4.68 -0.23
CA LEU A 56 -10.70 4.86 1.13
C LEU A 56 -9.77 6.04 1.37
N THR A 57 -9.18 6.58 0.29
CA THR A 57 -8.07 7.58 0.28
C THR A 57 -8.40 8.93 1.00
N GLY A 58 -7.39 9.45 1.70
CA GLY A 58 -7.61 10.38 2.80
C GLY A 58 -6.40 11.31 3.01
N GLN A 59 -6.26 11.79 4.26
CA GLN A 59 -4.99 12.44 4.68
C GLN A 59 -3.86 11.41 5.15
N ASP A 60 -4.06 10.14 4.70
CA ASP A 60 -3.14 9.01 4.99
C ASP A 60 -2.79 8.69 6.51
N ALA A 61 -3.74 8.42 7.47
CA ALA A 61 -5.21 8.77 7.46
C ALA A 61 -5.87 8.81 8.88
N VAL A 62 -7.10 9.30 8.96
CA VAL A 62 -8.01 9.02 10.10
C VAL A 62 -8.64 7.60 10.20
N ASP A 63 -8.99 7.16 11.41
CA ASP A 63 -9.61 5.82 11.51
C ASP A 63 -11.13 5.94 11.66
N LEU A 64 -11.83 4.86 11.64
CA LEU A 64 -13.26 4.82 11.95
C LEU A 64 -13.51 5.11 13.48
N GLN A 65 -12.54 4.74 14.27
CA GLN A 65 -12.51 4.84 15.71
C GLN A 65 -11.94 6.23 16.05
N PRO A 66 -12.66 6.95 16.88
CA PRO A 66 -12.28 8.25 17.26
C PRO A 66 -10.96 8.29 18.05
N GLU A 67 -10.45 9.47 18.13
CA GLU A 67 -9.04 9.77 18.58
C GLU A 67 -8.90 9.78 20.06
N PRO A 68 -7.91 9.07 20.60
CA PRO A 68 -7.67 9.23 22.03
C PRO A 68 -6.77 10.41 22.25
N ILE A 69 -7.35 11.56 22.59
CA ILE A 69 -6.72 12.89 22.71
C ILE A 69 -5.82 12.96 23.92
N TYR A 70 -5.60 11.80 24.58
CA TYR A 70 -4.53 11.56 25.55
C TYR A 70 -3.10 11.61 24.97
N SER A 71 -2.04 11.88 25.78
CA SER A 71 -0.64 12.08 25.32
C SER A 71 0.03 10.71 25.16
N LYS B 14 -0.55 14.38 -23.09
CA LYS B 14 -1.04 14.23 -21.71
C LYS B 14 -0.39 13.10 -21.03
N THR B 15 -0.59 12.96 -19.69
CA THR B 15 -0.15 11.85 -18.80
C THR B 15 -1.12 11.62 -17.64
N VAL B 16 -1.02 10.47 -16.93
CA VAL B 16 -1.80 10.07 -15.76
C VAL B 16 -0.93 9.26 -14.65
N ARG B 17 -1.43 9.20 -13.38
CA ARG B 17 -0.79 8.55 -12.22
C ARG B 17 -0.51 7.10 -12.25
N GLU B 18 -0.71 6.31 -13.39
CA GLU B 18 -0.83 4.83 -13.24
C GLU B 18 0.44 4.13 -12.79
N PRO B 19 1.61 4.78 -13.01
CA PRO B 19 2.91 4.29 -12.52
C PRO B 19 3.15 4.51 -11.00
N ARG B 20 2.15 5.08 -10.32
CA ARG B 20 2.27 5.61 -8.97
C ARG B 20 0.91 5.53 -8.26
N ILE B 21 0.08 4.57 -8.47
CA ILE B 21 -1.22 4.45 -7.75
C ILE B 21 -0.92 4.26 -6.22
N VAL B 22 -1.37 5.15 -5.28
CA VAL B 22 -0.96 5.07 -3.87
C VAL B 22 -2.10 4.61 -2.97
N VAL B 23 -1.87 3.66 -2.11
CA VAL B 23 -2.83 3.18 -1.10
C VAL B 23 -2.25 3.16 0.29
N GLN B 24 -2.75 3.88 1.32
CA GLN B 24 -2.39 3.68 2.72
C GLN B 24 -3.20 2.53 3.36
N THR B 25 -2.62 1.85 4.33
CA THR B 25 -3.19 1.05 5.41
C THR B 25 -2.65 1.14 6.79
N THR B 26 -3.28 0.63 7.84
CA THR B 26 -2.71 0.52 9.18
C THR B 26 -2.39 -0.93 9.44
N SER B 27 -1.27 -1.29 10.09
CA SER B 27 -0.83 -2.60 10.48
C SER B 27 0.17 -2.68 11.72
N CYS B 28 0.39 -3.86 12.30
CA CYS B 28 1.45 -4.13 13.25
C CYS B 28 2.94 -4.09 12.65
N ILE B 29 3.01 -4.13 11.35
CA ILE B 29 4.30 -4.34 10.64
C ILE B 29 4.16 -3.94 9.15
N ASP B 30 5.28 -3.44 8.59
CA ASP B 30 5.31 -3.01 7.19
C ASP B 30 5.47 -4.15 6.17
N ILE B 31 5.42 -5.39 6.54
CA ILE B 31 5.11 -6.57 5.65
C ILE B 31 3.52 -6.58 5.43
N LEU B 32 2.98 -6.81 4.25
CA LEU B 32 1.53 -6.85 4.05
C LEU B 32 1.23 -8.01 3.00
N ASP B 33 -0.06 -8.23 2.88
CA ASP B 33 -0.82 -9.15 1.91
C ASP B 33 -1.86 -8.41 1.06
N ASP B 34 -2.02 -8.82 -0.26
CA ASP B 34 -2.92 -8.11 -1.23
C ASP B 34 -3.62 -9.11 -2.18
N GLY B 35 -3.67 -10.42 -1.82
CA GLY B 35 -4.15 -11.56 -2.55
C GLY B 35 -3.24 -11.99 -3.75
N TYR B 36 -2.65 -11.02 -4.52
CA TYR B 36 -1.68 -11.25 -5.59
C TYR B 36 -0.29 -11.75 -5.09
N ARG B 37 0.51 -12.31 -5.97
CA ARG B 37 1.79 -13.03 -5.81
C ARG B 37 2.90 -12.21 -6.41
N TRP B 38 3.86 -11.92 -5.58
CA TRP B 38 5.03 -11.06 -5.78
C TRP B 38 6.38 -11.72 -5.44
N ARG B 39 7.45 -11.08 -5.77
CA ARG B 39 8.86 -11.28 -5.37
C ARG B 39 9.59 -10.02 -4.95
N LYS B 40 10.54 -9.93 -4.08
CA LYS B 40 11.40 -8.71 -3.94
C LYS B 40 12.18 -8.19 -5.18
N TYR B 41 12.24 -6.86 -5.34
CA TYR B 41 12.78 -6.15 -6.58
C TYR B 41 13.63 -4.89 -6.18
N GLY B 42 14.66 -5.00 -5.34
CA GLY B 42 15.36 -3.88 -4.73
C GLY B 42 14.69 -3.29 -3.49
N GLN B 43 15.48 -2.37 -2.87
CA GLN B 43 15.09 -1.62 -1.71
C GLN B 43 15.90 -0.33 -1.50
N LYS B 44 15.37 0.70 -0.84
CA LYS B 44 16.17 1.88 -0.46
C LYS B 44 15.85 2.52 0.91
N VAL B 45 16.84 3.03 1.61
CA VAL B 45 16.68 3.81 2.88
C VAL B 45 15.92 5.12 2.56
N VAL B 46 14.99 5.50 3.41
CA VAL B 46 14.03 6.63 3.37
C VAL B 46 13.96 7.32 4.76
N CYS B 47 13.53 8.61 4.79
CA CYS B 47 13.59 9.42 6.03
C CYS B 47 12.46 9.12 7.07
N GLY B 48 12.75 9.40 8.34
CA GLY B 48 11.80 9.32 9.45
C GLY B 48 11.46 7.94 9.92
N ASN B 49 12.10 6.96 9.26
CA ASN B 49 11.58 5.61 9.14
C ASN B 49 12.79 4.63 9.27
N PRO B 50 12.84 3.69 10.24
CA PRO B 50 13.90 2.78 10.45
C PRO B 50 13.95 1.57 9.46
N ASN B 51 12.80 1.10 8.96
CA ASN B 51 12.56 0.08 7.86
C ASN B 51 12.76 0.78 6.46
N PRO B 52 13.39 0.11 5.50
CA PRO B 52 13.53 0.55 4.09
C PRO B 52 12.20 0.57 3.38
N ARG B 53 12.20 1.38 2.28
CA ARG B 53 11.22 1.30 1.17
C ARG B 53 11.53 0.04 0.26
N SER B 54 10.80 -1.07 0.54
CA SER B 54 10.97 -2.32 -0.27
C SER B 54 10.25 -2.17 -1.62
N TYR B 55 10.92 -2.58 -2.72
CA TYR B 55 10.36 -2.78 -4.03
C TYR B 55 10.22 -4.26 -4.30
N TYR B 56 9.21 -4.56 -5.15
CA TYR B 56 8.71 -5.88 -5.47
C TYR B 56 8.35 -6.03 -6.97
N LYS B 57 8.18 -7.27 -7.48
CA LYS B 57 7.69 -7.49 -8.79
C LYS B 57 6.73 -8.69 -8.92
N CYS B 58 5.70 -8.63 -9.75
CA CYS B 58 4.58 -9.56 -10.10
C CYS B 58 5.27 -10.79 -10.71
N THR B 59 5.19 -11.91 -10.01
CA THR B 59 5.78 -13.15 -10.48
C THR B 59 5.15 -13.83 -11.69
N THR B 60 4.09 -13.29 -12.23
CA THR B 60 3.42 -13.62 -13.46
C THR B 60 4.25 -13.29 -14.67
N ILE B 61 4.40 -14.30 -15.56
CA ILE B 61 4.85 -14.12 -16.98
C ILE B 61 3.87 -13.31 -17.85
N GLY B 62 4.34 -12.24 -18.47
CA GLY B 62 3.58 -11.23 -19.23
C GLY B 62 3.02 -9.92 -18.44
N CYS B 63 3.32 -9.82 -17.19
CA CYS B 63 2.90 -8.83 -16.26
C CYS B 63 4.07 -8.02 -15.66
N PRO B 64 4.42 -6.89 -16.31
CA PRO B 64 5.51 -6.04 -15.86
C PRO B 64 5.20 -5.23 -14.60
N VAL B 65 4.06 -5.50 -13.90
CA VAL B 65 3.59 -4.65 -12.83
C VAL B 65 4.56 -4.75 -11.63
N ARG B 66 4.61 -3.73 -10.81
CA ARG B 66 5.49 -3.52 -9.63
C ARG B 66 4.77 -2.80 -8.51
N LYS B 67 5.29 -2.81 -7.26
CA LYS B 67 4.85 -2.08 -6.17
C LYS B 67 6.02 -1.81 -5.22
N HIS B 68 5.98 -0.66 -4.54
CA HIS B 68 6.82 -0.36 -3.44
C HIS B 68 6.02 -0.07 -2.21
N VAL B 69 6.58 -0.37 -1.07
CA VAL B 69 5.93 -0.39 0.26
C VAL B 69 6.92 0.16 1.31
N GLU B 70 6.32 1.02 2.16
CA GLU B 70 7.01 1.64 3.30
C GLU B 70 6.13 1.84 4.57
N ARG B 71 6.73 1.88 5.74
CA ARG B 71 6.20 2.50 6.97
C ARG B 71 6.23 4.02 6.83
N ALA B 72 5.24 4.66 7.40
CA ALA B 72 5.21 6.16 7.31
C ALA B 72 6.45 6.89 7.93
N SER B 73 6.76 8.12 7.51
CA SER B 73 7.79 8.95 8.17
C SER B 73 7.49 9.56 9.50
N HIS B 74 6.25 9.56 9.89
CA HIS B 74 5.75 10.21 11.11
C HIS B 74 4.99 9.21 11.96
N ASP B 75 4.85 7.92 11.48
CA ASP B 75 4.13 6.89 12.23
C ASP B 75 4.75 5.42 12.20
N MET B 76 4.43 4.58 13.19
CA MET B 76 4.82 3.13 13.14
C MET B 76 3.72 2.23 12.52
N ARG B 77 2.45 2.56 12.67
CA ARG B 77 1.35 1.84 12.15
C ARG B 77 1.05 2.09 10.67
N ALA B 78 0.97 3.33 10.15
CA ALA B 78 0.58 3.50 8.77
C ALA B 78 1.65 2.92 7.89
N VAL B 79 1.18 2.10 6.95
CA VAL B 79 1.94 1.34 5.87
C VAL B 79 1.40 1.88 4.57
N ILE B 80 2.28 2.28 3.66
CA ILE B 80 1.93 2.89 2.37
C ILE B 80 2.43 2.03 1.23
N THR B 81 1.49 1.56 0.34
CA THR B 81 1.83 0.84 -0.86
C THR B 81 1.63 1.59 -2.13
N THR B 82 2.63 1.77 -2.98
CA THR B 82 2.50 2.41 -4.25
C THR B 82 2.69 1.41 -5.37
N TYR B 83 1.55 1.12 -6.04
CA TYR B 83 1.39 0.29 -7.21
C TYR B 83 1.80 1.09 -8.47
N GLU B 84 2.45 0.33 -9.33
CA GLU B 84 2.87 0.77 -10.67
C GLU B 84 2.24 -0.17 -11.70
N GLY B 85 1.10 0.25 -12.32
CA GLY B 85 0.14 -0.46 -13.17
C GLY B 85 -0.81 -1.33 -12.48
N LYS B 86 -1.91 -1.71 -13.16
CA LYS B 86 -2.87 -2.73 -12.66
C LYS B 86 -2.64 -4.09 -13.38
N HIS B 87 -2.80 -5.14 -12.55
CA HIS B 87 -2.77 -6.50 -13.00
C HIS B 87 -3.94 -6.81 -13.93
N ASN B 88 -3.54 -7.14 -15.18
CA ASN B 88 -4.45 -7.47 -16.20
C ASN B 88 -4.94 -8.93 -16.01
N HIS B 89 -4.49 -9.59 -14.95
CA HIS B 89 -5.08 -10.87 -14.55
C HIS B 89 -5.69 -10.63 -13.13
N ASP B 90 -6.94 -10.88 -12.94
CA ASP B 90 -7.76 -10.62 -11.78
C ASP B 90 -7.66 -11.81 -10.75
N VAL B 91 -7.16 -12.96 -11.17
CA VAL B 91 -6.92 -14.12 -10.32
C VAL B 91 -5.40 -14.08 -10.04
N PRO B 92 -5.01 -14.33 -8.79
CA PRO B 92 -3.62 -14.46 -8.34
C PRO B 92 -2.83 -15.57 -8.88
N SER A 37 -4.47 1.48 20.30
CA SER A 37 -4.35 1.99 18.98
C SER A 37 -5.62 1.62 18.17
N ASN A 38 -6.09 2.50 17.27
CA ASN A 38 -7.11 2.19 16.30
C ASN A 38 -6.70 1.01 15.41
N PRO A 39 -7.68 0.19 14.95
CA PRO A 39 -7.56 -1.05 14.13
C PRO A 39 -6.56 -1.04 12.96
N MET A 40 -6.13 -2.24 12.55
CA MET A 40 -5.46 -2.65 11.24
C MET A 40 -6.56 -2.66 10.19
N ARG A 41 -6.31 -2.03 9.00
CA ARG A 41 -7.19 -2.11 7.76
C ARG A 41 -6.67 -3.04 6.68
N VAL A 42 -5.95 -4.12 6.99
CA VAL A 42 -5.13 -4.89 6.06
C VAL A 42 -6.07 -5.62 5.04
N GLN A 43 -7.00 -6.49 5.42
CA GLN A 43 -7.95 -7.09 4.45
C GLN A 43 -9.14 -6.10 4.01
N THR A 44 -9.39 -4.97 4.54
CA THR A 44 -10.22 -3.86 3.89
C THR A 44 -9.48 -3.06 2.77
N CYS A 45 -8.14 -2.99 2.91
CA CYS A 45 -7.26 -2.51 1.89
C CYS A 45 -6.69 -3.42 0.83
N ALA A 46 -6.63 -4.72 1.14
CA ALA A 46 -6.26 -5.74 0.14
C ALA A 46 -7.25 -5.80 -1.02
N SER A 47 -8.44 -5.22 -0.95
CA SER A 47 -9.57 -5.39 -1.82
C SER A 47 -9.28 -5.01 -3.35
N LYS A 48 -9.93 -5.60 -4.35
CA LYS A 48 -9.71 -5.21 -5.73
C LYS A 48 -10.67 -4.11 -6.28
N PHE A 49 -10.19 -3.32 -7.23
CA PHE A 49 -10.86 -2.08 -7.70
C PHE A 49 -10.49 -1.90 -9.18
N ARG A 50 -11.45 -1.49 -10.08
CA ARG A 50 -11.25 -1.04 -11.48
C ARG A 50 -10.78 0.43 -11.59
N GLU A 51 -11.03 1.18 -10.51
CA GLU A 51 -10.91 2.65 -10.37
C GLU A 51 -9.43 3.04 -10.03
N LEU A 52 -8.95 4.23 -10.42
CA LEU A 52 -7.56 4.70 -10.03
C LEU A 52 -7.36 4.93 -8.51
N VAL A 53 -8.41 5.09 -7.67
CA VAL A 53 -8.37 5.32 -6.23
C VAL A 53 -9.38 4.41 -5.48
N GLN A 54 -8.82 3.92 -4.44
CA GLN A 54 -9.51 3.07 -3.50
C GLN A 54 -10.19 4.07 -2.53
N GLU A 55 -11.39 3.78 -2.25
CA GLU A 55 -12.20 4.65 -1.45
C GLU A 55 -11.77 4.96 -0.05
N LEU A 56 -11.15 3.98 0.55
CA LEU A 56 -10.38 4.09 1.85
C LEU A 56 -9.16 5.06 1.84
N THR A 57 -8.90 5.72 0.72
CA THR A 57 -7.92 6.78 0.56
C THR A 57 -8.29 8.12 1.31
N GLY A 58 -7.24 8.73 1.90
CA GLY A 58 -7.33 10.11 2.47
C GLY A 58 -6.02 10.84 2.55
N GLN A 59 -5.73 11.56 3.63
CA GLN A 59 -4.44 12.30 3.91
C GLN A 59 -3.29 11.32 4.40
N ASP A 60 -3.49 10.04 4.19
CA ASP A 60 -2.71 8.84 4.48
C ASP A 60 -2.57 8.48 5.99
N ALA A 61 -3.68 8.23 6.70
CA ALA A 61 -5.08 8.59 6.44
C ALA A 61 -5.97 8.32 7.67
N VAL A 62 -7.22 8.85 7.72
CA VAL A 62 -8.12 8.64 8.87
C VAL A 62 -8.52 7.17 9.00
N ASP A 63 -8.61 6.77 10.30
CA ASP A 63 -9.24 5.61 10.67
C ASP A 63 -10.74 5.70 10.74
N LEU A 64 -11.44 4.52 10.70
CA LEU A 64 -12.94 4.46 10.81
C LEU A 64 -13.35 4.51 12.35
N GLN A 65 -12.41 4.90 13.16
CA GLN A 65 -12.46 5.06 14.64
C GLN A 65 -11.80 6.39 15.11
N PRO A 66 -12.25 7.02 16.17
CA PRO A 66 -11.70 8.28 16.67
C PRO A 66 -10.34 8.10 17.34
N GLU A 67 -9.48 9.15 17.18
CA GLU A 67 -8.03 9.11 17.51
C GLU A 67 -7.79 9.02 19.07
N PRO A 68 -6.82 8.21 19.59
CA PRO A 68 -6.36 8.26 20.96
C PRO A 68 -5.79 9.65 21.34
N ILE A 69 -6.30 10.30 22.41
CA ILE A 69 -5.99 11.72 22.86
C ILE A 69 -5.01 11.88 23.97
N TYR A 70 -4.60 10.84 24.65
CA TYR A 70 -3.51 10.94 25.70
C TYR A 70 -2.13 11.15 24.94
N SER A 71 -0.98 11.49 25.58
CA SER A 71 0.28 11.86 25.05
C SER A 71 1.00 10.74 24.34
N LYS B 14 -1.81 14.63 -22.03
CA LYS B 14 -2.72 14.18 -20.94
C LYS B 14 -2.03 13.17 -20.09
N THR B 15 -2.43 13.11 -18.81
CA THR B 15 -1.99 12.11 -17.82
C THR B 15 -3.06 11.87 -16.72
N VAL B 16 -2.93 10.76 -16.05
CA VAL B 16 -3.63 10.36 -14.80
C VAL B 16 -2.63 9.53 -13.88
N ARG B 17 -2.89 9.25 -12.58
CA ARG B 17 -2.04 8.52 -11.59
C ARG B 17 -1.79 7.01 -11.70
N GLU B 18 -1.97 6.49 -12.88
CA GLU B 18 -1.88 5.03 -13.20
C GLU B 18 -0.60 4.29 -12.66
N PRO B 19 0.62 4.79 -12.95
CA PRO B 19 1.89 4.24 -12.44
C PRO B 19 2.27 4.81 -11.05
N ARG B 20 1.22 5.30 -10.33
CA ARG B 20 1.25 5.86 -8.96
C ARG B 20 -0.08 5.63 -8.18
N ILE B 21 -0.78 4.53 -8.45
CA ILE B 21 -1.91 4.21 -7.61
C ILE B 21 -1.40 3.89 -6.19
N VAL B 22 -1.90 4.62 -5.19
CA VAL B 22 -1.40 4.52 -3.82
C VAL B 22 -2.44 3.80 -2.98
N VAL B 23 -2.08 2.91 -2.07
CA VAL B 23 -2.98 2.19 -1.19
C VAL B 23 -2.31 2.27 0.23
N GLN B 24 -2.82 3.16 1.09
CA GLN B 24 -2.42 3.18 2.54
C GLN B 24 -3.27 2.16 3.32
N THR B 25 -2.67 1.47 4.25
CA THR B 25 -3.36 0.54 5.19
C THR B 25 -2.73 0.75 6.56
N THR B 26 -3.39 0.44 7.69
CA THR B 26 -2.77 0.38 8.94
C THR B 26 -2.26 -1.04 9.35
N SER B 27 -1.05 -1.15 9.85
CA SER B 27 -0.46 -2.43 10.26
C SER B 27 0.62 -2.38 11.33
N CYS B 28 0.77 -3.50 12.07
CA CYS B 28 1.93 -3.69 12.91
C CYS B 28 3.26 -4.23 12.25
N ILE B 29 3.12 -4.68 10.98
CA ILE B 29 4.29 -4.99 10.12
C ILE B 29 4.04 -4.45 8.66
N ASP B 30 5.04 -3.90 8.02
CA ASP B 30 4.98 -3.41 6.58
C ASP B 30 5.06 -4.54 5.50
N ILE B 31 5.06 -5.78 5.98
CA ILE B 31 4.71 -6.92 5.15
C ILE B 31 3.15 -7.05 5.12
N LEU B 32 2.53 -6.95 3.96
CA LEU B 32 1.08 -6.96 3.70
C LEU B 32 0.51 -7.99 2.76
N ASP B 33 -0.79 -8.40 2.89
CA ASP B 33 -1.55 -9.18 1.85
C ASP B 33 -2.34 -8.26 0.98
N ASP B 34 -2.17 -8.35 -0.32
CA ASP B 34 -3.01 -7.84 -1.40
C ASP B 34 -3.69 -9.01 -2.15
N GLY B 35 -3.41 -10.25 -1.82
CA GLY B 35 -4.04 -11.35 -2.53
C GLY B 35 -3.30 -11.71 -3.76
N TYR B 36 -2.28 -10.96 -4.27
CA TYR B 36 -1.41 -11.35 -5.43
C TYR B 36 -0.14 -12.04 -4.89
N ARG B 37 0.66 -12.66 -5.78
CA ARG B 37 1.97 -13.24 -5.54
C ARG B 37 3.14 -12.41 -5.99
N TRP B 38 4.10 -12.14 -5.11
CA TRP B 38 5.21 -11.24 -5.38
C TRP B 38 6.55 -11.86 -5.17
N ARG B 39 7.65 -11.23 -5.68
CA ARG B 39 9.14 -11.42 -5.49
C ARG B 39 9.81 -10.09 -5.36
N LYS B 40 10.90 -10.05 -4.58
CA LYS B 40 11.67 -8.88 -4.21
C LYS B 40 12.55 -8.38 -5.35
N TYR B 41 12.63 -7.02 -5.56
CA TYR B 41 13.31 -6.38 -6.70
C TYR B 41 14.41 -5.45 -6.22
N GLY B 42 14.22 -4.81 -5.04
CA GLY B 42 15.18 -3.84 -4.51
C GLY B 42 14.79 -3.43 -3.07
N GLN B 43 15.61 -2.83 -2.21
CA GLN B 43 15.24 -2.11 -0.92
C GLN B 43 16.05 -0.83 -0.72
N LYS B 44 15.49 0.24 -0.12
CA LYS B 44 15.99 1.59 -0.01
C LYS B 44 15.94 2.13 1.38
N VAL B 45 17.08 2.53 1.92
CA VAL B 45 17.09 3.42 3.07
C VAL B 45 16.47 4.86 2.81
N VAL B 46 15.51 5.38 3.63
CA VAL B 46 14.69 6.61 3.35
C VAL B 46 14.51 7.32 4.69
N CYS B 47 14.45 8.67 4.62
CA CYS B 47 14.40 9.60 5.86
C CYS B 47 13.16 9.25 6.77
N GLY B 48 13.46 9.38 8.03
CA GLY B 48 12.51 9.38 9.13
C GLY B 48 11.97 7.99 9.46
N ASN B 49 12.48 6.93 8.79
CA ASN B 49 11.89 5.56 8.91
C ASN B 49 13.01 4.60 9.22
N PRO B 50 13.03 3.89 10.42
CA PRO B 50 14.08 2.82 10.59
C PRO B 50 14.10 1.71 9.57
N ASN B 51 12.95 1.26 9.15
CA ASN B 51 12.87 0.27 8.11
C ASN B 51 13.29 0.76 6.74
N PRO B 52 13.92 0.05 5.78
CA PRO B 52 13.92 0.42 4.33
C PRO B 52 12.53 0.47 3.62
N ARG B 53 12.35 1.29 2.64
CA ARG B 53 11.34 1.10 1.60
C ARG B 53 11.70 -0.04 0.61
N SER B 54 10.89 -1.13 0.67
CA SER B 54 11.03 -2.40 -0.01
C SER B 54 10.25 -2.48 -1.31
N TYR B 55 10.88 -2.89 -2.43
CA TYR B 55 10.27 -2.90 -3.76
C TYR B 55 10.19 -4.31 -4.43
N TYR B 56 9.12 -4.63 -5.16
CA TYR B 56 8.72 -6.01 -5.45
C TYR B 56 8.13 -6.03 -6.87
N LYS B 57 8.06 -7.16 -7.55
CA LYS B 57 7.37 -7.33 -8.83
C LYS B 57 6.56 -8.63 -8.92
N CYS B 58 5.56 -8.49 -9.71
CA CYS B 58 4.59 -9.55 -10.01
C CYS B 58 5.33 -10.78 -10.70
N THR B 59 5.21 -11.96 -10.10
CA THR B 59 5.78 -13.25 -10.59
C THR B 59 5.13 -13.84 -11.87
N THR B 60 3.91 -13.37 -12.19
CA THR B 60 3.16 -13.80 -13.44
C THR B 60 3.98 -13.36 -14.64
N ILE B 61 4.01 -14.27 -15.65
CA ILE B 61 4.60 -13.92 -16.89
C ILE B 61 3.83 -12.73 -17.54
N GLY B 62 4.59 -11.78 -18.11
CA GLY B 62 4.07 -10.72 -18.91
C GLY B 62 3.29 -9.61 -18.11
N CYS B 63 3.51 -9.66 -16.79
CA CYS B 63 3.06 -8.67 -15.87
C CYS B 63 4.14 -7.59 -15.49
N PRO B 64 3.99 -6.36 -16.04
CA PRO B 64 5.00 -5.26 -15.84
C PRO B 64 4.91 -4.61 -14.43
N VAL B 65 3.80 -4.88 -13.70
CA VAL B 65 3.51 -4.19 -12.47
C VAL B 65 4.56 -4.50 -11.34
N ARG B 66 5.04 -3.31 -10.85
CA ARG B 66 5.97 -3.24 -9.73
C ARG B 66 5.22 -2.58 -8.56
N LYS B 67 5.75 -2.70 -7.35
CA LYS B 67 5.25 -2.03 -6.16
C LYS B 67 6.36 -1.68 -5.22
N HIS B 68 6.21 -0.65 -4.35
CA HIS B 68 6.97 -0.35 -3.11
C HIS B 68 6.06 -0.07 -1.99
N VAL B 69 6.59 -0.41 -0.82
CA VAL B 69 5.92 -0.37 0.46
C VAL B 69 6.82 0.32 1.49
N GLU B 70 6.23 1.20 2.33
CA GLU B 70 6.91 1.68 3.55
C GLU B 70 5.97 1.90 4.75
N ARG B 71 6.65 1.86 5.91
CA ARG B 71 6.24 2.49 7.15
C ARG B 71 6.26 3.96 6.83
N ALA B 72 5.18 4.72 6.98
CA ALA B 72 5.15 6.15 6.84
C ALA B 72 6.13 6.79 7.83
N SER B 73 6.87 7.85 7.43
CA SER B 73 7.90 8.55 8.31
C SER B 73 7.38 9.21 9.55
N HIS B 74 6.12 9.65 9.46
CA HIS B 74 5.47 10.32 10.62
C HIS B 74 4.85 9.35 11.65
N ASP B 75 4.54 8.04 11.39
CA ASP B 75 3.84 7.12 12.22
C ASP B 75 4.38 5.71 12.12
N MET B 76 4.28 4.91 13.22
CA MET B 76 4.50 3.46 13.18
C MET B 76 3.43 2.74 12.34
N ARG B 77 2.14 3.11 12.65
CA ARG B 77 0.96 2.36 12.30
C ARG B 77 0.44 2.55 10.85
N ALA B 78 0.71 3.71 10.21
CA ALA B 78 0.49 3.94 8.77
C ALA B 78 1.51 3.25 7.77
N VAL B 79 1.07 2.29 6.95
CA VAL B 79 1.91 1.69 5.93
C VAL B 79 1.29 2.07 4.57
N ILE B 80 2.13 2.47 3.66
CA ILE B 80 1.80 2.99 2.34
C ILE B 80 2.37 2.09 1.21
N THR B 81 1.60 1.47 0.43
CA THR B 81 2.03 0.79 -0.78
C THR B 81 1.68 1.54 -2.03
N THR B 82 2.64 1.86 -2.87
CA THR B 82 2.41 2.48 -4.20
C THR B 82 2.66 1.46 -5.27
N TYR B 83 1.85 1.41 -6.23
CA TYR B 83 1.92 0.52 -7.47
C TYR B 83 2.10 1.31 -8.78
N GLU B 84 2.94 0.71 -9.66
CA GLU B 84 3.06 1.06 -11.12
C GLU B 84 2.04 0.27 -11.94
N GLY B 85 0.82 0.70 -11.84
CA GLY B 85 -0.40 0.21 -12.53
C GLY B 85 -1.08 -0.95 -11.91
N LYS B 86 -2.07 -1.37 -12.67
CA LYS B 86 -2.96 -2.48 -12.34
C LYS B 86 -2.53 -3.80 -12.97
N HIS B 87 -2.91 -4.87 -12.36
CA HIS B 87 -2.73 -6.25 -12.91
C HIS B 87 -3.82 -6.55 -13.94
N ASN B 88 -3.50 -7.06 -15.09
CA ASN B 88 -4.42 -7.43 -16.16
C ASN B 88 -4.74 -8.92 -16.03
N HIS B 89 -4.90 -9.45 -14.82
CA HIS B 89 -5.34 -10.79 -14.49
C HIS B 89 -6.15 -10.80 -13.22
N ASP B 90 -7.47 -11.09 -13.38
CA ASP B 90 -8.34 -10.91 -12.23
C ASP B 90 -8.17 -12.04 -11.27
N VAL B 91 -7.90 -13.23 -11.84
CA VAL B 91 -7.21 -14.39 -11.12
C VAL B 91 -5.69 -14.22 -10.77
N PRO B 92 -5.32 -14.33 -9.48
CA PRO B 92 -3.88 -14.33 -9.03
C PRO B 92 -2.97 -15.47 -9.50
N SER A 37 -4.35 3.27 20.47
CA SER A 37 -4.25 3.43 18.98
C SER A 37 -5.01 2.37 18.20
N ASN A 38 -5.81 2.79 17.16
CA ASN A 38 -6.83 2.11 16.41
C ASN A 38 -6.34 0.93 15.61
N PRO A 39 -7.17 0.05 15.02
CA PRO A 39 -6.73 -1.21 14.38
C PRO A 39 -5.80 -1.17 13.13
N MET A 40 -5.13 -2.35 12.80
CA MET A 40 -4.71 -2.54 11.38
C MET A 40 -5.89 -2.49 10.42
N ARG A 41 -5.59 -2.20 9.10
CA ARG A 41 -6.54 -2.31 8.02
C ARG A 41 -6.05 -3.12 6.78
N VAL A 42 -5.04 -4.02 6.97
CA VAL A 42 -4.37 -4.90 5.96
C VAL A 42 -5.39 -5.57 5.06
N GLN A 43 -6.40 -6.31 5.56
CA GLN A 43 -7.38 -7.03 4.68
C GLN A 43 -8.39 -6.16 3.92
N THR A 44 -8.86 -5.09 4.53
CA THR A 44 -9.78 -4.16 3.93
C THR A 44 -9.04 -3.41 2.85
N CYS A 45 -7.81 -2.87 3.13
CA CYS A 45 -6.95 -2.24 2.08
C CYS A 45 -6.52 -3.11 0.89
N ALA A 46 -6.50 -4.44 1.16
CA ALA A 46 -6.37 -5.52 0.15
C ALA A 46 -7.61 -5.73 -0.78
N SER A 47 -8.81 -5.17 -0.46
CA SER A 47 -9.98 -5.10 -1.34
C SER A 47 -9.50 -4.47 -2.70
N LYS A 48 -10.14 -4.95 -3.75
CA LYS A 48 -9.80 -4.63 -5.11
C LYS A 48 -10.70 -3.48 -5.62
N PHE A 49 -10.21 -2.60 -6.43
CA PHE A 49 -10.99 -1.53 -7.07
C PHE A 49 -10.46 -1.37 -8.51
N ARG A 50 -11.45 -1.13 -9.36
CA ARG A 50 -11.35 -0.70 -10.84
C ARG A 50 -10.96 0.78 -11.00
N GLU A 51 -11.31 1.67 -10.07
CA GLU A 51 -10.89 3.06 -10.07
C GLU A 51 -9.42 3.33 -10.01
N LEU A 52 -9.04 4.60 -10.36
CA LEU A 52 -7.60 5.06 -10.06
C LEU A 52 -7.30 5.39 -8.62
N VAL A 53 -8.37 5.43 -7.87
CA VAL A 53 -8.26 5.72 -6.41
C VAL A 53 -9.15 4.74 -5.64
N GLN A 54 -8.74 4.17 -4.50
CA GLN A 54 -9.53 3.23 -3.63
C GLN A 54 -10.54 4.03 -2.80
N GLU A 55 -11.74 3.46 -2.50
CA GLU A 55 -12.80 4.15 -1.63
C GLU A 55 -12.29 4.43 -0.19
N LEU A 56 -11.34 3.67 0.33
CA LEU A 56 -10.69 3.96 1.60
C LEU A 56 -9.76 5.15 1.68
N THR A 57 -9.42 5.77 0.56
CA THR A 57 -8.41 6.81 0.46
C THR A 57 -8.84 8.12 1.12
N GLY A 58 -7.96 8.66 2.00
CA GLY A 58 -8.18 10.02 2.61
C GLY A 58 -6.98 10.97 2.58
N GLN A 59 -6.58 11.54 3.71
CA GLN A 59 -5.31 12.26 3.96
C GLN A 59 -4.19 11.31 4.41
N ASP A 60 -4.22 10.07 3.87
CA ASP A 60 -3.25 8.97 4.22
C ASP A 60 -3.17 8.43 5.65
N ALA A 61 -4.18 8.47 6.53
CA ALA A 61 -5.61 8.85 6.52
C ALA A 61 -6.00 8.71 8.00
N VAL A 62 -7.25 9.10 8.32
CA VAL A 62 -7.91 8.94 9.61
C VAL A 62 -8.29 7.45 9.75
N ASP A 63 -8.80 6.95 10.93
CA ASP A 63 -9.49 5.68 11.02
C ASP A 63 -11.01 5.77 10.87
N LEU A 64 -11.70 4.64 10.85
CA LEU A 64 -13.11 4.37 10.93
C LEU A 64 -13.56 4.32 12.40
N GLN A 65 -12.70 4.82 13.32
CA GLN A 65 -12.78 4.83 14.78
C GLN A 65 -12.29 6.10 15.41
N PRO A 66 -12.78 6.54 16.56
CA PRO A 66 -12.28 7.78 17.18
C PRO A 66 -10.74 7.77 17.53
N GLU A 67 -10.00 8.84 17.31
CA GLU A 67 -8.57 8.90 17.59
C GLU A 67 -8.28 9.03 19.18
N PRO A 68 -7.14 8.52 19.65
CA PRO A 68 -6.74 8.67 21.00
C PRO A 68 -6.25 10.10 21.37
N ILE A 69 -6.89 10.90 22.26
CA ILE A 69 -6.53 12.29 22.47
C ILE A 69 -5.33 12.40 23.45
N TYR A 70 -4.97 11.36 24.18
CA TYR A 70 -3.98 11.45 25.30
C TYR A 70 -2.44 11.64 24.86
N SER A 71 -1.52 11.95 25.80
CA SER A 71 -0.05 12.05 25.46
C SER A 71 0.61 10.66 25.39
N LYS B 14 -6.20 16.48 -20.41
CA LYS B 14 -6.28 15.61 -19.18
C LYS B 14 -4.94 15.08 -18.75
N THR B 15 -4.80 14.51 -17.53
CA THR B 15 -3.60 13.72 -17.00
C THR B 15 -4.12 12.84 -15.83
N VAL B 16 -3.33 11.81 -15.46
CA VAL B 16 -3.74 10.69 -14.60
C VAL B 16 -2.58 10.08 -13.79
N ARG B 17 -2.87 9.59 -12.59
CA ARG B 17 -1.89 8.88 -11.72
C ARG B 17 -1.67 7.46 -12.10
N GLU B 18 -1.95 7.11 -13.38
CA GLU B 18 -1.78 5.68 -13.72
C GLU B 18 -0.38 5.03 -13.50
N PRO B 19 0.78 5.75 -13.72
CA PRO B 19 2.08 5.18 -13.24
C PRO B 19 2.34 5.03 -11.74
N ARG B 20 1.48 5.53 -10.80
CA ARG B 20 1.65 5.59 -9.31
C ARG B 20 0.30 5.53 -8.63
N ILE B 21 -0.42 4.40 -8.78
CA ILE B 21 -1.65 4.08 -8.03
C ILE B 21 -1.28 3.77 -6.58
N VAL B 22 -1.72 4.59 -5.59
CA VAL B 22 -1.21 4.53 -4.19
C VAL B 22 -2.36 4.15 -3.17
N VAL B 23 -2.07 3.26 -2.24
CA VAL B 23 -2.90 2.64 -1.23
C VAL B 23 -2.27 2.80 0.15
N GLN B 24 -2.92 3.57 1.09
CA GLN B 24 -2.67 3.54 2.53
C GLN B 24 -3.50 2.50 3.27
N THR B 25 -2.87 1.91 4.31
CA THR B 25 -3.38 0.97 5.27
C THR B 25 -2.66 1.09 6.66
N THR B 26 -3.27 0.55 7.67
CA THR B 26 -2.64 0.63 8.98
C THR B 26 -2.16 -0.74 9.25
N SER B 27 -0.99 -0.77 9.89
CA SER B 27 -0.37 -1.95 10.48
C SER B 27 0.88 -1.58 11.27
N CYS B 28 1.21 -2.36 12.34
CA CYS B 28 2.33 -2.18 13.25
C CYS B 28 3.62 -2.80 12.65
N ILE B 29 3.51 -3.39 11.49
CA ILE B 29 4.64 -3.94 10.74
C ILE B 29 4.27 -3.95 9.19
N ASP B 30 5.27 -3.54 8.47
CA ASP B 30 5.15 -3.11 7.11
C ASP B 30 5.06 -4.26 6.07
N ILE B 31 4.85 -5.46 6.65
CA ILE B 31 4.59 -6.70 5.80
C ILE B 31 3.16 -6.82 5.34
N LEU B 32 2.83 -6.32 4.12
CA LEU B 32 1.46 -6.19 3.67
C LEU B 32 0.98 -7.31 2.77
N ASP B 33 -0.30 -7.69 2.95
CA ASP B 33 -1.03 -8.61 2.07
C ASP B 33 -1.77 -7.84 0.89
N ASP B 34 -2.02 -8.65 -0.17
CA ASP B 34 -3.03 -8.33 -1.20
C ASP B 34 -3.45 -9.59 -2.05
N GLY B 35 -3.09 -10.82 -1.62
CA GLY B 35 -3.46 -12.03 -2.27
C GLY B 35 -2.59 -12.47 -3.50
N TYR B 36 -2.20 -11.44 -4.30
CA TYR B 36 -1.24 -11.63 -5.45
C TYR B 36 0.13 -12.20 -5.01
N ARG B 37 0.85 -12.83 -5.97
CA ARG B 37 2.17 -13.49 -5.82
C ARG B 37 3.33 -12.57 -6.35
N TRP B 38 4.37 -12.37 -5.56
CA TRP B 38 5.45 -11.34 -5.90
C TRP B 38 6.83 -11.95 -5.69
N ARG B 39 7.89 -11.24 -6.03
CA ARG B 39 9.27 -11.45 -5.61
C ARG B 39 9.94 -10.19 -5.14
N LYS B 40 10.97 -10.27 -4.33
CA LYS B 40 11.78 -9.05 -3.95
C LYS B 40 12.43 -8.50 -5.21
N TYR B 41 12.39 -7.17 -5.38
CA TYR B 41 12.89 -6.50 -6.57
C TYR B 41 13.60 -5.24 -6.21
N GLY B 42 14.54 -5.26 -5.23
CA GLY B 42 15.33 -4.09 -4.73
C GLY B 42 14.93 -3.42 -3.44
N GLN B 43 15.70 -2.44 -2.98
CA GLN B 43 15.37 -1.58 -1.86
C GLN B 43 16.04 -0.19 -1.76
N LYS B 44 15.52 0.62 -0.81
CA LYS B 44 16.07 2.03 -0.53
C LYS B 44 15.84 2.51 0.92
N VAL B 45 16.76 3.38 1.36
CA VAL B 45 16.58 4.14 2.59
C VAL B 45 15.55 5.19 2.54
N VAL B 46 14.66 5.23 3.56
CA VAL B 46 13.56 6.21 3.64
C VAL B 46 13.52 6.98 5.00
N CYS B 47 12.89 8.14 5.02
CA CYS B 47 12.87 9.07 6.08
C CYS B 47 12.00 8.61 7.27
N GLY B 48 12.45 8.83 8.48
CA GLY B 48 11.54 8.70 9.67
C GLY B 48 11.24 7.32 10.12
N ASN B 49 12.00 6.35 9.62
CA ASN B 49 11.70 4.87 9.65
C ASN B 49 13.05 4.19 9.42
N PRO B 50 13.55 3.31 10.27
CA PRO B 50 14.82 2.61 10.09
C PRO B 50 14.69 1.36 9.24
N ASN B 51 13.49 0.80 8.96
CA ASN B 51 13.24 -0.20 7.90
C ASN B 51 13.47 0.51 6.60
N PRO B 52 14.02 -0.09 5.56
CA PRO B 52 14.02 0.38 4.17
C PRO B 52 12.72 0.32 3.40
N ARG B 53 12.57 1.15 2.37
CA ARG B 53 11.56 0.83 1.34
C ARG B 53 11.95 -0.49 0.60
N SER B 54 11.11 -1.51 0.54
CA SER B 54 11.29 -2.67 -0.35
C SER B 54 10.47 -2.45 -1.63
N TYR B 55 11.11 -2.70 -2.79
CA TYR B 55 10.43 -2.76 -4.05
C TYR B 55 10.03 -4.24 -4.25
N TYR B 56 8.91 -4.61 -5.00
CA TYR B 56 8.60 -5.98 -5.28
C TYR B 56 8.00 -6.08 -6.71
N LYS B 57 8.03 -7.19 -7.33
CA LYS B 57 7.50 -7.44 -8.71
C LYS B 57 6.66 -8.70 -8.89
N CYS B 58 5.48 -8.54 -9.51
CA CYS B 58 4.53 -9.67 -9.77
C CYS B 58 5.29 -10.77 -10.52
N THR B 59 5.24 -11.99 -10.03
CA THR B 59 5.84 -13.14 -10.70
C THR B 59 4.98 -13.69 -11.87
N THR B 60 3.85 -13.14 -12.27
CA THR B 60 3.01 -13.80 -13.33
C THR B 60 3.49 -13.43 -14.74
N ILE B 61 3.50 -14.42 -15.69
CA ILE B 61 4.05 -14.26 -17.10
C ILE B 61 3.40 -13.07 -17.87
N GLY B 62 4.26 -12.21 -18.54
CA GLY B 62 3.94 -11.01 -19.26
C GLY B 62 3.44 -9.92 -18.40
N CYS B 63 3.58 -9.95 -17.05
CA CYS B 63 3.05 -8.92 -16.16
C CYS B 63 3.97 -7.62 -15.94
N PRO B 64 3.61 -6.34 -16.26
CA PRO B 64 4.45 -5.17 -16.07
C PRO B 64 4.50 -4.62 -14.59
N VAL B 65 3.61 -5.10 -13.65
CA VAL B 65 3.42 -4.39 -12.32
C VAL B 65 4.56 -4.75 -11.34
N ARG B 66 5.33 -3.65 -11.14
CA ARG B 66 6.05 -3.43 -9.84
C ARG B 66 5.19 -2.72 -8.72
N LYS B 67 5.63 -2.87 -7.45
CA LYS B 67 5.22 -1.96 -6.34
C LYS B 67 6.38 -1.68 -5.37
N HIS B 68 6.19 -0.66 -4.55
CA HIS B 68 7.08 -0.37 -3.38
C HIS B 68 6.37 -0.09 -2.05
N VAL B 69 6.92 -0.47 -0.89
CA VAL B 69 6.28 -0.45 0.45
C VAL B 69 7.21 0.25 1.47
N GLU B 70 6.61 1.15 2.18
CA GLU B 70 7.30 1.92 3.21
C GLU B 70 6.34 2.19 4.43
N ARG B 71 6.84 2.08 5.67
CA ARG B 71 6.18 2.61 6.87
C ARG B 71 6.17 4.15 6.78
N ALA B 72 5.18 4.83 7.44
CA ALA B 72 5.07 6.28 7.36
C ALA B 72 6.22 6.94 8.13
N SER B 73 6.66 8.06 7.64
CA SER B 73 7.69 8.88 8.30
C SER B 73 7.34 9.52 9.60
N HIS B 74 6.09 9.39 10.04
CA HIS B 74 5.61 10.12 11.23
C HIS B 74 4.67 9.34 12.21
N ASP B 75 4.41 8.11 11.89
CA ASP B 75 3.78 7.14 12.80
C ASP B 75 4.21 5.68 12.48
N MET B 76 4.55 4.81 13.49
CA MET B 76 4.74 3.37 13.27
C MET B 76 3.50 2.69 12.64
N ARG B 77 2.26 3.04 12.98
CA ARG B 77 1.00 2.29 12.77
C ARG B 77 0.51 2.51 11.39
N ALA B 78 1.22 3.22 10.51
CA ALA B 78 0.76 3.56 9.21
C ALA B 78 1.75 3.20 8.12
N VAL B 79 1.25 2.54 7.06
CA VAL B 79 2.08 1.86 6.01
C VAL B 79 1.52 2.20 4.62
N ILE B 80 2.34 2.43 3.59
CA ILE B 80 1.83 2.83 2.35
C ILE B 80 2.37 2.01 1.16
N THR B 81 1.52 1.44 0.34
CA THR B 81 1.93 0.76 -0.91
C THR B 81 1.74 1.68 -2.12
N THR B 82 2.71 1.69 -2.98
CA THR B 82 2.61 2.29 -4.35
C THR B 82 2.80 1.28 -5.33
N TYR B 83 1.78 1.00 -6.17
CA TYR B 83 1.74 0.19 -7.39
C TYR B 83 2.07 1.04 -8.61
N GLU B 84 2.67 0.44 -9.64
CA GLU B 84 2.93 1.03 -10.94
C GLU B 84 1.93 0.85 -12.09
N GLY B 85 0.87 0.07 -11.78
CA GLY B 85 -0.37 0.00 -12.59
C GLY B 85 -1.19 -1.26 -12.14
N LYS B 86 -2.15 -1.57 -12.97
CA LYS B 86 -3.19 -2.61 -12.72
C LYS B 86 -2.82 -3.97 -13.45
N HIS B 87 -3.07 -5.19 -12.82
CA HIS B 87 -2.70 -6.52 -13.37
C HIS B 87 -3.80 -6.79 -14.41
N ASN B 88 -3.53 -7.15 -15.61
CA ASN B 88 -4.46 -7.62 -16.63
C ASN B 88 -5.05 -8.91 -16.12
N HIS B 89 -4.47 -9.62 -15.13
CA HIS B 89 -5.10 -10.81 -14.50
C HIS B 89 -5.76 -10.50 -13.18
N ASP B 90 -7.08 -10.53 -13.16
CA ASP B 90 -7.94 -10.23 -12.01
C ASP B 90 -7.77 -11.14 -10.81
N VAL B 91 -7.15 -12.33 -11.04
CA VAL B 91 -6.94 -13.33 -10.00
C VAL B 91 -5.45 -13.77 -9.97
N PRO B 92 -4.88 -14.06 -8.81
CA PRO B 92 -3.44 -14.36 -8.73
C PRO B 92 -2.80 -15.56 -9.46
N SER A 37 -1.92 0.97 21.12
CA SER A 37 -2.39 1.73 19.97
C SER A 37 -3.53 0.99 19.25
N ASN A 38 -4.23 1.64 18.30
CA ASN A 38 -5.38 1.14 17.59
C ASN A 38 -5.00 -0.02 16.68
N PRO A 39 -6.02 -0.79 16.19
CA PRO A 39 -5.78 -2.10 15.52
C PRO A 39 -5.06 -1.97 14.19
N MET A 40 -4.72 -3.10 13.60
CA MET A 40 -4.44 -3.27 12.18
C MET A 40 -5.75 -3.27 11.37
N ARG A 41 -5.73 -2.87 10.06
CA ARG A 41 -6.89 -2.90 9.13
C ARG A 41 -6.50 -3.48 7.80
N VAL A 42 -5.68 -4.46 7.78
CA VAL A 42 -5.01 -4.87 6.55
C VAL A 42 -5.88 -5.43 5.46
N GLN A 43 -6.71 -6.45 5.78
CA GLN A 43 -7.59 -7.25 4.98
C GLN A 43 -8.68 -6.53 4.24
N THR A 44 -9.36 -5.53 4.72
CA THR A 44 -10.28 -4.69 3.89
C THR A 44 -9.49 -4.01 2.85
N CYS A 45 -8.36 -3.32 3.30
CA CYS A 45 -7.60 -2.45 2.43
C CYS A 45 -6.80 -3.18 1.28
N ALA A 46 -6.73 -4.55 1.41
CA ALA A 46 -6.07 -5.41 0.42
C ALA A 46 -6.97 -5.65 -0.75
N SER A 47 -8.24 -5.38 -0.62
CA SER A 47 -9.32 -5.64 -1.65
C SER A 47 -9.15 -4.99 -3.00
N LYS A 48 -9.50 -5.76 -4.08
CA LYS A 48 -9.21 -5.35 -5.44
C LYS A 48 -10.12 -4.15 -5.88
N PHE A 49 -9.60 -3.40 -6.82
CA PHE A 49 -10.38 -2.33 -7.40
C PHE A 49 -9.84 -1.94 -8.81
N ARG A 50 -10.76 -1.56 -9.73
CA ARG A 50 -10.49 -1.10 -11.13
C ARG A 50 -9.98 0.32 -11.17
N GLU A 51 -10.65 1.10 -10.33
CA GLU A 51 -10.76 2.56 -10.41
C GLU A 51 -9.35 3.21 -10.16
N LEU A 52 -9.13 4.46 -10.43
CA LEU A 52 -7.91 5.16 -10.10
C LEU A 52 -7.58 5.24 -8.57
N VAL A 53 -8.63 4.99 -7.75
CA VAL A 53 -8.71 5.17 -6.31
C VAL A 53 -9.66 4.07 -5.75
N GLN A 54 -9.35 3.67 -4.49
CA GLN A 54 -10.14 2.78 -3.64
C GLN A 54 -11.19 3.49 -2.84
N GLU A 55 -12.42 3.00 -2.86
CA GLU A 55 -13.52 3.63 -2.17
C GLU A 55 -13.24 3.76 -0.69
N LEU A 56 -12.29 2.99 -0.13
CA LEU A 56 -11.98 2.89 1.25
C LEU A 56 -11.17 4.04 1.81
N THR A 57 -10.53 4.82 0.88
CA THR A 57 -9.54 5.86 1.08
C THR A 57 -10.20 7.07 1.82
N GLY A 58 -9.36 7.71 2.66
CA GLY A 58 -9.70 8.94 3.36
C GLY A 58 -8.46 9.83 3.26
N GLN A 59 -8.07 10.50 4.35
CA GLN A 59 -7.01 11.51 4.30
C GLN A 59 -5.73 11.00 4.98
N ASP A 60 -5.29 9.78 4.62
CA ASP A 60 -4.13 9.08 5.19
C ASP A 60 -3.69 9.45 6.56
N ALA A 61 -4.50 9.17 7.60
CA ALA A 61 -5.73 8.39 7.70
C ALA A 61 -6.43 8.70 9.09
N VAL A 62 -7.70 8.50 9.21
CA VAL A 62 -8.39 8.46 10.56
C VAL A 62 -8.83 7.01 10.81
N ASP A 63 -8.81 6.73 12.16
CA ASP A 63 -9.36 5.50 12.64
C ASP A 63 -10.86 5.44 13.04
N LEU A 64 -11.40 4.20 13.06
CA LEU A 64 -12.70 3.78 13.50
C LEU A 64 -12.83 3.90 15.04
N GLN A 65 -11.75 4.20 15.72
CA GLN A 65 -11.74 4.46 17.14
C GLN A 65 -10.99 5.77 17.35
N PRO A 66 -11.48 6.62 18.26
CA PRO A 66 -10.83 7.90 18.62
C PRO A 66 -9.26 7.92 18.79
N GLU A 67 -8.61 9.02 18.41
CA GLU A 67 -7.18 9.11 18.57
C GLU A 67 -6.85 9.21 20.03
N PRO A 68 -5.68 8.73 20.46
CA PRO A 68 -5.24 8.89 21.85
C PRO A 68 -4.97 10.40 22.26
N ILE A 69 -5.79 10.94 23.05
CA ILE A 69 -5.66 12.41 23.46
C ILE A 69 -4.55 12.65 24.45
N TYR A 70 -3.99 11.62 25.05
CA TYR A 70 -3.01 11.65 26.14
C TYR A 70 -1.55 11.96 25.65
N SER A 71 -0.81 12.81 26.42
CA SER A 71 0.67 12.82 26.51
C SER A 71 1.17 13.54 27.71
N LYS B 14 -7.57 18.90 -14.84
CA LYS B 14 -8.18 17.86 -13.95
C LYS B 14 -7.18 17.31 -13.00
N THR B 15 -7.58 16.97 -11.75
CA THR B 15 -6.68 16.19 -10.84
C THR B 15 -6.09 14.87 -11.50
N VAL B 16 -4.74 14.55 -11.34
CA VAL B 16 -4.11 13.26 -11.83
C VAL B 16 -3.16 12.50 -10.87
N ARG B 17 -3.26 11.15 -10.91
CA ARG B 17 -2.55 10.12 -10.15
C ARG B 17 -2.52 8.70 -10.82
N GLU B 18 -2.92 8.57 -12.15
CA GLU B 18 -3.00 7.33 -12.93
C GLU B 18 -1.73 6.48 -12.97
N PRO B 19 -0.50 7.06 -13.19
CA PRO B 19 0.73 6.20 -13.31
C PRO B 19 1.25 5.65 -11.93
N ARG B 20 0.75 6.25 -10.80
CA ARG B 20 1.29 6.00 -9.45
C ARG B 20 0.13 5.82 -8.44
N ILE B 21 -0.84 5.00 -8.76
CA ILE B 21 -2.08 4.79 -7.88
C ILE B 21 -1.64 4.26 -6.46
N VAL B 22 -2.39 4.63 -5.43
CA VAL B 22 -1.91 4.61 -4.01
C VAL B 22 -3.03 4.18 -3.07
N VAL B 23 -2.63 3.47 -1.99
CA VAL B 23 -3.49 3.03 -0.85
C VAL B 23 -2.70 3.04 0.46
N GLN B 24 -3.36 3.27 1.53
CA GLN B 24 -2.76 3.44 2.77
C GLN B 24 -3.53 2.49 3.74
N THR B 25 -2.83 1.84 4.67
CA THR B 25 -3.41 0.88 5.60
C THR B 25 -2.67 0.96 6.95
N THR B 26 -3.29 0.41 8.01
CA THR B 26 -2.60 0.34 9.35
C THR B 26 -2.29 -1.13 9.78
N SER B 27 -1.02 -1.48 10.14
CA SER B 27 -0.47 -2.74 10.39
C SER B 27 0.70 -2.58 11.39
N CYS B 28 0.81 -3.50 12.36
CA CYS B 28 1.93 -3.47 13.34
C CYS B 28 3.28 -3.75 12.64
N ILE B 29 3.29 -4.20 11.37
CA ILE B 29 4.46 -4.49 10.52
C ILE B 29 4.24 -3.99 9.06
N ASP B 30 5.26 -3.51 8.32
CA ASP B 30 5.13 -3.00 6.91
C ASP B 30 5.08 -4.20 5.90
N ILE B 31 4.59 -5.39 6.32
CA ILE B 31 4.24 -6.51 5.38
C ILE B 31 2.73 -6.73 5.30
N LEU B 32 2.25 -6.75 4.04
CA LEU B 32 0.77 -6.48 3.77
C LEU B 32 0.21 -7.52 2.70
N ASP B 33 -1.05 -7.71 2.67
CA ASP B 33 -1.84 -8.40 1.65
C ASP B 33 -2.35 -7.54 0.54
N ASP B 34 -2.26 -8.11 -0.69
CA ASP B 34 -3.03 -7.59 -1.84
C ASP B 34 -3.40 -8.72 -2.85
N GLY B 35 -3.47 -9.95 -2.28
CA GLY B 35 -3.89 -11.14 -3.04
C GLY B 35 -2.95 -11.75 -4.16
N TYR B 36 -2.07 -10.95 -4.77
CA TYR B 36 -1.08 -11.40 -5.67
C TYR B 36 0.19 -11.77 -4.94
N ARG B 37 0.80 -12.81 -5.56
CA ARG B 37 2.19 -13.21 -5.26
C ARG B 37 3.22 -12.32 -6.03
N TRP B 38 4.13 -11.76 -5.25
CA TRP B 38 5.24 -10.87 -5.65
C TRP B 38 6.65 -11.50 -5.36
N ARG B 39 7.64 -11.15 -6.14
CA ARG B 39 9.07 -11.42 -5.96
C ARG B 39 9.78 -10.00 -5.78
N LYS B 40 11.00 -10.03 -5.29
CA LYS B 40 11.77 -8.83 -4.88
C LYS B 40 11.98 -7.90 -6.16
N TYR B 41 12.32 -6.60 -5.96
CA TYR B 41 12.77 -5.78 -7.04
C TYR B 41 13.88 -4.79 -6.59
N GLY B 42 14.21 -4.74 -5.26
CA GLY B 42 15.10 -3.76 -4.71
C GLY B 42 14.78 -3.18 -3.32
N GLN B 43 15.70 -2.39 -2.73
CA GLN B 43 15.48 -1.75 -1.43
C GLN B 43 16.26 -0.41 -1.34
N LYS B 44 15.61 0.57 -0.70
CA LYS B 44 16.34 1.81 -0.29
C LYS B 44 16.09 2.20 1.16
N VAL B 45 17.02 3.00 1.70
CA VAL B 45 16.99 3.73 3.01
C VAL B 45 16.21 5.08 2.86
N VAL B 46 15.42 5.36 3.93
CA VAL B 46 14.40 6.43 3.80
C VAL B 46 14.41 7.23 5.19
N CYS B 47 14.36 8.59 5.14
CA CYS B 47 14.23 9.49 6.31
C CYS B 47 12.99 9.01 7.12
N GLY B 48 13.04 9.14 8.47
CA GLY B 48 11.96 8.97 9.48
C GLY B 48 11.53 7.57 9.77
N ASN B 49 12.37 6.54 9.54
CA ASN B 49 11.87 5.14 9.44
C ASN B 49 13.08 4.21 9.63
N PRO B 50 12.99 3.33 10.65
CA PRO B 50 13.97 2.39 10.88
C PRO B 50 14.14 1.35 9.83
N ASN B 51 13.06 1.13 9.10
CA ASN B 51 13.07 0.19 8.01
C ASN B 51 13.47 0.73 6.57
N PRO B 52 13.96 -0.17 5.70
CA PRO B 52 14.01 0.26 4.32
C PRO B 52 12.65 0.40 3.61
N ARG B 53 12.56 1.16 2.53
CA ARG B 53 11.51 0.92 1.57
C ARG B 53 11.82 -0.27 0.67
N SER B 54 10.85 -1.12 0.51
CA SER B 54 10.97 -2.39 -0.29
C SER B 54 10.21 -2.16 -1.63
N TYR B 55 10.93 -2.56 -2.72
CA TYR B 55 10.35 -2.58 -4.11
C TYR B 55 10.13 -4.08 -4.52
N TYR B 56 9.10 -4.34 -5.27
CA TYR B 56 8.48 -5.63 -5.60
C TYR B 56 7.83 -5.75 -7.04
N LYS B 57 7.89 -6.89 -7.59
CA LYS B 57 7.40 -7.23 -9.00
C LYS B 57 6.59 -8.51 -9.05
N CYS B 58 5.64 -8.58 -9.97
CA CYS B 58 4.84 -9.79 -10.12
C CYS B 58 5.61 -11.12 -10.42
N THR B 59 5.26 -12.23 -9.76
CA THR B 59 5.82 -13.55 -10.14
C THR B 59 5.22 -14.17 -11.39
N THR B 60 4.08 -13.65 -11.85
CA THR B 60 3.39 -14.29 -13.08
C THR B 60 4.13 -13.98 -14.38
N ILE B 61 4.26 -15.02 -15.22
CA ILE B 61 4.75 -14.84 -16.54
C ILE B 61 4.13 -13.69 -17.32
N GLY B 62 5.05 -12.84 -17.93
CA GLY B 62 4.73 -11.73 -18.80
C GLY B 62 3.97 -10.57 -18.14
N CYS B 63 3.45 -10.70 -16.94
CA CYS B 63 2.86 -9.61 -16.17
C CYS B 63 3.86 -8.57 -15.70
N PRO B 64 3.83 -7.30 -16.18
CA PRO B 64 4.92 -6.38 -15.82
C PRO B 64 4.79 -5.75 -14.44
N VAL B 65 3.70 -5.98 -13.72
CA VAL B 65 3.30 -5.10 -12.64
C VAL B 65 4.29 -4.97 -11.48
N ARG B 66 4.56 -3.70 -11.03
CA ARG B 66 5.37 -3.42 -9.88
C ARG B 66 4.70 -2.59 -8.79
N LYS B 67 5.28 -2.59 -7.58
CA LYS B 67 4.94 -1.66 -6.45
C LYS B 67 6.07 -1.44 -5.45
N HIS B 68 5.94 -0.41 -4.61
CA HIS B 68 6.88 -0.11 -3.54
C HIS B 68 6.03 0.13 -2.27
N VAL B 69 6.60 -0.17 -1.10
CA VAL B 69 5.88 -0.23 0.14
C VAL B 69 6.83 0.37 1.18
N GLU B 70 6.27 1.24 1.99
CA GLU B 70 6.97 1.77 3.20
C GLU B 70 6.09 2.03 4.43
N ARG B 71 6.65 1.91 5.63
CA ARG B 71 6.15 2.54 6.89
C ARG B 71 6.13 4.00 6.65
N ALA B 72 5.00 4.67 6.94
CA ALA B 72 4.92 6.12 7.13
C ALA B 72 6.01 6.78 8.04
N SER B 73 6.66 7.85 7.59
CA SER B 73 7.91 8.39 8.21
C SER B 73 7.62 9.13 9.63
N HIS B 74 6.42 9.16 10.08
CA HIS B 74 5.91 9.90 11.29
C HIS B 74 5.08 9.13 12.31
N ASP B 75 4.70 7.88 11.88
CA ASP B 75 3.83 6.97 12.59
C ASP B 75 4.37 5.53 12.44
N MET B 76 4.34 4.80 13.49
CA MET B 76 4.79 3.39 13.69
C MET B 76 3.87 2.36 13.14
N ARG B 77 2.61 2.74 12.80
CA ARG B 77 1.51 1.81 12.43
C ARG B 77 0.87 2.05 11.04
N ALA B 78 0.88 3.28 10.55
CA ALA B 78 0.53 3.61 9.20
C ALA B 78 1.53 3.06 8.18
N VAL B 79 1.03 2.48 7.09
CA VAL B 79 1.86 1.89 5.98
C VAL B 79 1.29 2.18 4.57
N ILE B 80 2.14 2.48 3.65
CA ILE B 80 1.77 2.97 2.30
C ILE B 80 2.24 2.02 1.15
N THR B 81 1.31 1.74 0.26
CA THR B 81 1.57 1.03 -1.04
C THR B 81 1.35 1.90 -2.25
N THR B 82 2.28 1.99 -3.15
CA THR B 82 2.23 2.70 -4.45
C THR B 82 2.62 1.94 -5.67
N TYR B 83 1.69 1.84 -6.61
CA TYR B 83 1.79 0.94 -7.81
C TYR B 83 2.55 1.49 -9.05
N GLU B 84 2.76 0.59 -10.02
CA GLU B 84 3.14 1.02 -11.46
C GLU B 84 2.31 0.27 -12.54
N GLY B 85 1.01 0.14 -12.23
CA GLY B 85 0.10 -0.63 -13.06
C GLY B 85 -0.93 -1.53 -12.35
N LYS B 86 -1.85 -2.07 -13.16
CA LYS B 86 -2.79 -3.18 -12.79
C LYS B 86 -2.63 -4.50 -13.55
N HIS B 87 -3.01 -5.69 -12.97
CA HIS B 87 -2.75 -6.99 -13.47
C HIS B 87 -3.79 -7.36 -14.53
N ASN B 88 -3.37 -7.83 -15.75
CA ASN B 88 -4.31 -8.34 -16.75
C ASN B 88 -4.88 -9.73 -16.45
N HIS B 89 -4.31 -10.44 -15.47
CA HIS B 89 -4.89 -11.57 -14.81
C HIS B 89 -5.60 -11.22 -13.48
N ASP B 90 -6.93 -11.21 -13.67
CA ASP B 90 -7.89 -10.98 -12.55
C ASP B 90 -7.80 -11.99 -11.37
N VAL B 91 -7.36 -13.22 -11.70
CA VAL B 91 -7.00 -14.43 -10.88
C VAL B 91 -5.52 -14.47 -10.65
N PRO B 92 -5.06 -14.35 -9.36
CA PRO B 92 -3.63 -14.59 -9.06
C PRO B 92 -2.92 -15.76 -9.61
N SER A 37 -1.96 0.49 20.92
CA SER A 37 -2.29 1.05 19.60
C SER A 37 -3.63 0.49 18.98
N ASN A 38 -4.35 1.30 18.28
CA ASN A 38 -5.58 0.88 17.59
C ASN A 38 -5.34 -0.25 16.48
N PRO A 39 -6.40 -0.82 15.88
CA PRO A 39 -6.26 -2.03 15.04
C PRO A 39 -5.69 -1.87 13.64
N MET A 40 -5.25 -3.05 13.07
CA MET A 40 -4.94 -3.27 11.58
C MET A 40 -6.29 -3.22 10.77
N ARG A 41 -6.17 -2.89 9.53
CA ARG A 41 -7.19 -2.82 8.46
C ARG A 41 -6.79 -3.50 7.14
N VAL A 42 -5.70 -4.31 7.21
CA VAL A 42 -4.99 -4.82 5.98
C VAL A 42 -5.79 -5.83 5.18
N GLN A 43 -6.54 -6.69 5.80
CA GLN A 43 -7.29 -7.78 5.09
C GLN A 43 -8.67 -7.42 4.37
N THR A 44 -9.25 -6.28 4.70
CA THR A 44 -10.38 -5.75 3.91
C THR A 44 -9.70 -4.88 2.80
N CYS A 45 -8.59 -4.19 3.09
CA CYS A 45 -7.81 -3.33 2.16
C CYS A 45 -7.17 -4.24 1.03
N ALA A 46 -6.87 -5.52 1.29
CA ALA A 46 -6.33 -6.48 0.36
C ALA A 46 -7.25 -6.84 -0.75
N SER A 47 -8.39 -6.17 -0.92
CA SER A 47 -9.34 -6.38 -2.03
C SER A 47 -8.87 -5.72 -3.34
N LYS A 48 -9.54 -6.04 -4.47
CA LYS A 48 -9.36 -5.41 -5.80
C LYS A 48 -10.05 -4.12 -6.02
N PHE A 49 -9.77 -3.29 -6.98
CA PHE A 49 -10.52 -2.08 -7.33
C PHE A 49 -10.22 -1.66 -8.85
N ARG A 50 -11.28 -1.41 -9.66
CA ARG A 50 -11.22 -0.93 -11.10
C ARG A 50 -10.91 0.54 -11.25
N GLU A 51 -11.21 1.42 -10.25
CA GLU A 51 -10.92 2.82 -10.20
C GLU A 51 -9.44 3.17 -10.00
N LEU A 52 -9.06 4.40 -10.21
CA LEU A 52 -7.73 4.88 -9.78
C LEU A 52 -7.58 5.08 -8.17
N VAL A 53 -8.68 5.17 -7.37
CA VAL A 53 -8.68 5.13 -5.95
C VAL A 53 -9.58 3.98 -5.40
N GLN A 54 -9.13 3.07 -4.54
CA GLN A 54 -9.91 2.14 -3.75
C GLN A 54 -10.89 2.94 -2.81
N GLU A 55 -12.13 2.48 -2.70
CA GLU A 55 -13.22 3.37 -2.06
C GLU A 55 -13.16 3.51 -0.48
N LEU A 56 -12.33 2.71 0.23
CA LEU A 56 -11.89 2.74 1.65
C LEU A 56 -11.00 3.95 2.00
N THR A 57 -10.49 4.55 0.89
CA THR A 57 -9.43 5.54 1.00
C THR A 57 -9.87 6.78 1.79
N GLY A 58 -9.13 7.22 2.79
CA GLY A 58 -9.47 8.37 3.61
C GLY A 58 -8.38 9.45 3.38
N GLN A 59 -8.36 10.36 4.40
CA GLN A 59 -7.34 11.51 4.57
C GLN A 59 -6.11 11.06 5.40
N ASP A 60 -5.78 9.74 5.34
CA ASP A 60 -4.53 9.15 5.92
C ASP A 60 -4.33 9.18 7.45
N ALA A 61 -5.27 8.73 8.29
CA ALA A 61 -6.68 8.41 8.12
C ALA A 61 -7.51 8.39 9.48
N VAL A 62 -8.78 8.12 9.66
CA VAL A 62 -9.54 7.89 10.95
C VAL A 62 -9.52 6.41 11.29
N ASP A 63 -9.51 6.15 12.60
CA ASP A 63 -9.78 4.90 13.24
C ASP A 63 -11.37 4.82 13.39
N LEU A 64 -11.86 3.59 13.18
CA LEU A 64 -13.19 3.23 13.54
C LEU A 64 -13.27 2.79 14.98
N GLN A 65 -12.31 3.25 15.80
CA GLN A 65 -12.22 3.18 17.27
C GLN A 65 -11.67 4.52 17.81
N PRO A 66 -11.62 4.93 19.11
CA PRO A 66 -11.28 6.27 19.61
C PRO A 66 -9.79 6.46 19.86
N GLU A 67 -9.16 7.63 19.71
CA GLU A 67 -7.78 7.83 19.90
C GLU A 67 -7.26 7.74 21.35
N PRO A 68 -6.10 7.12 21.58
CA PRO A 68 -5.45 7.31 22.87
C PRO A 68 -4.85 8.73 22.96
N ILE A 69 -5.14 9.50 24.04
CA ILE A 69 -4.81 10.92 24.16
C ILE A 69 -3.46 11.20 24.86
N TYR A 70 -2.92 10.11 25.51
CA TYR A 70 -1.66 10.21 26.30
C TYR A 70 -0.40 10.71 25.52
N SER A 71 0.60 11.33 26.16
CA SER A 71 1.88 11.65 25.45
C SER A 71 3.04 11.19 26.27
N LYS B 14 -6.11 19.64 -13.74
CA LYS B 14 -6.78 18.75 -12.80
C LYS B 14 -5.82 18.01 -11.98
N THR B 15 -6.19 17.52 -10.78
CA THR B 15 -5.46 16.42 -10.23
C THR B 15 -5.43 15.18 -11.13
N VAL B 16 -4.27 14.46 -11.14
CA VAL B 16 -3.99 13.25 -11.89
C VAL B 16 -2.94 12.27 -11.15
N ARG B 17 -3.03 10.97 -11.23
CA ARG B 17 -2.32 9.91 -10.49
C ARG B 17 -1.99 8.68 -11.34
N GLU B 18 -2.32 8.65 -12.65
CA GLU B 18 -2.19 7.45 -13.41
C GLU B 18 -0.74 6.88 -13.64
N PRO B 19 0.31 7.66 -13.68
CA PRO B 19 1.66 7.14 -13.59
C PRO B 19 1.92 6.43 -12.31
N ARG B 20 1.30 6.73 -11.11
CA ARG B 20 1.48 6.12 -9.83
C ARG B 20 0.22 6.03 -8.99
N ILE B 21 -0.57 4.95 -9.10
CA ILE B 21 -1.74 4.56 -8.23
C ILE B 21 -1.21 4.11 -6.83
N VAL B 22 -1.87 4.49 -5.71
CA VAL B 22 -1.40 4.42 -4.31
C VAL B 22 -2.58 3.95 -3.43
N VAL B 23 -2.18 3.18 -2.39
CA VAL B 23 -3.10 2.72 -1.31
C VAL B 23 -2.46 2.90 0.09
N GLN B 24 -3.24 3.40 1.09
CA GLN B 24 -2.83 3.55 2.51
C GLN B 24 -3.65 2.58 3.45
N THR B 25 -3.02 1.91 4.46
CA THR B 25 -3.65 1.18 5.50
C THR B 25 -2.82 1.02 6.83
N THR B 26 -3.40 0.45 7.88
CA THR B 26 -2.80 0.32 9.22
C THR B 26 -2.42 -1.07 9.40
N SER B 27 -1.21 -1.25 10.00
CA SER B 27 -0.59 -2.56 10.21
C SER B 27 0.45 -2.55 11.38
N CYS B 28 0.63 -3.74 11.98
CA CYS B 28 1.56 -3.99 13.08
C CYS B 28 3.03 -4.23 12.63
N ILE B 29 3.32 -4.28 11.35
CA ILE B 29 4.63 -4.46 10.60
C ILE B 29 4.33 -4.21 9.12
N ASP B 30 5.40 -3.95 8.34
CA ASP B 30 5.30 -3.64 6.91
C ASP B 30 5.12 -4.86 6.04
N ILE B 31 4.90 -6.07 6.61
CA ILE B 31 4.50 -7.23 5.87
C ILE B 31 3.00 -7.31 5.65
N LEU B 32 2.58 -7.06 4.42
CA LEU B 32 1.23 -6.90 3.97
C LEU B 32 0.81 -7.94 2.87
N ASP B 33 -0.42 -7.78 2.44
CA ASP B 33 -1.08 -8.67 1.47
C ASP B 33 -2.06 -7.84 0.56
N ASP B 34 -2.14 -8.22 -0.69
CA ASP B 34 -3.16 -7.83 -1.67
C ASP B 34 -3.59 -8.98 -2.59
N GLY B 35 -3.31 -10.20 -2.22
CA GLY B 35 -3.81 -11.44 -2.82
C GLY B 35 -3.10 -11.93 -4.09
N TYR B 36 -2.38 -11.04 -4.75
CA TYR B 36 -1.51 -11.40 -5.85
C TYR B 36 -0.20 -11.96 -5.34
N ARG B 37 0.78 -12.51 -6.10
CA ARG B 37 2.03 -13.17 -5.68
C ARG B 37 3.22 -12.50 -6.29
N TRP B 38 4.23 -12.28 -5.45
CA TRP B 38 5.24 -11.35 -5.77
C TRP B 38 6.69 -11.91 -5.47
N ARG B 39 7.69 -11.24 -6.00
CA ARG B 39 9.09 -11.46 -5.69
C ARG B 39 9.66 -10.11 -5.28
N LYS B 40 10.49 -10.11 -4.21
CA LYS B 40 11.09 -8.82 -3.68
C LYS B 40 12.24 -8.37 -4.59
N TYR B 41 12.10 -7.20 -5.11
CA TYR B 41 13.16 -6.60 -5.91
C TYR B 41 14.27 -6.08 -4.99
N GLY B 42 13.95 -5.72 -3.73
CA GLY B 42 14.93 -5.34 -2.70
C GLY B 42 14.40 -4.33 -1.69
N GLN B 43 15.31 -3.54 -1.03
CA GLN B 43 14.94 -2.45 -0.14
C GLN B 43 16.02 -1.34 -0.10
N LYS B 44 15.71 -0.10 0.25
CA LYS B 44 16.66 1.06 0.39
C LYS B 44 16.31 1.90 1.58
N VAL B 45 17.33 2.55 2.12
CA VAL B 45 17.13 3.67 3.09
C VAL B 45 16.27 4.85 2.59
N VAL B 46 15.46 5.35 3.52
CA VAL B 46 14.51 6.48 3.37
C VAL B 46 14.36 7.36 4.62
N CYS B 47 13.82 8.55 4.46
CA CYS B 47 13.68 9.50 5.53
C CYS B 47 12.82 8.99 6.72
N GLY B 48 13.20 9.39 8.00
CA GLY B 48 12.30 9.27 9.09
C GLY B 48 12.09 7.86 9.66
N ASN B 49 11.64 6.93 8.82
CA ASN B 49 11.44 5.58 9.26
C ASN B 49 12.84 4.98 9.59
N PRO B 50 12.97 4.32 10.77
CA PRO B 50 14.19 3.53 11.07
C PRO B 50 14.46 2.44 9.96
N ASN B 51 13.37 1.98 9.33
CA ASN B 51 13.46 0.91 8.31
C ASN B 51 13.41 1.36 6.85
N PRO B 52 13.69 0.46 5.85
CA PRO B 52 13.43 0.71 4.40
C PRO B 52 12.09 0.99 3.86
N ARG B 53 12.11 1.58 2.62
CA ARG B 53 11.15 1.33 1.60
C ARG B 53 11.56 -0.02 1.05
N SER B 54 10.65 -1.01 1.06
CA SER B 54 10.74 -2.21 0.26
C SER B 54 10.14 -2.12 -1.19
N TYR B 55 10.67 -2.87 -2.18
CA TYR B 55 10.35 -2.87 -3.63
C TYR B 55 9.93 -4.27 -4.04
N TYR B 56 8.83 -4.52 -4.78
CA TYR B 56 8.24 -5.88 -5.20
C TYR B 56 7.78 -5.92 -6.68
N LYS B 57 7.98 -7.08 -7.30
CA LYS B 57 7.68 -7.52 -8.73
C LYS B 57 6.64 -8.60 -8.74
N CYS B 58 5.73 -8.53 -9.76
CA CYS B 58 4.63 -9.56 -9.89
C CYS B 58 5.20 -10.78 -10.59
N THR B 59 5.23 -11.98 -9.99
CA THR B 59 5.79 -13.20 -10.57
C THR B 59 5.11 -13.84 -11.80
N THR B 60 3.94 -13.34 -12.09
CA THR B 60 3.18 -13.80 -13.25
C THR B 60 3.93 -13.44 -14.58
N ILE B 61 3.86 -14.37 -15.56
CA ILE B 61 4.34 -14.34 -16.88
C ILE B 61 3.45 -13.42 -17.77
N GLY B 62 4.04 -12.46 -18.47
CA GLY B 62 3.39 -11.41 -19.14
C GLY B 62 2.66 -10.35 -18.32
N CYS B 63 3.20 -10.07 -17.09
CA CYS B 63 2.68 -9.05 -16.13
C CYS B 63 3.84 -8.06 -15.75
N PRO B 64 3.78 -6.84 -16.22
CA PRO B 64 4.83 -5.81 -16.05
C PRO B 64 4.96 -5.27 -14.66
N VAL B 65 3.92 -5.44 -13.86
CA VAL B 65 3.56 -4.62 -12.72
C VAL B 65 4.62 -4.72 -11.57
N ARG B 66 5.08 -3.55 -11.09
CA ARG B 66 5.89 -3.48 -9.80
C ARG B 66 5.10 -2.69 -8.75
N LYS B 67 5.67 -2.64 -7.55
CA LYS B 67 5.13 -1.83 -6.35
C LYS B 67 6.24 -1.52 -5.35
N HIS B 68 6.22 -0.33 -4.70
CA HIS B 68 6.99 -0.06 -3.51
C HIS B 68 6.10 0.16 -2.28
N VAL B 69 6.61 -0.24 -1.10
CA VAL B 69 5.93 -0.33 0.15
C VAL B 69 6.87 0.23 1.27
N GLU B 70 6.26 1.03 2.17
CA GLU B 70 6.92 1.67 3.27
C GLU B 70 5.97 1.97 4.46
N ARG B 71 6.49 1.96 5.71
CA ARG B 71 5.76 2.46 6.86
C ARG B 71 6.14 3.95 7.02
N ALA B 72 5.18 4.77 7.35
CA ALA B 72 5.28 6.26 7.39
C ALA B 72 6.52 6.78 8.11
N SER B 73 6.89 8.01 7.78
CA SER B 73 8.11 8.57 8.37
C SER B 73 7.84 9.13 9.84
N HIS B 74 6.60 9.17 10.28
CA HIS B 74 6.25 9.65 11.63
C HIS B 74 5.37 8.72 12.51
N ASP B 75 4.87 7.65 12.02
CA ASP B 75 3.74 6.84 12.61
C ASP B 75 4.09 5.37 12.47
N MET B 76 4.34 4.67 13.55
CA MET B 76 4.84 3.31 13.47
C MET B 76 3.75 2.22 13.33
N ARG B 77 2.58 2.64 12.92
CA ARG B 77 1.51 1.77 12.38
C ARG B 77 1.07 2.03 10.96
N ALA B 78 1.18 3.27 10.50
CA ALA B 78 0.73 3.64 9.15
C ALA B 78 1.59 3.06 8.01
N VAL B 79 1.01 2.37 6.99
CA VAL B 79 1.72 1.82 5.83
C VAL B 79 1.08 2.27 4.54
N ILE B 80 1.90 2.67 3.54
CA ILE B 80 1.45 3.05 2.14
C ILE B 80 2.20 2.26 1.10
N THR B 81 1.37 1.79 0.19
CA THR B 81 1.78 0.97 -0.98
C THR B 81 1.56 1.81 -2.27
N THR B 82 2.57 1.94 -3.14
CA THR B 82 2.41 2.64 -4.47
C THR B 82 2.58 1.52 -5.55
N TYR B 83 1.65 1.36 -6.56
CA TYR B 83 1.83 0.48 -7.74
C TYR B 83 2.39 1.20 -8.98
N GLU B 84 3.02 0.44 -9.83
CA GLU B 84 3.26 0.76 -11.28
C GLU B 84 2.32 0.08 -12.29
N GLY B 85 1.07 0.69 -12.40
CA GLY B 85 -0.05 0.15 -13.24
C GLY B 85 -0.94 -0.83 -12.45
N LYS B 86 -2.02 -1.11 -13.21
CA LYS B 86 -2.89 -2.26 -12.83
C LYS B 86 -2.56 -3.57 -13.49
N HIS B 87 -2.93 -4.71 -12.84
CA HIS B 87 -2.69 -6.06 -13.33
C HIS B 87 -3.80 -6.43 -14.37
N ASN B 88 -3.38 -6.86 -15.55
CA ASN B 88 -4.30 -7.34 -16.58
C ASN B 88 -5.02 -8.72 -16.31
N HIS B 89 -4.56 -9.40 -15.28
CA HIS B 89 -5.05 -10.70 -14.82
C HIS B 89 -5.86 -10.43 -13.43
N ASP B 90 -7.12 -10.89 -13.41
CA ASP B 90 -7.95 -10.95 -12.25
C ASP B 90 -7.65 -12.22 -11.38
N VAL B 91 -7.25 -13.31 -12.01
CA VAL B 91 -6.85 -14.60 -11.30
C VAL B 91 -5.38 -14.36 -10.81
N PRO B 92 -5.06 -14.86 -9.64
CA PRO B 92 -3.68 -14.79 -9.02
C PRO B 92 -2.91 -16.10 -8.99
N SER A 37 -4.53 0.56 21.81
CA SER A 37 -4.62 1.42 20.63
C SER A 37 -5.61 0.74 19.72
N ASN A 38 -5.93 1.44 18.63
CA ASN A 38 -6.84 0.96 17.60
C ASN A 38 -6.22 -0.02 16.58
N PRO A 39 -6.95 -0.91 15.93
CA PRO A 39 -6.47 -2.01 15.12
C PRO A 39 -5.70 -1.78 13.84
N MET A 40 -5.27 -2.81 13.13
CA MET A 40 -4.98 -2.83 11.68
C MET A 40 -6.24 -2.57 10.85
N ARG A 41 -6.07 -2.37 9.53
CA ARG A 41 -7.05 -2.37 8.45
C ARG A 41 -6.57 -2.86 7.04
N VAL A 42 -5.63 -3.82 7.03
CA VAL A 42 -4.91 -4.42 5.84
C VAL A 42 -5.86 -5.23 4.98
N GLN A 43 -6.76 -6.00 5.66
CA GLN A 43 -7.61 -6.97 5.02
C GLN A 43 -8.56 -6.23 4.04
N THR A 44 -9.34 -5.22 4.40
CA THR A 44 -10.14 -4.36 3.51
C THR A 44 -9.30 -3.54 2.55
N CYS A 45 -8.04 -3.18 2.90
CA CYS A 45 -7.19 -2.54 1.90
C CYS A 45 -6.78 -3.55 0.85
N ALA A 46 -6.77 -4.85 1.11
CA ALA A 46 -6.59 -5.82 0.02
C ALA A 46 -7.83 -5.95 -0.92
N SER A 47 -9.02 -5.31 -0.63
CA SER A 47 -10.22 -5.34 -1.57
C SER A 47 -9.86 -4.66 -2.96
N LYS A 48 -10.27 -5.35 -4.08
CA LYS A 48 -9.98 -4.97 -5.45
C LYS A 48 -10.73 -3.70 -5.85
N PHE A 49 -10.09 -2.94 -6.69
CA PHE A 49 -10.76 -1.74 -7.41
C PHE A 49 -10.16 -1.52 -8.79
N ARG A 50 -11.00 -1.15 -9.77
CA ARG A 50 -10.60 -0.80 -11.14
C ARG A 50 -10.29 0.69 -11.26
N GLU A 51 -10.82 1.56 -10.44
CA GLU A 51 -10.33 2.99 -10.33
C GLU A 51 -8.83 3.20 -9.90
N LEU A 52 -8.29 4.47 -10.01
CA LEU A 52 -6.96 4.94 -9.56
C LEU A 52 -7.00 5.36 -8.06
N VAL A 53 -8.21 5.43 -7.46
CA VAL A 53 -8.44 5.80 -6.00
C VAL A 53 -9.43 4.84 -5.39
N GLN A 54 -8.98 4.13 -4.31
CA GLN A 54 -9.75 3.10 -3.51
C GLN A 54 -10.85 3.80 -2.66
N GLU A 55 -12.05 3.23 -2.69
CA GLU A 55 -13.15 3.76 -1.84
C GLU A 55 -12.73 4.14 -0.42
N LEU A 56 -11.87 3.32 0.21
CA LEU A 56 -11.38 3.52 1.59
C LEU A 56 -10.42 4.68 1.72
N THR A 57 -10.15 5.45 0.68
CA THR A 57 -9.20 6.52 0.70
C THR A 57 -9.86 7.72 1.42
N GLY A 58 -9.36 7.98 2.62
CA GLY A 58 -9.67 9.20 3.32
C GLY A 58 -8.47 10.17 3.49
N GLN A 59 -8.13 10.60 4.73
CA GLN A 59 -7.02 11.47 5.14
C GLN A 59 -5.52 10.90 5.23
N ASP A 60 -5.34 9.65 4.89
CA ASP A 60 -4.11 8.87 4.94
C ASP A 60 -3.36 8.93 6.37
N ALA A 61 -4.03 8.65 7.50
CA ALA A 61 -5.40 8.30 7.69
C ALA A 61 -5.89 8.49 9.10
N VAL A 62 -7.25 8.39 9.29
CA VAL A 62 -7.88 8.30 10.62
C VAL A 62 -8.58 6.98 10.77
N ASP A 63 -8.58 6.51 11.96
CA ASP A 63 -9.36 5.33 12.33
C ASP A 63 -10.87 5.37 12.18
N LEU A 64 -11.50 4.21 12.12
CA LEU A 64 -12.98 4.04 12.13
C LEU A 64 -13.48 4.23 13.56
N GLN A 65 -12.71 3.79 14.55
CA GLN A 65 -12.93 4.05 16.05
C GLN A 65 -12.53 5.54 16.48
N PRO A 66 -13.03 5.99 17.69
CA PRO A 66 -12.47 7.20 18.35
C PRO A 66 -10.98 7.03 18.70
N GLU A 67 -10.12 8.08 18.57
CA GLU A 67 -8.73 7.98 18.95
C GLU A 67 -8.43 8.16 20.50
N PRO A 68 -7.47 7.40 21.07
CA PRO A 68 -7.15 7.53 22.47
C PRO A 68 -6.19 8.79 22.49
N ILE A 69 -6.78 9.88 22.95
CA ILE A 69 -6.15 11.23 22.81
C ILE A 69 -4.90 11.47 23.66
N TYR A 70 -4.57 10.58 24.63
CA TYR A 70 -3.49 10.68 25.60
C TYR A 70 -2.13 10.70 25.02
N SER A 71 -1.35 11.75 25.19
CA SER A 71 0.03 11.86 24.74
C SER A 71 0.96 11.03 25.62
N LYS B 14 -3.73 19.72 -15.21
CA LYS B 14 -4.22 18.73 -14.32
C LYS B 14 -3.08 18.24 -13.42
N THR B 15 -3.33 17.41 -12.40
CA THR B 15 -2.36 16.41 -11.76
C THR B 15 -2.66 14.90 -11.74
N VAL B 16 -1.67 13.98 -11.92
CA VAL B 16 -1.99 12.65 -12.28
C VAL B 16 -1.25 11.53 -11.51
N ARG B 17 -1.79 10.30 -11.47
CA ARG B 17 -1.28 9.15 -10.71
C ARG B 17 -1.39 7.77 -11.41
N GLU B 18 -1.56 7.85 -12.69
CA GLU B 18 -1.80 6.65 -13.57
C GLU B 18 -0.67 5.52 -13.51
N PRO B 19 0.62 5.84 -13.27
CA PRO B 19 1.75 4.79 -13.11
C PRO B 19 2.21 4.61 -11.66
N ARG B 20 1.43 5.16 -10.71
CA ARG B 20 1.90 5.33 -9.28
C ARG B 20 0.68 5.39 -8.26
N ILE B 21 -0.31 4.47 -8.40
CA ILE B 21 -1.54 4.27 -7.54
C ILE B 21 -1.19 3.93 -6.09
N VAL B 22 -1.82 4.57 -5.07
CA VAL B 22 -1.46 4.41 -3.71
C VAL B 22 -2.60 3.92 -2.78
N VAL B 23 -2.24 3.14 -1.73
CA VAL B 23 -3.18 2.80 -0.65
C VAL B 23 -2.56 2.86 0.74
N GLN B 24 -3.00 3.71 1.63
CA GLN B 24 -2.56 3.80 3.04
C GLN B 24 -3.41 2.87 3.99
N THR B 25 -2.73 2.25 4.98
CA THR B 25 -3.43 1.40 5.99
C THR B 25 -2.67 1.28 7.28
N THR B 26 -3.38 0.87 8.33
CA THR B 26 -2.68 0.59 9.60
C THR B 26 -2.39 -0.84 9.64
N SER B 27 -1.15 -1.13 9.98
CA SER B 27 -0.61 -2.51 10.19
C SER B 27 0.43 -2.52 11.29
N CYS B 28 0.50 -3.63 12.07
CA CYS B 28 1.59 -3.99 12.98
C CYS B 28 3.01 -4.18 12.32
N ILE B 29 3.14 -4.35 11.00
CA ILE B 29 4.40 -4.63 10.24
C ILE B 29 4.26 -4.11 8.80
N ASP B 30 5.33 -3.61 8.19
CA ASP B 30 5.42 -3.06 6.82
C ASP B 30 5.39 -4.10 5.73
N ILE B 31 4.85 -5.28 6.01
CA ILE B 31 4.66 -6.43 5.03
C ILE B 31 3.16 -6.68 5.01
N LEU B 32 2.48 -6.56 3.84
CA LEU B 32 1.01 -6.60 3.78
C LEU B 32 0.48 -7.60 2.77
N ASP B 33 -0.89 -7.72 2.66
CA ASP B 33 -1.66 -8.41 1.61
C ASP B 33 -2.35 -7.55 0.48
N ASP B 34 -2.42 -8.12 -0.74
CA ASP B 34 -3.24 -7.73 -1.92
C ASP B 34 -3.71 -8.88 -2.85
N GLY B 35 -3.47 -10.13 -2.40
CA GLY B 35 -3.93 -11.36 -3.07
C GLY B 35 -3.04 -11.77 -4.30
N TYR B 36 -2.35 -10.85 -4.95
CA TYR B 36 -1.41 -11.16 -6.06
C TYR B 36 -0.10 -11.69 -5.64
N ARG B 37 0.65 -12.30 -6.54
CA ARG B 37 1.88 -13.02 -6.30
C ARG B 37 3.02 -12.08 -6.66
N TRP B 38 3.79 -11.76 -5.61
CA TRP B 38 4.96 -10.88 -5.77
C TRP B 38 6.31 -11.61 -5.60
N ARG B 39 7.48 -11.06 -5.99
CA ARG B 39 8.89 -11.29 -5.52
C ARG B 39 9.49 -9.90 -5.31
N LYS B 40 10.34 -9.97 -4.28
CA LYS B 40 11.14 -8.86 -3.92
C LYS B 40 12.13 -8.52 -5.02
N TYR B 41 12.18 -7.20 -5.35
CA TYR B 41 12.92 -6.67 -6.54
C TYR B 41 14.06 -5.77 -6.01
N GLY B 42 13.98 -5.39 -4.70
CA GLY B 42 15.06 -4.68 -4.05
C GLY B 42 14.57 -3.95 -2.85
N GLN B 43 15.40 -3.20 -2.16
CA GLN B 43 15.08 -2.17 -1.09
C GLN B 43 16.10 -0.99 -0.85
N LYS B 44 15.53 0.12 -0.42
CA LYS B 44 16.15 1.46 -0.45
C LYS B 44 15.78 2.23 0.77
N VAL B 45 16.63 3.19 1.19
CA VAL B 45 16.54 4.15 2.26
C VAL B 45 15.50 5.30 2.00
N VAL B 46 14.86 5.88 3.07
CA VAL B 46 13.57 6.71 3.10
C VAL B 46 13.78 7.59 4.32
N CYS B 47 13.25 8.82 4.10
CA CYS B 47 13.43 9.91 5.10
C CYS B 47 12.70 9.54 6.41
N GLY B 48 13.30 9.83 7.59
CA GLY B 48 12.67 9.69 8.87
C GLY B 48 12.23 8.30 9.36
N ASN B 49 12.21 7.31 8.45
CA ASN B 49 11.85 5.96 8.77
C ASN B 49 13.16 5.14 8.87
N PRO B 50 13.31 4.29 9.91
CA PRO B 50 14.52 3.46 10.07
C PRO B 50 14.33 2.20 9.12
N ASN B 51 13.19 1.61 8.83
CA ASN B 51 13.06 0.51 7.86
C ASN B 51 13.42 0.97 6.44
N PRO B 52 13.86 0.07 5.56
CA PRO B 52 13.87 0.31 4.11
C PRO B 52 12.43 0.29 3.48
N ARG B 53 12.18 1.04 2.44
CA ARG B 53 11.10 0.85 1.47
C ARG B 53 11.33 -0.33 0.52
N SER B 54 10.33 -1.23 0.42
CA SER B 54 10.55 -2.59 -0.22
C SER B 54 9.88 -2.65 -1.57
N TYR B 55 10.74 -2.76 -2.58
CA TYR B 55 10.31 -2.89 -4.01
C TYR B 55 9.92 -4.36 -4.34
N TYR B 56 8.97 -4.53 -5.25
CA TYR B 56 8.32 -5.83 -5.50
C TYR B 56 7.95 -5.84 -6.99
N LYS B 57 8.15 -6.99 -7.58
CA LYS B 57 7.75 -7.37 -8.96
C LYS B 57 6.65 -8.45 -8.98
N CYS B 58 5.69 -8.32 -9.87
CA CYS B 58 4.67 -9.37 -9.96
C CYS B 58 5.36 -10.61 -10.62
N THR B 59 5.12 -11.79 -10.05
CA THR B 59 5.82 -13.05 -10.51
C THR B 59 5.30 -13.67 -11.76
N THR B 60 4.17 -13.21 -12.29
CA THR B 60 3.58 -13.79 -13.54
C THR B 60 4.52 -13.51 -14.75
N ILE B 61 4.66 -14.54 -15.60
CA ILE B 61 5.48 -14.43 -16.83
C ILE B 61 4.67 -13.68 -17.88
N GLY B 62 5.17 -12.53 -18.43
CA GLY B 62 4.50 -11.53 -19.22
C GLY B 62 3.73 -10.48 -18.41
N CYS B 63 4.21 -10.10 -17.24
CA CYS B 63 3.60 -9.09 -16.35
C CYS B 63 4.71 -8.17 -15.80
N PRO B 64 4.69 -6.86 -16.25
CA PRO B 64 5.69 -5.86 -15.93
C PRO B 64 5.54 -5.30 -14.54
N VAL B 65 4.41 -5.56 -13.86
CA VAL B 65 3.97 -4.68 -12.84
C VAL B 65 4.89 -4.73 -11.56
N ARG B 66 5.31 -3.56 -11.10
CA ARG B 66 6.09 -3.41 -9.82
C ARG B 66 5.21 -2.76 -8.77
N LYS B 67 5.61 -2.73 -7.52
CA LYS B 67 5.01 -1.94 -6.41
C LYS B 67 6.07 -1.66 -5.37
N HIS B 68 5.75 -0.93 -4.33
CA HIS B 68 6.64 -0.92 -3.18
C HIS B 68 5.86 -0.64 -1.87
N VAL B 69 6.45 -0.81 -0.73
CA VAL B 69 5.71 -0.82 0.56
C VAL B 69 6.62 -0.24 1.68
N GLU B 70 6.12 0.76 2.42
CA GLU B 70 6.98 1.50 3.39
C GLU B 70 6.17 1.90 4.64
N ARG B 71 6.80 1.94 5.84
CA ARG B 71 6.22 2.58 7.02
C ARG B 71 6.07 4.14 6.90
N ALA B 72 5.13 4.70 7.61
CA ALA B 72 4.98 6.19 7.69
C ALA B 72 5.97 6.88 8.67
N SER B 73 6.67 7.99 8.26
CA SER B 73 7.92 8.42 8.98
C SER B 73 7.59 9.13 10.34
N HIS B 74 6.28 9.42 10.58
CA HIS B 74 5.73 10.05 11.84
C HIS B 74 5.00 9.07 12.79
N ASP B 75 4.52 7.94 12.26
CA ASP B 75 3.59 7.15 13.02
C ASP B 75 3.68 5.66 12.58
N MET B 76 4.21 4.88 13.49
CA MET B 76 4.86 3.61 13.17
C MET B 76 3.83 2.45 12.80
N ARG B 77 2.59 2.58 13.27
CA ARG B 77 1.46 1.77 12.91
C ARG B 77 1.00 1.94 11.44
N ALA B 78 1.33 3.03 10.74
CA ALA B 78 0.89 3.40 9.42
C ALA B 78 1.78 2.84 8.30
N VAL B 79 1.25 2.28 7.22
CA VAL B 79 2.04 1.66 6.16
C VAL B 79 1.41 2.02 4.74
N ILE B 80 2.27 2.41 3.80
CA ILE B 80 1.86 2.87 2.50
C ILE B 80 2.23 1.90 1.44
N THR B 81 1.38 1.50 0.51
CA THR B 81 1.73 0.85 -0.77
C THR B 81 1.62 1.72 -1.96
N THR B 82 2.65 1.70 -2.81
CA THR B 82 2.83 2.39 -4.05
C THR B 82 2.97 1.46 -5.25
N TYR B 83 1.88 1.21 -6.01
CA TYR B 83 1.73 0.38 -7.19
C TYR B 83 2.15 1.06 -8.47
N GLU B 84 3.19 0.51 -9.10
CA GLU B 84 3.73 1.04 -10.37
C GLU B 84 2.94 0.61 -11.63
N GLY B 85 1.87 -0.15 -11.40
CA GLY B 85 1.00 -0.65 -12.50
C GLY B 85 -0.34 -1.30 -12.16
N LYS B 86 -0.95 -2.04 -13.14
CA LYS B 86 -2.16 -2.80 -12.96
C LYS B 86 -2.02 -4.15 -13.60
N HIS B 87 -2.69 -5.26 -13.12
CA HIS B 87 -2.35 -6.53 -13.68
C HIS B 87 -3.34 -6.96 -14.80
N ASN B 88 -2.74 -7.26 -15.97
CA ASN B 88 -3.51 -7.83 -17.10
C ASN B 88 -3.86 -9.28 -16.88
N HIS B 89 -4.25 -9.69 -15.66
CA HIS B 89 -4.66 -11.11 -15.30
C HIS B 89 -5.43 -11.08 -14.00
N ASP B 90 -6.58 -11.65 -14.03
CA ASP B 90 -7.52 -11.48 -12.85
C ASP B 90 -7.34 -12.69 -11.89
N VAL B 91 -6.85 -13.85 -12.39
CA VAL B 91 -6.35 -15.00 -11.60
C VAL B 91 -4.84 -14.82 -11.28
N PRO B 92 -4.44 -15.00 -10.03
CA PRO B 92 -3.09 -14.74 -9.56
C PRO B 92 -2.05 -15.83 -9.76
N SER A 37 -16.68 0.43 14.02
CA SER A 37 -15.25 0.32 13.88
C SER A 37 -14.68 -1.09 13.73
N ASN A 38 -14.15 -1.37 12.50
CA ASN A 38 -13.38 -2.53 12.18
C ASN A 38 -11.92 -2.41 12.71
N PRO A 39 -11.26 -3.51 12.99
CA PRO A 39 -9.90 -3.51 13.47
C PRO A 39 -8.90 -2.79 12.50
N MET A 40 -7.66 -2.67 12.93
CA MET A 40 -6.57 -2.11 12.17
C MET A 40 -6.32 -3.02 10.93
N ARG A 41 -6.08 -2.47 9.74
CA ARG A 41 -6.31 -3.14 8.44
C ARG A 41 -5.16 -4.08 7.95
N VAL A 42 -4.32 -4.59 8.85
CA VAL A 42 -3.18 -5.53 8.61
C VAL A 42 -3.60 -6.79 7.79
N GLN A 43 -4.83 -7.28 7.84
CA GLN A 43 -5.36 -8.38 7.06
C GLN A 43 -6.56 -8.06 6.16
N THR A 44 -7.35 -7.04 6.61
CA THR A 44 -8.51 -6.46 5.90
C THR A 44 -8.24 -6.01 4.45
N CYS A 45 -7.01 -5.53 4.17
CA CYS A 45 -6.37 -5.09 2.89
C CYS A 45 -6.47 -6.07 1.74
N ALA A 46 -6.56 -7.41 1.91
CA ALA A 46 -6.52 -8.41 0.82
C ALA A 46 -7.34 -8.28 -0.45
N SER A 47 -8.53 -7.71 -0.36
CA SER A 47 -9.33 -7.42 -1.47
C SER A 47 -8.73 -6.61 -2.60
N LYS A 48 -9.19 -6.95 -3.81
CA LYS A 48 -8.49 -6.31 -5.01
C LYS A 48 -9.25 -5.07 -5.52
N PHE A 49 -8.55 -4.22 -6.34
CA PHE A 49 -9.20 -2.92 -6.67
C PHE A 49 -10.40 -3.04 -7.63
N ARG A 50 -11.53 -2.46 -7.26
CA ARG A 50 -12.73 -2.19 -8.07
C ARG A 50 -12.60 -0.77 -8.61
N GLU A 51 -12.16 0.18 -7.79
CA GLU A 51 -11.59 1.44 -8.24
C GLU A 51 -10.17 1.64 -7.79
N LEU A 52 -9.34 2.36 -8.61
CA LEU A 52 -7.93 2.69 -8.39
C LEU A 52 -7.76 3.66 -7.19
N VAL A 53 -8.88 4.15 -6.59
CA VAL A 53 -8.92 5.10 -5.45
C VAL A 53 -9.92 4.51 -4.46
N GLN A 54 -9.45 4.41 -3.24
CA GLN A 54 -10.23 3.86 -2.14
C GLN A 54 -11.05 4.84 -1.32
N GLU A 55 -12.04 4.38 -0.49
CA GLU A 55 -13.05 5.30 0.18
C GLU A 55 -12.50 5.77 1.57
N LEU A 56 -11.63 4.88 2.07
CA LEU A 56 -10.74 5.16 3.18
C LEU A 56 -9.48 5.93 2.74
N THR A 57 -9.70 7.26 2.54
CA THR A 57 -8.65 8.19 2.17
C THR A 57 -8.64 9.48 2.97
N GLY A 58 -7.46 10.06 3.16
CA GLY A 58 -7.33 11.40 3.80
C GLY A 58 -5.89 11.79 4.07
N GLN A 59 -5.58 12.21 5.33
CA GLN A 59 -4.29 12.58 5.84
C GLN A 59 -3.42 11.33 6.06
N ASP A 60 -3.52 10.28 5.21
CA ASP A 60 -2.88 8.96 5.41
C ASP A 60 -3.07 8.25 6.79
N ALA A 61 -4.34 8.07 7.22
CA ALA A 61 -5.58 7.98 6.45
C ALA A 61 -6.80 8.67 7.12
N VAL A 62 -6.56 9.56 8.09
CA VAL A 62 -7.65 10.34 8.87
C VAL A 62 -8.36 11.35 7.85
N ASP A 63 -9.57 11.17 7.46
CA ASP A 63 -10.49 12.14 6.79
C ASP A 63 -10.34 13.58 7.39
N LEU A 64 -10.86 14.61 6.62
CA LEU A 64 -10.22 15.96 6.68
C LEU A 64 -10.60 16.87 7.89
N GLN A 65 -11.20 16.29 8.91
CA GLN A 65 -11.38 16.80 10.25
C GLN A 65 -10.48 15.93 11.25
N PRO A 66 -9.23 16.40 11.46
CA PRO A 66 -8.25 15.83 12.37
C PRO A 66 -8.79 15.65 13.82
N GLU A 67 -8.28 14.63 14.44
CA GLU A 67 -8.74 14.17 15.75
C GLU A 67 -8.44 15.14 16.92
N PRO A 68 -9.29 15.29 18.00
CA PRO A 68 -8.88 15.77 19.33
C PRO A 68 -7.81 14.93 19.91
N ILE A 69 -6.94 15.52 20.79
CA ILE A 69 -5.99 14.69 21.57
C ILE A 69 -6.66 14.07 22.87
N TYR A 70 -7.00 12.81 22.70
CA TYR A 70 -7.74 11.96 23.67
C TYR A 70 -6.93 11.55 24.97
N SER A 71 -5.61 11.73 24.98
CA SER A 71 -4.70 11.44 26.13
C SER A 71 -5.29 11.96 27.49
N LYS B 14 -13.67 12.23 -12.60
CA LYS B 14 -13.14 11.40 -13.70
C LYS B 14 -11.92 12.00 -14.50
N THR B 15 -10.70 11.70 -14.05
CA THR B 15 -9.48 12.04 -14.81
C THR B 15 -8.58 10.83 -14.98
N VAL B 16 -7.32 10.96 -15.54
CA VAL B 16 -6.36 9.84 -15.63
C VAL B 16 -5.74 9.59 -14.25
N ARG B 17 -5.90 8.35 -13.83
CA ARG B 17 -5.65 7.75 -12.51
C ARG B 17 -4.76 6.45 -12.50
N GLU B 18 -4.79 5.75 -13.62
CA GLU B 18 -4.19 4.48 -13.86
C GLU B 18 -2.62 4.52 -13.63
N PRO B 19 -1.78 5.46 -14.02
CA PRO B 19 -0.29 5.22 -14.15
C PRO B 19 0.40 4.95 -12.85
N ARG B 20 -0.02 5.46 -11.65
CA ARG B 20 0.54 5.01 -10.36
C ARG B 20 -0.61 4.94 -9.31
N ILE B 21 -0.61 3.87 -8.49
CA ILE B 21 -1.70 3.65 -7.57
C ILE B 21 -1.07 3.66 -6.11
N VAL B 22 -1.80 4.17 -5.18
CA VAL B 22 -1.41 4.31 -3.77
C VAL B 22 -2.50 3.98 -2.77
N VAL B 23 -2.14 3.28 -1.71
CA VAL B 23 -2.98 2.99 -0.57
C VAL B 23 -2.19 2.96 0.73
N GLN B 24 -2.56 3.77 1.74
CA GLN B 24 -2.18 3.61 3.16
C GLN B 24 -3.05 2.51 3.81
N THR B 25 -2.45 1.71 4.68
CA THR B 25 -3.23 0.88 5.66
C THR B 25 -2.71 1.04 7.08
N THR B 26 -3.64 0.81 7.99
CA THR B 26 -3.34 0.80 9.40
C THR B 26 -2.89 -0.58 9.78
N SER B 27 -1.64 -0.61 10.30
CA SER B 27 -0.95 -1.89 10.55
C SER B 27 0.31 -1.73 11.35
N CYS B 28 0.65 -2.78 12.08
CA CYS B 28 1.82 -2.88 12.97
C CYS B 28 3.14 -3.42 12.32
N ILE B 29 3.01 -4.04 11.13
CA ILE B 29 4.11 -4.58 10.27
C ILE B 29 3.98 -4.32 8.70
N ASP B 30 5.06 -4.50 7.89
CA ASP B 30 5.10 -4.26 6.45
C ASP B 30 4.63 -5.45 5.52
N ILE B 31 4.38 -6.63 6.12
CA ILE B 31 4.05 -7.90 5.39
C ILE B 31 2.58 -8.08 5.29
N LEU B 32 2.01 -7.97 4.10
CA LEU B 32 0.57 -7.68 3.91
C LEU B 32 0.07 -8.37 2.64
N ASP B 33 -1.24 -8.68 2.56
CA ASP B 33 -1.82 -9.11 1.30
C ASP B 33 -2.50 -8.02 0.49
N ASP B 34 -2.57 -8.31 -0.81
CA ASP B 34 -3.29 -7.55 -1.87
C ASP B 34 -3.88 -8.50 -2.98
N GLY B 35 -3.97 -9.82 -2.73
CA GLY B 35 -4.44 -10.78 -3.66
C GLY B 35 -3.57 -11.20 -4.87
N TYR B 36 -2.43 -10.57 -5.09
CA TYR B 36 -1.44 -11.09 -6.04
C TYR B 36 -0.11 -11.52 -5.37
N ARG B 37 0.79 -12.21 -6.09
CA ARG B 37 1.98 -12.77 -5.48
C ARG B 37 3.24 -12.09 -5.95
N TRP B 38 4.09 -11.68 -5.05
CA TRP B 38 5.21 -10.74 -5.22
C TRP B 38 6.58 -11.23 -4.93
N ARG B 39 7.58 -11.09 -5.79
CA ARG B 39 8.98 -11.34 -5.44
C ARG B 39 9.82 -10.05 -5.42
N LYS B 40 10.80 -10.04 -4.46
CA LYS B 40 11.65 -8.83 -4.15
C LYS B 40 12.74 -8.71 -5.22
N TYR B 41 13.19 -7.49 -5.48
CA TYR B 41 14.32 -7.20 -6.40
C TYR B 41 15.13 -5.98 -5.96
N GLY B 42 14.73 -5.35 -4.84
CA GLY B 42 15.65 -4.37 -4.23
C GLY B 42 15.06 -3.57 -3.08
N GLN B 43 15.81 -2.50 -2.67
CA GLN B 43 15.59 -1.73 -1.43
C GLN B 43 16.17 -0.33 -1.51
N LYS B 44 15.72 0.74 -0.72
CA LYS B 44 16.28 2.06 -0.63
C LYS B 44 16.02 2.69 0.70
N VAL B 45 17.02 3.32 1.23
CA VAL B 45 16.94 3.96 2.56
C VAL B 45 16.16 5.27 2.49
N VAL B 46 15.24 5.51 3.44
CA VAL B 46 14.27 6.66 3.41
C VAL B 46 14.40 7.52 4.65
N CYS B 47 13.95 8.79 4.65
CA CYS B 47 13.82 9.65 5.84
C CYS B 47 12.54 9.34 6.71
N GLY B 48 12.51 9.80 7.96
CA GLY B 48 11.28 9.72 8.83
C GLY B 48 10.97 8.36 9.47
N ASN B 49 11.75 7.34 9.01
CA ASN B 49 11.64 5.90 9.34
C ASN B 49 13.02 5.17 9.18
N PRO B 50 13.58 4.41 10.18
CA PRO B 50 14.89 3.76 10.04
C PRO B 50 14.81 2.39 9.36
N ASN B 51 13.61 1.91 8.95
CA ASN B 51 13.41 0.79 8.04
C ASN B 51 13.34 1.17 6.53
N PRO B 52 14.27 0.76 5.62
CA PRO B 52 14.21 1.05 4.22
C PRO B 52 12.90 0.69 3.54
N ARG B 53 12.64 1.35 2.45
CA ARG B 53 11.63 0.85 1.56
C ARG B 53 12.12 -0.40 0.76
N SER B 54 11.17 -1.24 0.41
CA SER B 54 11.36 -2.52 -0.43
C SER B 54 10.53 -2.59 -1.65
N TYR B 55 11.12 -3.11 -2.75
CA TYR B 55 10.61 -3.08 -4.17
C TYR B 55 10.42 -4.55 -4.51
N TYR B 56 9.42 -4.75 -5.32
CA TYR B 56 8.89 -6.06 -5.74
C TYR B 56 8.45 -6.09 -7.19
N LYS B 57 8.42 -7.21 -7.83
CA LYS B 57 7.69 -7.40 -9.11
C LYS B 57 6.51 -8.38 -8.91
N CYS B 58 5.55 -8.44 -9.81
CA CYS B 58 4.58 -9.52 -9.90
C CYS B 58 5.21 -10.88 -10.36
N THR B 59 5.01 -12.01 -9.71
CA THR B 59 5.40 -13.37 -10.12
C THR B 59 4.81 -13.82 -11.43
N THR B 60 3.68 -13.21 -11.88
CA THR B 60 3.03 -13.67 -13.09
C THR B 60 3.78 -13.25 -14.31
N ILE B 61 4.03 -14.24 -15.16
CA ILE B 61 4.89 -14.05 -16.37
C ILE B 61 4.10 -13.16 -17.36
N GLY B 62 4.68 -12.07 -17.91
CA GLY B 62 3.96 -11.08 -18.77
C GLY B 62 3.08 -10.09 -18.09
N CYS B 63 3.25 -9.96 -16.75
CA CYS B 63 2.73 -8.84 -16.00
C CYS B 63 3.86 -7.77 -15.72
N PRO B 64 3.72 -6.55 -16.21
CA PRO B 64 4.59 -5.44 -15.94
C PRO B 64 4.49 -4.72 -14.57
N VAL B 65 3.58 -5.18 -13.74
CA VAL B 65 3.25 -4.38 -12.53
C VAL B 65 4.41 -4.49 -11.43
N ARG B 66 4.81 -3.36 -10.93
CA ARG B 66 5.91 -3.13 -10.01
C ARG B 66 5.31 -2.48 -8.73
N LYS B 67 5.80 -2.83 -7.52
CA LYS B 67 5.23 -2.51 -6.24
C LYS B 67 6.36 -2.23 -5.30
N HIS B 68 6.13 -1.24 -4.47
CA HIS B 68 7.10 -0.83 -3.46
C HIS B 68 6.29 -0.57 -2.20
N VAL B 69 6.78 -0.93 -1.04
CA VAL B 69 6.01 -0.90 0.29
C VAL B 69 6.97 -0.13 1.29
N GLU B 70 6.32 0.71 2.16
CA GLU B 70 7.15 1.44 3.21
C GLU B 70 6.25 1.77 4.39
N ARG B 71 6.84 1.75 5.60
CA ARG B 71 6.09 2.23 6.78
C ARG B 71 6.15 3.77 6.80
N ALA B 72 5.02 4.43 7.13
CA ALA B 72 4.71 5.86 6.85
C ALA B 72 5.72 6.72 7.61
N SER B 73 5.95 7.97 7.08
CA SER B 73 6.91 8.92 7.75
C SER B 73 6.37 9.69 8.96
N HIS B 74 5.12 9.49 9.36
CA HIS B 74 4.43 10.40 10.24
C HIS B 74 3.79 9.58 11.38
N ASP B 75 3.66 8.22 11.29
CA ASP B 75 3.26 7.21 12.25
C ASP B 75 3.75 5.77 12.04
N MET B 76 4.42 5.15 12.99
CA MET B 76 4.76 3.75 12.90
C MET B 76 3.60 2.70 12.92
N ARG B 77 2.38 3.15 13.20
CA ARG B 77 1.14 2.32 13.07
C ARG B 77 0.55 2.33 11.60
N ALA B 78 1.22 2.90 10.62
CA ALA B 78 0.90 2.97 9.16
C ALA B 78 1.82 2.32 8.14
N VAL B 79 1.29 1.72 7.10
CA VAL B 79 2.10 1.27 5.99
C VAL B 79 1.51 1.71 4.66
N ILE B 80 2.33 2.18 3.68
CA ILE B 80 1.93 2.77 2.42
C ILE B 80 2.44 1.97 1.27
N THR B 81 1.61 1.36 0.48
CA THR B 81 2.05 0.58 -0.73
C THR B 81 1.88 1.48 -1.94
N THR B 82 2.80 1.37 -2.90
CA THR B 82 2.78 2.13 -4.15
C THR B 82 2.87 1.17 -5.26
N TYR B 83 1.98 1.20 -6.20
CA TYR B 83 2.13 0.42 -7.44
C TYR B 83 2.42 1.35 -8.68
N GLU B 84 3.20 0.89 -9.61
CA GLU B 84 3.42 1.34 -10.97
C GLU B 84 2.50 0.69 -12.02
N GLY B 85 1.16 0.95 -11.99
CA GLY B 85 0.15 0.37 -12.92
C GLY B 85 -0.69 -0.79 -12.30
N LYS B 86 -1.74 -1.05 -13.07
CA LYS B 86 -2.78 -2.01 -12.65
C LYS B 86 -2.60 -3.49 -13.18
N HIS B 87 -3.26 -4.42 -12.48
CA HIS B 87 -3.13 -5.87 -12.94
C HIS B 87 -4.29 -6.17 -13.86
N ASN B 88 -3.84 -6.39 -15.16
CA ASN B 88 -4.60 -6.98 -16.24
C ASN B 88 -4.70 -8.57 -16.25
N HIS B 89 -4.68 -9.17 -15.03
CA HIS B 89 -4.99 -10.56 -14.83
C HIS B 89 -5.87 -10.70 -13.59
N ASP B 90 -6.58 -11.81 -13.52
CA ASP B 90 -7.59 -12.02 -12.47
C ASP B 90 -7.03 -12.39 -11.05
N VAL B 91 -6.16 -13.41 -11.05
CA VAL B 91 -5.54 -14.15 -9.87
C VAL B 91 -4.04 -14.31 -10.08
N PRO B 92 -3.24 -14.69 -9.06
CA PRO B 92 -1.89 -15.16 -9.14
C PRO B 92 -1.84 -16.65 -9.46
N SER A 37 -10.05 10.00 16.55
CA SER A 37 -9.33 8.73 16.62
C SER A 37 -9.63 7.87 15.43
N ASN A 38 -8.58 7.44 14.71
CA ASN A 38 -8.63 6.43 13.63
C ASN A 38 -8.46 4.96 14.09
N PRO A 39 -9.37 4.07 13.67
CA PRO A 39 -9.28 2.65 13.92
C PRO A 39 -8.13 1.99 13.14
N MET A 40 -7.57 0.81 13.52
CA MET A 40 -6.60 -0.05 12.87
C MET A 40 -7.24 -0.64 11.60
N ARG A 41 -6.88 -0.07 10.47
CA ARG A 41 -7.32 -0.58 9.18
C ARG A 41 -6.71 -1.81 8.60
N VAL A 42 -5.93 -2.53 9.37
CA VAL A 42 -5.16 -3.73 8.98
C VAL A 42 -5.90 -4.72 8.05
N GLN A 43 -7.20 -4.92 8.28
CA GLN A 43 -8.02 -5.78 7.41
C GLN A 43 -8.97 -5.01 6.40
N THR A 44 -9.21 -3.72 6.66
CA THR A 44 -9.95 -2.78 5.84
C THR A 44 -9.19 -2.61 4.46
N CYS A 45 -7.85 -2.53 4.47
CA CYS A 45 -7.05 -2.40 3.27
C CYS A 45 -7.12 -3.51 2.27
N ALA A 46 -7.72 -4.70 2.59
CA ALA A 46 -7.89 -5.90 1.68
C ALA A 46 -9.33 -5.92 0.99
N SER A 47 -10.21 -5.05 1.50
CA SER A 47 -11.54 -4.93 0.83
C SER A 47 -11.48 -4.26 -0.55
N LYS A 48 -12.05 -4.90 -1.58
CA LYS A 48 -11.87 -4.53 -2.99
C LYS A 48 -13.02 -3.53 -3.32
N PHE A 49 -12.70 -2.35 -3.84
CA PHE A 49 -13.62 -1.34 -4.33
C PHE A 49 -13.33 -1.03 -5.81
N ARG A 50 -14.32 -0.65 -6.62
CA ARG A 50 -14.14 -0.34 -8.08
C ARG A 50 -13.60 1.06 -8.51
N GLU A 51 -12.42 1.47 -8.02
CA GLU A 51 -11.90 2.76 -8.32
C GLU A 51 -10.36 2.91 -8.04
N LEU A 52 -9.58 3.58 -8.85
CA LEU A 52 -8.13 3.85 -8.66
C LEU A 52 -7.77 4.69 -7.44
N VAL A 53 -8.73 5.06 -6.62
CA VAL A 53 -8.52 5.63 -5.29
C VAL A 53 -9.55 5.08 -4.30
N GLN A 54 -9.26 4.93 -3.03
CA GLN A 54 -10.10 4.45 -2.00
C GLN A 54 -11.03 5.57 -1.53
N GLU A 55 -12.19 5.15 -0.99
CA GLU A 55 -13.30 6.07 -0.53
C GLU A 55 -12.91 6.78 0.78
N LEU A 56 -12.13 6.10 1.60
CA LEU A 56 -11.76 6.43 2.95
C LEU A 56 -10.41 7.19 3.10
N THR A 57 -10.31 8.48 3.43
CA THR A 57 -9.07 9.15 3.53
C THR A 57 -9.11 10.48 4.28
N GLY A 58 -8.03 10.89 4.90
CA GLY A 58 -7.89 12.00 5.88
C GLY A 58 -6.50 12.61 6.12
N GLN A 59 -6.34 13.24 7.28
CA GLN A 59 -5.06 13.70 7.73
C GLN A 59 -4.27 12.50 8.22
N ASP A 60 -3.87 11.61 7.33
CA ASP A 60 -3.19 10.36 7.68
C ASP A 60 -3.55 9.68 8.97
N ALA A 61 -4.78 9.35 9.27
CA ALA A 61 -5.96 9.41 8.36
C ALA A 61 -7.20 9.96 9.10
N VAL A 62 -6.95 10.88 10.02
CA VAL A 62 -7.89 11.45 11.00
C VAL A 62 -8.65 12.67 10.36
N ASP A 63 -9.46 13.33 11.07
CA ASP A 63 -10.26 14.46 10.60
C ASP A 63 -9.37 15.61 10.16
N LEU A 64 -9.88 16.66 9.51
CA LEU A 64 -9.17 17.96 9.44
C LEU A 64 -8.92 18.44 10.86
N GLN A 65 -9.76 18.09 11.91
CA GLN A 65 -9.52 18.51 13.30
C GLN A 65 -8.41 17.67 14.02
N PRO A 66 -7.41 18.17 14.69
CA PRO A 66 -6.39 17.46 15.47
C PRO A 66 -6.97 16.98 16.87
N GLU A 67 -6.41 15.82 17.24
CA GLU A 67 -6.88 15.12 18.51
C GLU A 67 -6.56 15.84 19.86
N PRO A 68 -7.09 15.37 20.98
CA PRO A 68 -6.69 15.89 22.23
C PRO A 68 -5.24 15.56 22.63
N ILE A 69 -4.64 16.16 23.70
CA ILE A 69 -3.47 15.65 24.44
C ILE A 69 -3.97 14.98 25.70
N TYR A 70 -3.58 13.74 25.88
CA TYR A 70 -3.99 12.84 26.94
C TYR A 70 -2.81 12.58 27.87
N SER A 71 -1.62 13.14 27.63
CA SER A 71 -0.27 12.82 28.30
C SER A 71 -0.39 13.19 29.74
N LYS B 14 -12.02 14.01 -11.01
CA LYS B 14 -11.40 12.92 -10.19
C LYS B 14 -9.95 13.10 -10.22
N THR B 15 -9.32 12.54 -9.17
CA THR B 15 -7.81 12.51 -9.02
C THR B 15 -7.09 11.62 -9.97
N VAL B 16 -5.79 11.83 -10.31
CA VAL B 16 -4.97 11.10 -11.21
C VAL B 16 -4.31 9.96 -10.49
N ARG B 17 -4.57 8.80 -11.05
CA ARG B 17 -4.08 7.47 -10.63
C ARG B 17 -3.76 6.42 -11.71
N GLU B 18 -4.17 6.60 -12.98
CA GLU B 18 -3.90 5.64 -14.05
C GLU B 18 -2.44 5.35 -14.26
N PRO B 19 -1.48 6.28 -14.26
CA PRO B 19 -0.10 6.02 -14.44
C PRO B 19 0.48 5.33 -13.12
N ARG B 20 -0.13 5.48 -11.94
CA ARG B 20 0.46 5.00 -10.65
C ARG B 20 -0.64 5.10 -9.54
N ILE B 21 -0.88 3.98 -8.84
CA ILE B 21 -1.71 3.89 -7.66
C ILE B 21 -0.86 3.98 -6.35
N VAL B 22 -1.48 4.55 -5.29
CA VAL B 22 -0.95 4.66 -3.94
C VAL B 22 -1.98 4.59 -2.81
N VAL B 23 -1.70 3.90 -1.70
CA VAL B 23 -2.71 3.52 -0.76
C VAL B 23 -2.13 3.35 0.64
N GLN B 24 -2.96 3.31 1.65
CA GLN B 24 -2.50 3.38 3.07
C GLN B 24 -3.38 2.56 3.99
N THR B 25 -2.79 2.14 5.08
CA THR B 25 -3.41 1.32 6.15
C THR B 25 -2.68 1.65 7.44
N THR B 26 -3.49 1.79 8.47
CA THR B 26 -3.01 1.90 9.87
C THR B 26 -2.59 0.60 10.55
N SER B 27 -1.39 0.08 10.43
CA SER B 27 -0.88 -1.21 10.99
C SER B 27 0.58 -1.21 11.47
N CYS B 28 1.11 -2.01 12.45
CA CYS B 28 2.50 -1.92 13.05
C CYS B 28 3.60 -2.68 12.26
N ILE B 29 3.29 -3.32 11.12
CA ILE B 29 4.11 -4.28 10.34
C ILE B 29 3.61 -4.30 8.89
N ASP B 30 4.48 -4.75 7.94
CA ASP B 30 4.14 -4.74 6.55
C ASP B 30 3.60 -6.07 6.04
N ILE B 31 3.37 -7.11 6.81
CA ILE B 31 2.55 -8.31 6.48
C ILE B 31 1.13 -7.80 6.04
N LEU B 32 0.92 -7.71 4.69
CA LEU B 32 -0.31 -7.35 3.98
C LEU B 32 -0.43 -8.33 2.80
N ASP B 33 -1.60 -8.39 2.16
CA ASP B 33 -1.81 -9.25 0.96
C ASP B 33 -2.84 -8.72 -0.02
N ASP B 34 -2.65 -8.92 -1.31
CA ASP B 34 -3.53 -8.50 -2.43
C ASP B 34 -4.01 -9.67 -3.33
N GLY B 35 -3.41 -10.86 -3.12
CA GLY B 35 -3.80 -12.13 -3.84
C GLY B 35 -3.00 -12.43 -5.08
N TYR B 36 -1.85 -11.75 -5.32
CA TYR B 36 -0.81 -12.01 -6.38
C TYR B 36 0.54 -12.47 -5.88
N ARG B 37 1.40 -13.09 -6.74
CA ARG B 37 2.63 -13.71 -6.28
C ARG B 37 3.83 -12.83 -6.56
N TRP B 38 4.34 -12.14 -5.55
CA TRP B 38 5.43 -11.14 -5.71
C TRP B 38 6.85 -11.68 -5.51
N ARG B 39 7.87 -11.13 -6.19
CA ARG B 39 9.26 -11.25 -5.59
C ARG B 39 10.11 -9.92 -5.68
N LYS B 40 11.08 -9.75 -4.76
CA LYS B 40 11.70 -8.45 -4.39
C LYS B 40 13.02 -8.24 -5.23
N TYR B 41 13.40 -6.98 -5.55
CA TYR B 41 14.57 -6.66 -6.30
C TYR B 41 15.49 -5.55 -5.74
N GLY B 42 15.20 -5.10 -4.51
CA GLY B 42 16.12 -4.20 -3.78
C GLY B 42 15.39 -3.41 -2.73
N GLN B 43 16.11 -2.85 -1.70
CA GLN B 43 15.60 -1.91 -0.68
C GLN B 43 16.50 -0.69 -0.56
N LYS B 44 15.81 0.42 -0.26
CA LYS B 44 16.41 1.77 -0.24
C LYS B 44 16.12 2.60 1.03
N VAL B 45 17.05 3.48 1.47
CA VAL B 45 16.94 4.12 2.73
C VAL B 45 16.19 5.42 2.65
N VAL B 46 15.05 5.44 3.40
CA VAL B 46 13.98 6.42 3.42
C VAL B 46 13.86 7.09 4.77
N CYS B 47 13.39 8.31 4.68
CA CYS B 47 13.36 9.31 5.81
C CYS B 47 12.21 9.14 6.83
N GLY B 48 12.34 9.64 8.09
CA GLY B 48 11.33 9.58 9.15
C GLY B 48 11.01 8.17 9.73
N ASN B 49 11.86 7.21 9.45
CA ASN B 49 11.62 5.75 9.50
C ASN B 49 13.03 4.99 9.75
N PRO B 50 13.13 4.13 10.78
CA PRO B 50 14.26 3.25 10.86
C PRO B 50 14.36 2.19 9.75
N ASN B 51 13.25 1.91 9.05
CA ASN B 51 13.20 0.77 8.10
C ASN B 51 13.26 1.24 6.68
N PRO B 52 13.87 0.50 5.74
CA PRO B 52 13.85 0.82 4.32
C PRO B 52 12.53 0.57 3.60
N ARG B 53 12.37 1.07 2.33
CA ARG B 53 11.29 0.80 1.34
C ARG B 53 11.70 -0.30 0.36
N SER B 54 10.94 -1.38 0.28
CA SER B 54 11.15 -2.52 -0.55
C SER B 54 10.39 -2.51 -1.85
N TYR B 55 11.07 -2.88 -2.99
CA TYR B 55 10.59 -2.92 -4.43
C TYR B 55 10.44 -4.39 -4.97
N TYR B 56 9.26 -4.65 -5.58
CA TYR B 56 8.88 -6.00 -6.03
C TYR B 56 8.22 -6.08 -7.42
N LYS B 57 8.44 -7.22 -8.00
CA LYS B 57 7.98 -7.52 -9.36
C LYS B 57 6.83 -8.52 -9.26
N CYS B 58 5.68 -8.35 -9.88
CA CYS B 58 4.71 -9.38 -10.15
C CYS B 58 5.35 -10.55 -10.99
N THR B 59 5.30 -11.75 -10.47
CA THR B 59 6.06 -12.96 -10.90
C THR B 59 5.44 -13.64 -12.17
N THR B 60 4.11 -13.37 -12.37
CA THR B 60 3.32 -13.94 -13.41
C THR B 60 3.86 -13.68 -14.84
N ILE B 61 4.04 -14.66 -15.75
CA ILE B 61 4.24 -14.37 -17.17
C ILE B 61 3.19 -13.43 -17.80
N GLY B 62 3.72 -12.51 -18.65
CA GLY B 62 3.02 -11.48 -19.45
C GLY B 62 2.61 -10.28 -18.55
N CYS B 63 3.06 -10.12 -17.27
CA CYS B 63 2.57 -9.06 -16.37
C CYS B 63 3.67 -8.12 -15.97
N PRO B 64 3.62 -6.78 -16.28
CA PRO B 64 4.66 -5.83 -15.94
C PRO B 64 4.66 -5.44 -14.45
N VAL B 65 3.47 -5.48 -13.79
CA VAL B 65 3.27 -4.67 -12.62
C VAL B 65 4.31 -4.71 -11.52
N ARG B 66 4.88 -3.56 -11.19
CA ARG B 66 5.78 -3.19 -10.10
C ARG B 66 5.10 -2.45 -8.93
N LYS B 67 5.68 -2.79 -7.80
CA LYS B 67 5.17 -2.56 -6.47
C LYS B 67 6.23 -2.13 -5.47
N HIS B 68 5.84 -1.24 -4.55
CA HIS B 68 6.65 -0.84 -3.43
C HIS B 68 5.87 -0.42 -2.10
N VAL B 69 6.55 -0.66 -1.00
CA VAL B 69 5.98 -0.69 0.33
C VAL B 69 6.96 -0.04 1.39
N GLU B 70 6.35 0.88 2.18
CA GLU B 70 7.10 1.56 3.26
C GLU B 70 6.27 1.94 4.45
N ARG B 71 6.95 2.02 5.60
CA ARG B 71 6.40 2.69 6.80
C ARG B 71 6.19 4.19 6.58
N ALA B 72 5.32 4.73 7.42
CA ALA B 72 5.13 6.21 7.48
C ALA B 72 6.15 6.98 8.21
N SER B 73 6.55 8.15 7.68
CA SER B 73 7.74 9.01 8.04
C SER B 73 7.54 9.78 9.35
N HIS B 74 6.44 9.62 10.12
CA HIS B 74 6.22 10.23 11.41
C HIS B 74 5.62 9.30 12.55
N ASP B 75 5.34 8.06 12.19
CA ASP B 75 4.42 7.22 13.06
C ASP B 75 4.65 5.70 12.74
N MET B 76 4.87 4.96 13.85
CA MET B 76 5.20 3.53 13.79
C MET B 76 4.04 2.66 13.31
N ARG B 77 2.84 3.18 13.42
CA ARG B 77 1.60 2.37 13.21
C ARG B 77 0.96 2.39 11.76
N ALA B 78 1.78 2.53 10.71
CA ALA B 78 1.21 2.83 9.34
C ALA B 78 2.13 2.42 8.21
N VAL B 79 1.57 1.80 7.19
CA VAL B 79 2.28 1.35 5.95
C VAL B 79 1.64 1.87 4.65
N ILE B 80 2.41 2.41 3.67
CA ILE B 80 1.96 2.88 2.40
C ILE B 80 2.48 1.96 1.25
N THR B 81 1.56 1.59 0.31
CA THR B 81 1.79 0.64 -0.81
C THR B 81 1.56 1.35 -2.14
N THR B 82 2.47 1.20 -3.08
CA THR B 82 2.32 1.82 -4.44
C THR B 82 2.41 0.72 -5.52
N TYR B 83 1.57 0.84 -6.55
CA TYR B 83 1.63 0.04 -7.79
C TYR B 83 1.78 0.87 -9.05
N GLU B 84 2.65 0.54 -10.02
CA GLU B 84 2.83 1.31 -11.27
C GLU B 84 1.68 1.15 -12.28
N GLY B 85 0.69 0.26 -12.04
CA GLY B 85 -0.40 -0.09 -12.97
C GLY B 85 -1.23 -1.27 -12.32
N LYS B 86 -2.42 -1.46 -12.78
CA LYS B 86 -3.26 -2.64 -12.52
C LYS B 86 -2.77 -3.91 -13.21
N HIS B 87 -2.91 -5.08 -12.56
CA HIS B 87 -2.95 -6.41 -13.22
C HIS B 87 -4.20 -6.67 -14.10
N ASN B 88 -4.02 -7.27 -15.24
CA ASN B 88 -4.98 -7.73 -16.27
C ASN B 88 -5.30 -9.23 -16.24
N HIS B 89 -4.70 -9.93 -15.28
CA HIS B 89 -4.99 -11.29 -14.82
C HIS B 89 -5.50 -11.31 -13.40
N ASP B 90 -6.51 -12.08 -13.08
CA ASP B 90 -7.21 -12.13 -11.81
C ASP B 90 -6.49 -13.02 -10.80
N VAL B 91 -5.78 -14.02 -11.23
CA VAL B 91 -5.06 -15.06 -10.39
C VAL B 91 -3.54 -15.23 -10.79
N PRO B 92 -2.64 -15.44 -9.81
CA PRO B 92 -1.24 -15.39 -10.02
C PRO B 92 -0.66 -16.61 -10.73
N SER A 37 -9.61 8.83 14.59
CA SER A 37 -9.34 7.48 15.23
C SER A 37 -9.50 6.43 14.16
N ASN A 38 -8.64 5.44 14.08
CA ASN A 38 -8.80 4.30 13.25
C ASN A 38 -8.06 2.96 13.70
N PRO A 39 -8.72 1.90 14.14
CA PRO A 39 -8.13 0.71 14.63
C PRO A 39 -7.69 -0.23 13.45
N MET A 40 -6.60 -0.92 13.63
CA MET A 40 -5.81 -1.49 12.61
C MET A 40 -6.62 -2.07 11.42
N ARG A 41 -6.57 -1.47 10.19
CA ARG A 41 -7.03 -2.03 8.86
C ARG A 41 -5.98 -3.00 8.33
N VAL A 42 -4.93 -3.39 9.05
CA VAL A 42 -3.91 -4.51 8.86
C VAL A 42 -4.42 -5.72 8.05
N GLN A 43 -5.66 -6.18 8.32
CA GLN A 43 -6.41 -7.23 7.63
C GLN A 43 -7.49 -6.71 6.64
N THR A 44 -8.15 -5.55 6.88
CA THR A 44 -9.29 -5.07 6.09
C THR A 44 -8.92 -4.66 4.67
N CYS A 45 -7.63 -4.34 4.43
CA CYS A 45 -7.06 -4.16 3.13
C CYS A 45 -7.46 -5.26 2.11
N ALA A 46 -7.73 -6.49 2.60
CA ALA A 46 -8.14 -7.65 1.83
C ALA A 46 -9.66 -7.65 1.29
N SER A 47 -10.53 -6.80 1.87
CA SER A 47 -11.92 -6.67 1.36
C SER A 47 -11.94 -5.94 -0.01
N LYS A 48 -12.48 -6.60 -1.02
CA LYS A 48 -12.50 -6.06 -2.40
C LYS A 48 -13.26 -4.75 -2.54
N PHE A 49 -12.75 -3.92 -3.42
CA PHE A 49 -13.49 -2.70 -3.97
C PHE A 49 -13.06 -2.45 -5.46
N ARG A 50 -13.85 -1.67 -6.21
CA ARG A 50 -13.62 -1.54 -7.65
C ARG A 50 -12.74 -0.32 -8.11
N GLU A 51 -13.00 0.84 -7.50
CA GLU A 51 -12.21 2.07 -7.65
C GLU A 51 -10.68 1.84 -7.35
N LEU A 52 -9.84 2.51 -8.13
CA LEU A 52 -8.37 2.60 -8.01
C LEU A 52 -7.94 3.43 -6.72
N VAL A 53 -8.76 4.23 -6.08
CA VAL A 53 -8.62 4.75 -4.70
C VAL A 53 -9.93 4.66 -3.97
N GLN A 54 -9.97 4.09 -2.74
CA GLN A 54 -11.13 3.79 -1.94
C GLN A 54 -11.87 5.04 -1.48
N GLU A 55 -13.24 5.14 -1.60
CA GLU A 55 -14.11 6.17 -0.99
C GLU A 55 -14.08 6.31 0.56
N LEU A 56 -13.35 5.49 1.30
CA LEU A 56 -12.93 5.53 2.67
C LEU A 56 -11.47 5.83 2.82
N THR A 57 -11.20 7.08 3.23
CA THR A 57 -9.91 7.70 3.15
C THR A 57 -9.89 8.88 4.09
N GLY A 58 -8.73 9.61 4.27
CA GLY A 58 -8.62 10.83 5.07
C GLY A 58 -7.27 11.57 4.99
N GLN A 59 -6.94 12.37 6.06
CA GLN A 59 -5.62 13.07 6.34
C GLN A 59 -4.63 11.98 6.98
N ASP A 60 -4.17 11.07 6.15
CA ASP A 60 -3.31 9.90 6.46
C ASP A 60 -3.55 9.11 7.78
N ALA A 61 -4.76 8.65 8.14
CA ALA A 61 -5.97 8.67 7.31
C ALA A 61 -7.22 9.25 7.99
N VAL A 62 -6.99 10.22 8.84
CA VAL A 62 -7.89 10.79 9.88
C VAL A 62 -9.12 11.60 9.26
N ASP A 63 -10.13 11.90 10.13
CA ASP A 63 -11.30 12.80 9.84
C ASP A 63 -10.79 14.23 9.44
N LEU A 64 -11.63 15.16 8.93
CA LEU A 64 -11.32 16.57 8.86
C LEU A 64 -11.36 17.19 10.32
N GLN A 65 -12.21 16.64 11.22
CA GLN A 65 -12.34 16.95 12.63
C GLN A 65 -10.99 16.62 13.37
N PRO A 66 -10.32 17.53 14.05
CA PRO A 66 -9.17 17.31 14.88
C PRO A 66 -9.36 16.32 16.10
N GLU A 67 -8.27 15.57 16.34
CA GLU A 67 -8.19 14.59 17.35
C GLU A 67 -7.97 15.14 18.81
N PRO A 68 -8.54 14.54 19.86
CA PRO A 68 -8.28 14.84 21.24
C PRO A 68 -6.83 14.42 21.60
N ILE A 69 -6.38 14.95 22.74
CA ILE A 69 -5.07 14.64 23.34
C ILE A 69 -5.33 14.50 24.87
N TYR A 70 -4.60 13.57 25.53
CA TYR A 70 -4.70 13.21 27.05
C TYR A 70 -3.44 13.55 27.82
N SER A 71 -2.39 14.03 27.13
CA SER A 71 -1.08 14.39 27.76
C SER A 71 -1.01 15.87 27.96
N LYS B 14 -13.65 12.29 -10.40
CA LYS B 14 -12.83 11.58 -9.42
C LYS B 14 -11.35 11.63 -9.66
N THR B 15 -10.50 11.34 -8.70
CA THR B 15 -9.05 11.53 -8.78
C THR B 15 -8.34 10.50 -9.67
N VAL B 16 -7.27 10.92 -10.42
CA VAL B 16 -6.43 10.11 -11.25
C VAL B 16 -5.60 9.19 -10.35
N ARG B 17 -5.36 7.91 -10.72
CA ARG B 17 -4.53 6.82 -10.22
C ARG B 17 -4.24 5.69 -11.21
N GLU B 18 -4.55 5.82 -12.46
CA GLU B 18 -4.40 4.74 -13.43
C GLU B 18 -2.88 4.59 -13.75
N PRO B 19 -2.06 5.60 -13.82
CA PRO B 19 -0.55 5.41 -13.98
C PRO B 19 0.20 4.85 -12.79
N ARG B 20 -0.30 5.09 -11.57
CA ARG B 20 0.38 4.70 -10.34
C ARG B 20 -0.67 4.77 -9.24
N ILE B 21 -0.94 3.59 -8.63
CA ILE B 21 -1.79 3.44 -7.52
C ILE B 21 -1.03 3.78 -6.14
N VAL B 22 -1.59 4.39 -5.08
CA VAL B 22 -0.94 4.64 -3.75
C VAL B 22 -2.00 4.38 -2.66
N VAL B 23 -1.76 3.38 -1.80
CA VAL B 23 -2.75 2.89 -0.86
C VAL B 23 -2.16 2.73 0.51
N GLN B 24 -2.74 3.40 1.50
CA GLN B 24 -2.30 3.37 2.90
C GLN B 24 -3.23 2.52 3.79
N THR B 25 -2.71 1.87 4.83
CA THR B 25 -3.51 1.15 5.73
C THR B 25 -2.87 1.28 7.16
N THR B 26 -3.68 0.93 8.17
CA THR B 26 -3.27 1.02 9.56
C THR B 26 -2.81 -0.38 10.08
N SER B 27 -1.52 -0.54 10.23
CA SER B 27 -0.75 -1.75 10.47
C SER B 27 0.39 -1.57 11.44
N CYS B 28 0.77 -2.69 12.05
CA CYS B 28 1.96 -2.92 12.86
C CYS B 28 3.15 -3.58 12.11
N ILE B 29 3.03 -3.91 10.79
CA ILE B 29 4.08 -4.61 9.95
C ILE B 29 4.01 -4.28 8.47
N ASP B 30 5.05 -4.32 7.62
CA ASP B 30 5.00 -4.02 6.22
C ASP B 30 4.78 -5.24 5.34
N ILE B 31 4.60 -6.43 5.89
CA ILE B 31 4.42 -7.70 5.09
C ILE B 31 2.90 -7.90 4.87
N LEU B 32 2.13 -6.81 4.49
CA LEU B 32 0.74 -6.91 4.15
C LEU B 32 0.48 -7.77 2.86
N ASP B 33 -0.79 -8.13 2.69
CA ASP B 33 -1.19 -9.05 1.65
C ASP B 33 -2.35 -8.54 0.85
N ASP B 34 -2.25 -8.59 -0.46
CA ASP B 34 -3.20 -8.14 -1.55
C ASP B 34 -3.60 -9.38 -2.45
N GLY B 35 -3.18 -10.61 -2.26
CA GLY B 35 -3.54 -11.75 -3.14
C GLY B 35 -2.54 -12.07 -4.29
N TYR B 36 -1.79 -11.06 -4.73
CA TYR B 36 -0.80 -11.28 -5.74
C TYR B 36 0.41 -12.01 -5.25
N ARG B 37 1.17 -12.66 -6.16
CA ARG B 37 2.47 -13.33 -5.81
C ARG B 37 3.68 -12.51 -6.37
N TRP B 38 4.59 -12.15 -5.43
CA TRP B 38 5.63 -11.22 -5.72
C TRP B 38 7.05 -11.82 -5.55
N ARG B 39 8.11 -11.23 -6.19
CA ARG B 39 9.45 -11.22 -5.63
C ARG B 39 9.93 -9.82 -5.30
N LYS B 40 10.71 -9.76 -4.20
CA LYS B 40 11.60 -8.67 -3.90
C LYS B 40 12.76 -8.70 -4.82
N TYR B 41 13.28 -7.56 -5.28
CA TYR B 41 14.39 -7.45 -6.13
C TYR B 41 15.33 -6.28 -5.69
N GLY B 42 14.91 -5.49 -4.71
CA GLY B 42 15.52 -4.20 -4.40
C GLY B 42 14.81 -3.48 -3.15
N GLN B 43 15.48 -2.45 -2.64
CA GLN B 43 14.98 -1.53 -1.61
C GLN B 43 15.81 -0.25 -1.52
N LYS B 44 15.28 0.76 -0.94
CA LYS B 44 15.93 2.05 -0.70
C LYS B 44 15.75 2.60 0.78
N VAL B 45 16.81 3.21 1.24
CA VAL B 45 16.79 3.87 2.58
C VAL B 45 16.19 5.27 2.45
N VAL B 46 15.42 5.72 3.49
CA VAL B 46 14.55 6.82 3.45
C VAL B 46 14.52 7.45 4.83
N CYS B 47 14.18 8.74 4.94
CA CYS B 47 14.00 9.42 6.21
C CYS B 47 12.74 8.93 6.98
N GLY B 48 12.85 9.12 8.31
CA GLY B 48 11.79 9.03 9.34
C GLY B 48 11.13 7.73 9.55
N ASN B 49 11.01 6.90 8.52
CA ASN B 49 10.90 5.49 8.67
C ASN B 49 12.12 4.70 9.02
N PRO B 50 12.12 3.89 10.11
CA PRO B 50 13.30 3.09 10.51
C PRO B 50 13.77 2.09 9.51
N ASN B 51 12.87 1.63 8.60
CA ASN B 51 13.13 0.50 7.74
C ASN B 51 13.25 0.99 6.29
N PRO B 52 13.96 0.25 5.42
CA PRO B 52 13.92 0.66 3.99
C PRO B 52 12.58 0.51 3.30
N ARG B 53 12.34 1.29 2.26
CA ARG B 53 11.23 1.16 1.23
C ARG B 53 11.57 -0.08 0.41
N SER B 54 10.74 -1.09 0.54
CA SER B 54 11.02 -2.33 -0.24
C SER B 54 10.45 -2.27 -1.60
N TYR B 55 11.11 -2.77 -2.65
CA TYR B 55 10.55 -2.88 -3.98
C TYR B 55 10.39 -4.37 -4.39
N TYR B 56 9.17 -4.63 -4.94
CA TYR B 56 8.69 -5.90 -5.51
C TYR B 56 8.12 -6.00 -6.98
N LYS B 57 8.27 -7.12 -7.68
CA LYS B 57 7.81 -7.33 -9.11
C LYS B 57 6.92 -8.53 -9.11
N CYS B 58 5.77 -8.41 -9.73
CA CYS B 58 4.69 -9.42 -9.93
C CYS B 58 5.26 -10.54 -10.74
N THR B 59 5.23 -11.73 -10.21
CA THR B 59 5.83 -12.90 -10.82
C THR B 59 5.05 -13.46 -12.00
N THR B 60 3.79 -12.98 -12.09
CA THR B 60 2.79 -13.45 -13.15
C THR B 60 3.29 -13.12 -14.53
N ILE B 61 3.26 -14.09 -15.43
CA ILE B 61 3.83 -14.07 -16.73
C ILE B 61 3.06 -13.04 -17.55
N GLY B 62 3.73 -12.23 -18.29
CA GLY B 62 3.12 -11.15 -19.05
C GLY B 62 2.65 -9.84 -18.23
N CYS B 63 3.01 -9.76 -16.97
CA CYS B 63 2.60 -8.66 -16.07
C CYS B 63 3.83 -7.76 -15.64
N PRO B 64 4.00 -6.54 -16.16
CA PRO B 64 5.22 -5.86 -15.84
C PRO B 64 5.15 -5.02 -14.60
N VAL B 65 4.13 -5.30 -13.73
CA VAL B 65 3.86 -4.29 -12.66
C VAL B 65 5.00 -4.24 -11.55
N ARG B 66 5.75 -3.16 -11.31
CA ARG B 66 6.58 -2.94 -10.09
C ARG B 66 5.63 -2.29 -9.06
N LYS B 67 5.95 -2.60 -7.83
CA LYS B 67 5.33 -2.25 -6.55
C LYS B 67 6.33 -1.97 -5.42
N HIS B 68 6.16 -0.85 -4.66
CA HIS B 68 7.00 -0.66 -3.47
C HIS B 68 6.13 -0.46 -2.23
N VAL B 69 6.66 -0.74 -1.02
CA VAL B 69 5.90 -0.78 0.27
C VAL B 69 6.78 -0.22 1.40
N GLU B 70 6.26 0.70 2.19
CA GLU B 70 7.03 1.35 3.25
C GLU B 70 6.20 1.64 4.49
N ARG B 71 6.88 1.83 5.66
CA ARG B 71 6.21 2.50 6.78
C ARG B 71 6.18 4.06 6.53
N ALA B 72 5.26 4.72 7.18
CA ALA B 72 5.14 6.15 7.16
C ALA B 72 6.27 6.78 8.02
N SER B 73 6.79 7.96 7.51
CA SER B 73 7.85 8.75 8.13
C SER B 73 7.50 9.29 9.52
N HIS B 74 6.31 9.16 10.14
CA HIS B 74 5.95 10.02 11.38
C HIS B 74 5.20 9.29 12.45
N ASP B 75 4.36 8.26 12.06
CA ASP B 75 3.71 7.38 13.00
C ASP B 75 3.84 5.89 12.63
N MET B 76 4.22 5.09 13.56
CA MET B 76 4.42 3.66 13.46
C MET B 76 3.30 2.91 12.90
N ARG B 77 2.06 3.32 13.20
CA ARG B 77 0.83 2.55 13.05
C ARG B 77 0.21 2.47 11.65
N ALA B 78 0.98 2.95 10.65
CA ALA B 78 0.65 3.08 9.21
C ALA B 78 1.78 2.65 8.24
N VAL B 79 1.32 2.02 7.13
CA VAL B 79 2.13 1.64 6.00
C VAL B 79 1.49 2.14 4.69
N ILE B 80 2.39 2.46 3.73
CA ILE B 80 1.97 2.85 2.40
C ILE B 80 2.49 1.94 1.32
N THR B 81 1.60 1.59 0.35
CA THR B 81 1.90 0.66 -0.77
C THR B 81 1.60 1.29 -2.14
N THR B 82 2.59 1.25 -3.06
CA THR B 82 2.54 1.79 -4.41
C THR B 82 2.63 0.71 -5.47
N TYR B 83 1.82 0.75 -6.53
CA TYR B 83 1.86 -0.10 -7.74
C TYR B 83 2.03 0.83 -8.97
N GLU B 84 2.66 0.32 -10.10
CA GLU B 84 2.42 0.99 -11.43
C GLU B 84 1.08 0.63 -12.14
N GLY B 85 0.01 1.29 -11.53
CA GLY B 85 -1.41 0.96 -11.81
C GLY B 85 -1.89 -0.43 -11.39
N LYS B 86 -2.96 -0.86 -12.00
CA LYS B 86 -3.56 -2.25 -11.83
C LYS B 86 -2.95 -3.39 -12.64
N HIS B 87 -3.39 -4.60 -12.35
CA HIS B 87 -2.96 -5.76 -13.05
C HIS B 87 -4.09 -6.14 -14.08
N ASN B 88 -3.75 -6.86 -15.14
CA ASN B 88 -4.60 -7.44 -16.21
C ASN B 88 -4.97 -8.87 -15.89
N HIS B 89 -4.65 -9.37 -14.65
CA HIS B 89 -5.13 -10.62 -14.08
C HIS B 89 -5.65 -10.51 -12.68
N ASP B 90 -6.54 -11.41 -12.24
CA ASP B 90 -7.20 -11.36 -10.93
C ASP B 90 -6.49 -12.20 -9.88
N VAL B 91 -5.83 -13.32 -10.35
CA VAL B 91 -5.23 -14.47 -9.58
C VAL B 91 -3.72 -14.59 -10.07
N PRO B 92 -2.77 -14.92 -9.21
CA PRO B 92 -1.40 -15.17 -9.63
C PRO B 92 -1.24 -16.26 -10.71
N SER A 37 -8.95 6.52 16.50
CA SER A 37 -8.89 6.05 15.14
C SER A 37 -9.25 4.53 15.10
N ASN A 38 -9.93 4.03 14.01
CA ASN A 38 -10.53 2.70 13.84
C ASN A 38 -9.44 1.56 13.80
N PRO A 39 -9.87 0.23 13.89
CA PRO A 39 -8.96 -0.94 13.92
C PRO A 39 -8.03 -1.05 12.69
N MET A 40 -6.75 -1.54 12.94
CA MET A 40 -5.76 -1.95 11.95
C MET A 40 -6.24 -2.89 10.85
N ARG A 41 -6.20 -2.45 9.61
CA ARG A 41 -6.91 -3.11 8.46
C ARG A 41 -6.25 -4.27 7.81
N VAL A 42 -5.02 -4.59 8.22
CA VAL A 42 -4.07 -5.47 7.51
C VAL A 42 -4.79 -6.75 7.06
N GLN A 43 -5.56 -7.49 7.92
CA GLN A 43 -6.14 -8.72 7.46
C GLN A 43 -7.44 -8.58 6.66
N THR A 44 -8.15 -7.45 6.90
CA THR A 44 -9.28 -7.02 5.91
C THR A 44 -8.74 -6.65 4.50
N CYS A 45 -7.41 -6.33 4.41
CA CYS A 45 -6.79 -5.65 3.19
C CYS A 45 -5.62 -6.51 2.65
N ALA A 46 -5.35 -7.70 3.17
CA ALA A 46 -4.50 -8.78 2.53
C ALA A 46 -5.21 -9.41 1.34
N SER A 47 -5.85 -8.57 0.51
CA SER A 47 -6.60 -9.27 -0.56
C SER A 47 -6.67 -8.32 -1.83
N LYS A 48 -7.07 -8.96 -2.91
CA LYS A 48 -7.44 -8.33 -4.16
C LYS A 48 -8.96 -8.14 -4.29
N PHE A 49 -9.28 -7.10 -5.05
CA PHE A 49 -10.56 -6.73 -5.68
C PHE A 49 -10.37 -6.48 -7.20
N ARG A 50 -11.41 -6.63 -7.99
CA ARG A 50 -11.29 -6.56 -9.44
C ARG A 50 -11.36 -5.17 -10.06
N GLU A 51 -11.86 -4.14 -9.40
CA GLU A 51 -11.93 -2.80 -10.03
C GLU A 51 -10.51 -2.16 -10.03
N LEU A 52 -10.28 -1.13 -10.81
CA LEU A 52 -9.02 -0.36 -10.88
C LEU A 52 -8.62 0.28 -9.47
N VAL A 53 -9.58 0.59 -8.62
CA VAL A 53 -9.51 1.37 -7.37
C VAL A 53 -10.85 1.33 -6.66
N GLN A 54 -10.85 0.96 -5.34
CA GLN A 54 -12.13 0.79 -4.62
C GLN A 54 -12.64 2.21 -4.28
N GLU A 55 -13.96 2.36 -4.34
CA GLU A 55 -14.55 3.68 -4.28
C GLU A 55 -14.47 4.51 -2.95
N LEU A 56 -14.28 3.90 -1.77
CA LEU A 56 -14.27 4.53 -0.44
C LEU A 56 -12.82 5.02 -0.09
N THR A 57 -11.92 4.95 -1.03
CA THR A 57 -10.48 5.30 -0.89
C THR A 57 -10.27 6.71 -0.26
N GLY A 58 -9.45 6.73 0.80
CA GLY A 58 -9.13 7.78 1.72
C GLY A 58 -8.44 9.13 1.24
N GLN A 59 -8.39 10.11 2.16
CA GLN A 59 -8.25 11.52 1.86
C GLN A 59 -6.77 11.93 2.01
N ASP A 60 -5.88 11.42 1.11
CA ASP A 60 -4.42 11.56 1.20
C ASP A 60 -3.79 11.23 2.57
N ALA A 61 -4.26 10.35 3.47
CA ALA A 61 -5.08 9.18 3.20
C ALA A 61 -6.31 8.98 4.16
N VAL A 62 -6.78 10.13 4.79
CA VAL A 62 -7.73 10.19 5.85
C VAL A 62 -9.10 9.46 5.63
N ASP A 63 -9.64 8.79 6.61
CA ASP A 63 -10.99 8.18 6.56
C ASP A 63 -12.10 9.17 6.12
N LEU A 64 -13.17 8.56 5.52
CA LEU A 64 -14.46 9.28 5.35
C LEU A 64 -15.33 9.46 6.64
N GLN A 65 -14.69 9.97 7.62
CA GLN A 65 -15.15 9.98 9.05
C GLN A 65 -14.40 11.17 9.83
N PRO A 66 -14.85 11.61 11.04
CA PRO A 66 -14.10 12.44 12.01
C PRO A 66 -13.51 11.65 13.12
N GLU A 67 -12.43 12.16 13.64
CA GLU A 67 -11.79 11.69 14.90
C GLU A 67 -12.65 11.99 16.18
N PRO A 68 -13.02 11.04 17.05
CA PRO A 68 -13.93 11.30 18.23
C PRO A 68 -13.26 12.12 19.40
N ILE A 69 -12.07 12.66 19.25
CA ILE A 69 -11.47 13.55 20.28
C ILE A 69 -10.39 14.43 19.68
N TYR A 70 -9.91 15.41 20.47
CA TYR A 70 -9.07 16.54 20.16
C TYR A 70 -7.58 16.21 19.65
N SER A 71 -7.06 16.92 18.67
CA SER A 71 -5.66 16.85 18.15
C SER A 71 -4.64 17.63 19.04
N LYS B 14 -11.14 13.12 -17.56
CA LYS B 14 -10.03 12.79 -16.58
C LYS B 14 -9.38 11.49 -17.05
N THR B 15 -8.07 11.48 -17.24
CA THR B 15 -7.32 10.37 -17.82
C THR B 15 -7.34 9.11 -16.98
N VAL B 16 -7.04 7.97 -17.62
CA VAL B 16 -6.97 6.66 -16.83
C VAL B 16 -5.83 6.58 -15.85
N ARG B 17 -6.10 6.30 -14.55
CA ARG B 17 -5.11 6.48 -13.47
C ARG B 17 -4.06 5.41 -13.40
N GLU B 18 -4.30 4.30 -14.08
CA GLU B 18 -3.51 3.05 -13.91
C GLU B 18 -1.95 3.01 -13.81
N PRO B 19 -1.21 3.91 -14.49
CA PRO B 19 0.28 3.76 -14.54
C PRO B 19 0.89 3.99 -13.17
N ARG B 20 0.22 4.75 -12.22
CA ARG B 20 0.61 4.97 -10.80
C ARG B 20 -0.53 5.21 -9.84
N ILE B 21 -0.59 4.38 -8.77
CA ILE B 21 -1.66 4.51 -7.67
C ILE B 21 -1.07 4.31 -6.32
N VAL B 22 -1.47 5.15 -5.36
CA VAL B 22 -1.10 4.96 -3.94
C VAL B 22 -2.25 4.22 -3.28
N VAL B 23 -1.88 3.28 -2.38
CA VAL B 23 -2.76 2.66 -1.41
C VAL B 23 -2.15 2.82 0.02
N GLN B 24 -2.93 2.77 1.08
CA GLN B 24 -2.54 2.97 2.46
C GLN B 24 -3.21 1.90 3.33
N THR B 25 -2.49 1.00 4.03
CA THR B 25 -3.01 -0.11 4.93
C THR B 25 -2.47 0.11 6.38
N THR B 26 -3.38 0.18 7.38
CA THR B 26 -3.11 0.37 8.77
C THR B 26 -2.65 -0.95 9.44
N SER B 27 -1.46 -0.86 10.10
CA SER B 27 -0.70 -1.97 10.61
C SER B 27 0.49 -1.56 11.41
N CYS B 28 0.77 -2.25 12.53
CA CYS B 28 1.89 -1.88 13.38
C CYS B 28 3.27 -2.16 12.71
N ILE B 29 3.34 -2.69 11.52
CA ILE B 29 4.62 -3.05 10.82
C ILE B 29 4.37 -3.10 9.27
N ASP B 30 5.43 -2.86 8.43
CA ASP B 30 5.31 -2.77 6.96
C ASP B 30 5.23 -4.16 6.26
N ILE B 31 4.94 -5.22 6.99
CA ILE B 31 4.64 -6.58 6.51
C ILE B 31 3.16 -6.73 5.94
N LEU B 32 3.11 -6.66 4.56
CA LEU B 32 1.86 -6.69 3.76
C LEU B 32 1.70 -7.88 2.82
N ASP B 33 0.55 -8.48 2.73
CA ASP B 33 0.01 -9.17 1.58
C ASP B 33 -0.96 -8.24 0.79
N ASP B 34 -1.46 -8.57 -0.37
CA ASP B 34 -2.49 -8.01 -1.21
C ASP B 34 -3.21 -8.97 -2.13
N GLY B 35 -3.07 -10.30 -1.90
CA GLY B 35 -3.77 -11.35 -2.73
C GLY B 35 -3.01 -11.92 -3.95
N TYR B 36 -1.91 -11.31 -4.35
CA TYR B 36 -1.02 -11.66 -5.49
C TYR B 36 0.31 -12.28 -5.10
N ARG B 37 0.97 -13.01 -6.03
CA ARG B 37 2.25 -13.59 -5.86
C ARG B 37 3.29 -12.61 -6.45
N TRP B 38 4.42 -12.44 -5.67
CA TRP B 38 5.46 -11.41 -5.83
C TRP B 38 6.90 -11.85 -5.62
N ARG B 39 7.79 -11.40 -6.53
CA ARG B 39 9.26 -11.50 -6.32
C ARG B 39 9.75 -10.15 -5.79
N LYS B 40 10.41 -10.22 -4.60
CA LYS B 40 11.03 -8.99 -4.02
C LYS B 40 12.28 -8.73 -4.83
N TYR B 41 12.55 -7.42 -4.99
CA TYR B 41 13.78 -6.86 -5.62
C TYR B 41 14.46 -5.98 -4.54
N GLY B 42 14.91 -6.52 -3.45
CA GLY B 42 15.58 -5.91 -2.38
C GLY B 42 14.74 -4.81 -1.55
N GLN B 43 15.50 -4.12 -0.73
CA GLN B 43 15.07 -2.96 0.07
C GLN B 43 16.12 -1.88 0.26
N LYS B 44 15.78 -0.59 0.45
CA LYS B 44 16.68 0.60 0.50
C LYS B 44 16.20 1.62 1.50
N VAL B 45 17.10 2.50 1.98
CA VAL B 45 16.69 3.47 3.02
C VAL B 45 15.67 4.55 2.54
N VAL B 46 14.68 4.82 3.41
CA VAL B 46 13.72 5.90 3.26
C VAL B 46 13.71 6.84 4.50
N CYS B 47 13.56 8.09 4.33
CA CYS B 47 13.75 9.13 5.36
C CYS B 47 12.90 8.94 6.65
N GLY B 48 13.67 8.75 7.80
CA GLY B 48 13.05 8.97 9.14
C GLY B 48 12.24 7.72 9.61
N ASN B 49 11.54 7.11 8.68
CA ASN B 49 11.17 5.71 8.90
C ASN B 49 12.44 4.91 9.16
N PRO B 50 12.63 4.13 10.27
CA PRO B 50 13.83 3.34 10.56
C PRO B 50 13.89 2.09 9.69
N ASN B 51 12.79 1.62 9.01
CA ASN B 51 12.79 0.39 8.24
C ASN B 51 13.10 0.83 6.78
N PRO B 52 13.81 0.01 6.02
CA PRO B 52 14.11 0.30 4.63
C PRO B 52 12.80 0.07 3.79
N ARG B 53 12.67 0.49 2.57
CA ARG B 53 11.48 0.29 1.68
C ARG B 53 11.67 -0.92 0.82
N SER B 54 10.78 -1.83 0.86
CA SER B 54 10.71 -3.07 0.06
C SER B 54 10.06 -2.87 -1.36
N TYR B 55 10.70 -3.47 -2.36
CA TYR B 55 10.25 -3.34 -3.76
C TYR B 55 9.93 -4.74 -4.26
N TYR B 56 8.84 -4.85 -4.95
CA TYR B 56 8.30 -6.12 -5.55
C TYR B 56 7.85 -5.91 -6.99
N LYS B 57 7.85 -7.04 -7.70
CA LYS B 57 7.58 -7.21 -9.14
C LYS B 57 6.78 -8.51 -9.35
N CYS B 58 5.59 -8.41 -9.98
CA CYS B 58 4.72 -9.52 -10.29
C CYS B 58 5.43 -10.66 -10.88
N THR B 59 5.01 -11.84 -10.46
CA THR B 59 5.59 -13.21 -10.87
C THR B 59 4.98 -13.92 -12.06
N THR B 60 3.91 -13.38 -12.61
CA THR B 60 3.37 -13.85 -13.92
C THR B 60 4.20 -13.33 -15.07
N ILE B 61 4.43 -14.23 -16.03
CA ILE B 61 5.03 -13.85 -17.31
C ILE B 61 3.99 -13.00 -18.03
N GLY B 62 4.44 -11.83 -18.45
CA GLY B 62 3.68 -10.94 -19.39
C GLY B 62 3.11 -9.73 -18.67
N CYS B 63 3.33 -9.57 -17.33
CA CYS B 63 2.69 -8.55 -16.46
C CYS B 63 3.67 -7.45 -15.91
N PRO B 64 3.59 -6.19 -16.39
CA PRO B 64 4.55 -5.10 -15.94
C PRO B 64 4.19 -4.64 -14.59
N VAL B 65 3.17 -5.19 -13.86
CA VAL B 65 2.66 -4.63 -12.60
C VAL B 65 3.71 -4.84 -11.49
N ARG B 66 4.15 -3.73 -10.87
CA ARG B 66 5.09 -3.52 -9.77
C ARG B 66 4.52 -2.77 -8.60
N LYS B 67 5.26 -2.85 -7.47
CA LYS B 67 5.00 -1.97 -6.29
C LYS B 67 6.24 -1.85 -5.35
N HIS B 68 6.07 -0.81 -4.54
CA HIS B 68 6.97 -0.60 -3.36
C HIS B 68 6.26 -0.15 -2.08
N VAL B 69 6.67 -0.78 -0.97
CA VAL B 69 6.03 -0.71 0.30
C VAL B 69 6.89 0.00 1.37
N GLU B 70 6.39 0.95 2.16
CA GLU B 70 7.06 1.64 3.29
C GLU B 70 6.13 2.03 4.47
N ARG B 71 6.70 2.02 5.68
CA ARG B 71 5.99 2.65 6.83
C ARG B 71 5.86 4.16 6.60
N ALA B 72 4.94 4.69 7.40
CA ALA B 72 4.63 6.18 7.39
C ALA B 72 5.71 6.93 8.17
N SER B 73 6.12 8.13 7.62
CA SER B 73 7.31 8.79 8.06
C SER B 73 7.41 9.10 9.52
N HIS B 74 6.31 9.27 10.24
CA HIS B 74 6.26 9.55 11.70
C HIS B 74 5.38 8.67 12.59
N ASP B 75 4.35 8.01 11.97
CA ASP B 75 3.37 7.20 12.65
C ASP B 75 3.65 5.70 12.44
N MET B 76 3.76 4.90 13.52
CA MET B 76 4.22 3.54 13.57
C MET B 76 3.06 2.70 12.98
N ARG B 77 1.83 3.12 13.23
CA ARG B 77 0.58 2.30 12.98
C ARG B 77 0.12 2.31 11.50
N ALA B 78 0.91 2.79 10.48
CA ALA B 78 0.42 3.10 9.06
C ALA B 78 1.49 2.76 7.99
N VAL B 79 1.08 2.10 6.87
CA VAL B 79 1.90 1.48 5.86
C VAL B 79 1.36 1.75 4.48
N ILE B 80 2.20 2.44 3.75
CA ILE B 80 1.88 2.89 2.37
C ILE B 80 2.28 1.81 1.34
N THR B 81 1.55 1.70 0.21
CA THR B 81 1.94 0.83 -0.88
C THR B 81 1.80 1.58 -2.20
N THR B 82 2.96 1.87 -2.85
CA THR B 82 2.93 2.58 -4.15
C THR B 82 2.89 1.59 -5.23
N TYR B 83 1.80 1.45 -5.93
CA TYR B 83 1.63 0.68 -7.12
C TYR B 83 1.94 1.46 -8.38
N GLU B 84 2.33 0.68 -9.43
CA GLU B 84 2.52 1.19 -10.79
C GLU B 84 2.17 0.07 -11.84
N GLY B 85 1.07 0.31 -12.60
CA GLY B 85 0.20 -0.64 -13.30
C GLY B 85 -0.73 -1.34 -12.34
N LYS B 86 -1.82 -1.99 -12.71
CA LYS B 86 -2.65 -2.95 -11.93
C LYS B 86 -2.96 -4.10 -12.89
N HIS B 87 -3.02 -5.32 -12.27
CA HIS B 87 -2.95 -6.59 -12.92
C HIS B 87 -4.18 -6.90 -13.80
N ASN B 88 -4.02 -7.22 -15.07
CA ASN B 88 -5.18 -7.54 -15.89
C ASN B 88 -5.59 -9.01 -15.61
N HIS B 89 -4.69 -9.90 -15.18
CA HIS B 89 -5.03 -11.29 -14.83
C HIS B 89 -5.63 -11.50 -13.43
N ASP B 90 -6.78 -12.16 -13.36
CA ASP B 90 -7.62 -12.13 -12.12
C ASP B 90 -7.09 -12.94 -10.93
N VAL B 91 -6.10 -13.81 -11.15
CA VAL B 91 -5.57 -14.78 -10.11
C VAL B 91 -4.02 -14.84 -10.29
N PRO B 92 -3.21 -14.90 -9.18
CA PRO B 92 -1.80 -14.92 -9.39
C PRO B 92 -1.17 -16.31 -9.88
N SER A 37 -7.56 7.71 18.09
CA SER A 37 -7.21 7.09 16.76
C SER A 37 -8.06 5.84 16.59
N ASN A 38 -8.78 5.71 15.47
CA ASN A 38 -9.54 4.49 15.12
C ASN A 38 -8.75 3.18 14.99
N PRO A 39 -9.34 1.98 15.11
CA PRO A 39 -8.67 0.75 14.81
C PRO A 39 -7.88 0.59 13.51
N MET A 40 -6.81 -0.19 13.57
CA MET A 40 -5.95 -0.53 12.44
C MET A 40 -6.74 -1.10 11.24
N ARG A 41 -6.66 -0.47 10.08
CA ARG A 41 -7.32 -0.98 8.80
C ARG A 41 -6.73 -2.35 8.37
N VAL A 42 -5.46 -2.66 8.67
CA VAL A 42 -4.82 -3.98 8.36
C VAL A 42 -4.96 -4.43 6.92
N GLN A 43 -5.95 -5.29 6.50
CA GLN A 43 -6.21 -5.76 5.11
C GLN A 43 -7.43 -5.18 4.34
N THR A 44 -8.02 -4.01 4.75
CA THR A 44 -9.24 -3.33 4.12
C THR A 44 -9.10 -3.17 2.58
N CYS A 45 -7.90 -2.89 2.14
CA CYS A 45 -7.54 -2.71 0.70
C CYS A 45 -7.48 -4.07 -0.17
N ALA A 46 -7.67 -5.23 0.44
CA ALA A 46 -7.32 -6.52 -0.22
C ALA A 46 -8.41 -7.05 -1.11
N SER A 47 -9.63 -6.43 -1.16
CA SER A 47 -10.75 -6.70 -2.08
C SER A 47 -10.24 -6.59 -3.53
N LYS A 48 -10.76 -7.48 -4.41
CA LYS A 48 -10.39 -7.39 -5.85
C LYS A 48 -11.55 -6.73 -6.63
N PHE A 49 -11.24 -5.76 -7.46
CA PHE A 49 -12.04 -4.78 -8.15
C PHE A 49 -11.43 -4.20 -9.41
N ARG A 50 -12.17 -3.79 -10.41
CA ARG A 50 -11.73 -3.28 -11.73
C ARG A 50 -11.08 -1.90 -11.82
N GLU A 51 -11.59 -0.90 -11.05
CA GLU A 51 -11.09 0.43 -10.96
C GLU A 51 -9.67 0.48 -10.30
N LEU A 52 -8.88 1.58 -10.54
CA LEU A 52 -7.55 1.78 -9.95
C LEU A 52 -7.46 1.71 -8.38
N VAL A 53 -8.52 2.27 -7.77
CA VAL A 53 -8.60 2.30 -6.29
C VAL A 53 -9.98 1.88 -5.80
N GLN A 54 -10.14 1.64 -4.49
CA GLN A 54 -11.42 1.11 -3.96
C GLN A 54 -12.40 2.21 -3.63
N GLU A 55 -13.65 1.83 -3.43
CA GLU A 55 -14.65 2.81 -3.02
C GLU A 55 -14.49 3.33 -1.61
N LEU A 56 -13.74 2.63 -0.74
CA LEU A 56 -13.32 2.92 0.66
C LEU A 56 -12.13 3.89 0.81
N THR A 57 -11.44 4.21 -0.28
CA THR A 57 -10.26 5.09 -0.30
C THR A 57 -10.54 6.46 0.31
N GLY A 58 -9.73 6.89 1.26
CA GLY A 58 -9.85 8.25 1.76
C GLY A 58 -8.74 9.15 1.10
N GLN A 59 -8.64 10.42 1.56
CA GLN A 59 -7.63 11.43 1.18
C GLN A 59 -6.19 11.21 1.64
N ASP A 60 -5.66 9.96 1.44
CA ASP A 60 -4.31 9.49 1.68
C ASP A 60 -3.72 10.06 3.06
N ALA A 61 -4.19 9.55 4.21
CA ALA A 61 -5.18 8.54 4.56
C ALA A 61 -6.02 8.73 5.87
N VAL A 62 -7.34 8.55 5.66
CA VAL A 62 -8.28 8.87 6.72
C VAL A 62 -9.31 7.73 6.89
N ASP A 63 -9.53 7.51 8.17
CA ASP A 63 -10.57 6.59 8.61
C ASP A 63 -12.03 7.12 8.42
N LEU A 64 -12.93 6.34 7.83
CA LEU A 64 -14.25 6.86 7.56
C LEU A 64 -15.15 7.05 8.78
N GLN A 65 -14.94 6.28 9.88
CA GLN A 65 -15.71 6.40 11.10
C GLN A 65 -15.05 7.52 12.07
N PRO A 66 -15.87 8.36 12.76
CA PRO A 66 -15.42 9.49 13.66
C PRO A 66 -14.43 9.14 14.78
N GLU A 67 -13.72 10.15 15.27
CA GLU A 67 -12.86 10.08 16.42
C GLU A 67 -13.60 10.64 17.66
N PRO A 68 -13.60 9.99 18.83
CA PRO A 68 -14.38 10.47 19.93
C PRO A 68 -13.68 11.50 20.86
N ILE A 69 -12.33 11.38 21.11
CA ILE A 69 -11.53 12.27 22.00
C ILE A 69 -11.04 13.49 21.21
N TYR A 70 -10.58 14.57 21.84
CA TYR A 70 -10.02 15.71 21.10
C TYR A 70 -8.91 15.29 20.16
N SER A 71 -8.97 15.67 18.86
CA SER A 71 -8.31 14.93 17.81
C SER A 71 -7.69 15.81 16.80
N LYS B 14 2.49 15.66 -17.46
CA LYS B 14 1.20 14.93 -17.66
C LYS B 14 0.92 14.05 -16.43
N THR B 15 -0.12 14.41 -15.58
CA THR B 15 -0.59 13.67 -14.37
C THR B 15 -1.37 12.39 -14.73
N VAL B 16 -0.97 11.26 -14.23
CA VAL B 16 -1.62 10.00 -14.53
C VAL B 16 -1.47 9.10 -13.29
N ARG B 17 -2.56 8.56 -12.81
CA ARG B 17 -2.55 7.65 -11.61
C ARG B 17 -1.92 6.30 -11.81
N GLU B 18 -2.05 5.67 -12.98
CA GLU B 18 -1.63 4.28 -13.32
C GLU B 18 -0.05 4.01 -13.06
N PRO B 19 0.91 5.01 -13.12
CA PRO B 19 2.27 4.87 -12.61
C PRO B 19 2.43 4.73 -11.05
N ARG B 20 1.36 5.15 -10.32
CA ARG B 20 1.51 5.77 -8.99
C ARG B 20 0.17 5.49 -8.22
N ILE B 21 -0.24 4.25 -8.18
CA ILE B 21 -1.47 3.94 -7.32
C ILE B 21 -0.96 3.87 -5.85
N VAL B 22 -0.97 5.02 -5.13
CA VAL B 22 -0.54 5.15 -3.72
C VAL B 22 -1.62 4.55 -2.81
N VAL B 23 -1.36 3.56 -1.93
CA VAL B 23 -2.29 2.88 -1.06
C VAL B 23 -1.66 2.71 0.41
N GLN B 24 -2.33 3.27 1.43
CA GLN B 24 -1.90 3.27 2.81
C GLN B 24 -2.84 2.42 3.67
N THR B 25 -2.34 1.61 4.60
CA THR B 25 -3.14 0.95 5.66
C THR B 25 -2.56 1.27 6.99
N THR B 26 -3.42 1.56 7.96
CA THR B 26 -3.07 1.60 9.41
C THR B 26 -2.89 0.24 9.93
N SER B 27 -1.59 -0.11 10.04
CA SER B 27 -1.20 -1.38 10.59
C SER B 27 0.15 -1.23 11.28
N CYS B 28 0.50 -2.10 12.24
CA CYS B 28 1.77 -2.14 12.99
C CYS B 28 2.84 -2.93 12.27
N ILE B 29 2.49 -3.61 11.17
CA ILE B 29 3.40 -4.49 10.38
C ILE B 29 3.09 -4.41 8.85
N ASP B 30 4.07 -4.83 8.05
CA ASP B 30 4.04 -4.81 6.58
C ASP B 30 3.80 -6.18 6.03
N ILE B 31 3.24 -7.05 6.84
CA ILE B 31 2.64 -8.24 6.42
C ILE B 31 1.35 -7.79 5.79
N LEU B 32 1.14 -7.93 4.45
CA LEU B 32 0.10 -7.25 3.59
C LEU B 32 -0.55 -8.24 2.61
N ASP B 33 -1.91 -8.15 2.41
CA ASP B 33 -2.58 -8.91 1.40
C ASP B 33 -3.20 -7.97 0.34
N ASP B 34 -3.11 -8.42 -0.96
CA ASP B 34 -3.68 -7.91 -2.18
C ASP B 34 -4.16 -9.12 -3.03
N GLY B 35 -3.95 -10.42 -2.64
CA GLY B 35 -4.45 -11.55 -3.49
C GLY B 35 -3.64 -12.03 -4.68
N TYR B 36 -2.33 -11.73 -4.73
CA TYR B 36 -1.30 -11.95 -5.77
C TYR B 36 0.06 -12.22 -5.25
N ARG B 37 0.88 -12.84 -6.07
CA ARG B 37 2.22 -13.23 -5.71
C ARG B 37 3.42 -12.49 -6.19
N TRP B 38 4.20 -11.94 -5.27
CA TRP B 38 5.24 -10.96 -5.48
C TRP B 38 6.71 -11.39 -5.06
N ARG B 39 7.66 -10.77 -5.77
CA ARG B 39 9.10 -11.07 -5.65
C ARG B 39 9.96 -9.81 -5.60
N LYS B 40 10.81 -9.69 -4.53
CA LYS B 40 11.62 -8.54 -4.10
C LYS B 40 12.83 -8.41 -5.00
N TYR B 41 13.32 -7.25 -5.41
CA TYR B 41 14.60 -7.00 -6.14
C TYR B 41 15.27 -5.71 -5.64
N GLY B 42 14.88 -5.16 -4.47
CA GLY B 42 15.54 -3.95 -3.96
C GLY B 42 15.06 -3.44 -2.64
N GLN B 43 15.84 -2.59 -2.03
CA GLN B 43 15.47 -1.77 -0.87
C GLN B 43 16.25 -0.43 -0.77
N LYS B 44 15.48 0.65 -0.43
CA LYS B 44 15.93 2.06 -0.54
C LYS B 44 15.55 2.88 0.74
N VAL B 45 16.48 3.78 1.02
CA VAL B 45 16.36 4.76 2.17
C VAL B 45 15.31 5.89 2.14
N VAL B 46 14.55 6.09 3.21
CA VAL B 46 13.53 7.10 3.34
C VAL B 46 13.59 7.85 4.63
N CYS B 47 13.02 9.07 4.60
CA CYS B 47 12.91 10.03 5.71
C CYS B 47 12.05 9.50 6.93
N GLY B 48 12.51 9.66 8.20
CA GLY B 48 11.58 9.56 9.39
C GLY B 48 11.51 8.12 9.88
N ASN B 49 11.14 7.22 9.01
CA ASN B 49 11.29 5.81 9.17
C ASN B 49 12.70 5.37 9.07
N PRO B 50 13.17 4.50 10.03
CA PRO B 50 14.50 3.75 9.93
C PRO B 50 14.57 2.58 8.93
N ASN B 51 13.45 2.04 8.45
CA ASN B 51 13.39 0.85 7.55
C ASN B 51 13.29 1.27 6.04
N PRO B 52 13.92 0.52 5.13
CA PRO B 52 13.90 0.88 3.75
C PRO B 52 12.61 0.49 3.09
N ARG B 53 12.31 1.24 2.07
CA ARG B 53 11.27 1.04 1.09
C ARG B 53 11.74 -0.21 0.30
N SER B 54 10.96 -1.29 0.39
CA SER B 54 11.19 -2.51 -0.30
C SER B 54 10.59 -2.48 -1.70
N TYR B 55 11.26 -3.02 -2.70
CA TYR B 55 10.68 -2.99 -4.03
C TYR B 55 10.49 -4.42 -4.50
N TYR B 56 9.40 -4.54 -5.27
CA TYR B 56 8.82 -5.91 -5.67
C TYR B 56 8.14 -5.91 -7.07
N LYS B 57 8.20 -7.01 -7.74
CA LYS B 57 7.51 -7.19 -9.02
C LYS B 57 6.64 -8.45 -9.09
N CYS B 58 5.65 -8.43 -9.96
CA CYS B 58 4.66 -9.57 -10.06
C CYS B 58 5.25 -10.78 -10.88
N THR B 59 4.95 -11.94 -10.31
CA THR B 59 5.66 -13.19 -10.72
C THR B 59 5.05 -13.94 -11.94
N THR B 60 3.85 -13.55 -12.37
CA THR B 60 3.17 -14.17 -13.56
C THR B 60 3.82 -13.75 -14.87
N ILE B 61 3.99 -14.65 -15.87
CA ILE B 61 4.69 -14.28 -17.12
C ILE B 61 3.90 -13.17 -17.91
N GLY B 62 4.65 -12.25 -18.53
CA GLY B 62 4.12 -11.14 -19.32
C GLY B 62 3.44 -9.97 -18.63
N CYS B 63 3.49 -9.96 -17.30
CA CYS B 63 2.91 -8.99 -16.39
C CYS B 63 4.02 -7.93 -16.05
N PRO B 64 3.84 -6.62 -16.37
CA PRO B 64 4.87 -5.61 -16.14
C PRO B 64 4.62 -4.90 -14.80
N VAL B 65 3.80 -5.47 -13.87
CA VAL B 65 3.31 -4.75 -12.75
C VAL B 65 4.26 -4.74 -11.53
N ARG B 66 4.49 -3.57 -10.90
CA ARG B 66 5.46 -3.32 -9.87
C ARG B 66 4.78 -2.83 -8.64
N LYS B 67 5.48 -3.00 -7.52
CA LYS B 67 5.09 -2.30 -6.25
C LYS B 67 6.31 -2.00 -5.39
N HIS B 68 6.19 -0.98 -4.54
CA HIS B 68 7.13 -0.78 -3.39
C HIS B 68 6.36 -0.49 -2.08
N VAL B 69 7.04 -0.80 -0.96
CA VAL B 69 6.38 -0.93 0.38
C VAL B 69 7.26 -0.34 1.45
N GLU B 70 6.75 0.56 2.31
CA GLU B 70 7.48 1.31 3.34
C GLU B 70 6.55 1.55 4.61
N ARG B 71 7.28 1.70 5.76
CA ARG B 71 6.57 2.12 7.01
C ARG B 71 6.53 3.67 7.00
N ALA B 72 5.48 4.21 7.67
CA ALA B 72 5.26 5.67 7.72
C ALA B 72 6.47 6.42 8.34
N SER B 73 6.70 7.67 7.91
CA SER B 73 7.83 8.50 8.38
C SER B 73 7.63 8.85 9.92
N HIS B 74 6.48 9.43 10.28
CA HIS B 74 6.10 9.93 11.63
C HIS B 74 5.38 8.92 12.53
N ASP B 75 5.29 7.68 12.10
CA ASP B 75 4.46 6.67 12.81
C ASP B 75 4.81 5.19 12.42
N MET B 76 4.67 4.36 13.45
CA MET B 76 4.85 2.93 13.43
C MET B 76 3.67 2.15 13.11
N ARG B 77 2.45 2.77 13.20
CA ARG B 77 1.09 2.24 13.00
C ARG B 77 0.59 2.43 11.59
N ALA B 78 1.41 2.84 10.59
CA ALA B 78 0.98 2.97 9.22
C ALA B 78 2.12 2.30 8.36
N VAL B 79 1.70 1.68 7.31
CA VAL B 79 2.53 1.13 6.18
C VAL B 79 1.90 1.64 4.79
N ILE B 80 2.75 1.94 3.79
CA ILE B 80 2.35 2.48 2.41
C ILE B 80 2.86 1.58 1.28
N THR B 81 1.94 1.03 0.48
CA THR B 81 2.35 0.41 -0.77
C THR B 81 2.14 1.46 -1.87
N THR B 82 2.92 1.43 -2.90
CA THR B 82 2.52 2.03 -4.19
C THR B 82 2.70 1.07 -5.33
N TYR B 83 1.61 0.72 -6.02
CA TYR B 83 1.60 -0.12 -7.26
C TYR B 83 1.83 0.79 -8.47
N GLU B 84 2.34 0.11 -9.51
CA GLU B 84 2.73 0.63 -10.78
C GLU B 84 2.14 -0.24 -11.90
N GLY B 85 0.94 0.17 -12.31
CA GLY B 85 0.10 -0.55 -13.23
C GLY B 85 -0.81 -1.64 -12.57
N LYS B 86 -1.94 -1.92 -13.31
CA LYS B 86 -3.02 -2.93 -13.00
C LYS B 86 -2.74 -4.32 -13.67
N HIS B 87 -3.14 -5.39 -12.95
CA HIS B 87 -2.92 -6.78 -13.39
C HIS B 87 -3.95 -7.17 -14.42
N ASN B 88 -3.55 -7.48 -15.66
CA ASN B 88 -4.41 -8.05 -16.76
C ASN B 88 -4.87 -9.52 -16.48
N HIS B 89 -4.72 -9.97 -15.20
CA HIS B 89 -5.07 -11.29 -14.77
C HIS B 89 -5.79 -11.18 -13.35
N ASP B 90 -6.95 -11.85 -13.15
CA ASP B 90 -7.62 -12.03 -11.79
C ASP B 90 -6.90 -13.08 -10.94
N VAL B 91 -6.24 -14.15 -11.45
CA VAL B 91 -5.59 -15.27 -10.75
C VAL B 91 -4.23 -14.87 -10.03
N PRO B 92 -3.90 -15.43 -8.84
CA PRO B 92 -2.68 -15.07 -8.08
C PRO B 92 -1.29 -15.05 -8.70
N SER A 37 -7.37 6.50 19.10
CA SER A 37 -7.31 6.42 17.64
C SER A 37 -8.38 5.44 17.21
N ASN A 38 -8.78 5.40 15.95
CA ASN A 38 -9.53 4.28 15.48
C ASN A 38 -8.68 2.97 15.59
N PRO A 39 -9.28 1.80 15.55
CA PRO A 39 -8.67 0.48 15.32
C PRO A 39 -7.90 0.45 14.00
N MET A 40 -6.88 -0.33 13.95
CA MET A 40 -6.00 -0.52 12.73
C MET A 40 -6.79 -1.00 11.45
N ARG A 41 -6.53 -0.47 10.24
CA ARG A 41 -7.17 -0.95 9.05
C ARG A 41 -6.69 -2.27 8.54
N VAL A 42 -5.36 -2.61 8.61
CA VAL A 42 -4.80 -3.93 8.11
C VAL A 42 -5.05 -4.25 6.66
N GLN A 43 -5.73 -5.38 6.38
CA GLN A 43 -6.12 -5.77 5.00
C GLN A 43 -7.37 -5.02 4.41
N THR A 44 -7.63 -3.77 4.80
CA THR A 44 -8.79 -3.01 4.33
C THR A 44 -8.90 -2.86 2.81
N CYS A 45 -7.77 -2.73 2.12
CA CYS A 45 -7.65 -2.47 0.65
C CYS A 45 -7.30 -3.67 -0.28
N ALA A 46 -7.42 -4.86 0.25
CA ALA A 46 -7.01 -6.08 -0.36
C ALA A 46 -7.78 -6.65 -1.59
N SER A 47 -9.00 -6.14 -1.89
CA SER A 47 -9.79 -6.73 -2.94
C SER A 47 -9.11 -6.46 -4.37
N LYS A 48 -9.41 -7.34 -5.32
CA LYS A 48 -9.10 -7.21 -6.73
C LYS A 48 -10.19 -6.36 -7.33
N PHE A 49 -9.85 -5.33 -8.05
CA PHE A 49 -10.72 -4.42 -8.86
C PHE A 49 -9.93 -3.77 -9.98
N ARG A 50 -10.56 -3.40 -11.13
CA ARG A 50 -9.87 -2.90 -12.33
C ARG A 50 -9.64 -1.42 -12.48
N GLU A 51 -10.51 -0.64 -11.82
CA GLU A 51 -10.40 0.81 -11.56
C GLU A 51 -9.02 1.04 -10.89
N LEU A 52 -8.65 2.32 -10.79
CA LEU A 52 -7.43 2.75 -10.09
C LEU A 52 -7.64 2.71 -8.54
N VAL A 53 -8.75 3.17 -7.94
CA VAL A 53 -9.09 3.30 -6.55
C VAL A 53 -10.52 2.94 -6.24
N GLN A 54 -10.81 2.81 -5.00
CA GLN A 54 -12.14 2.47 -4.38
C GLN A 54 -12.45 3.59 -3.44
N GLU A 55 -13.68 3.65 -2.94
CA GLU A 55 -14.03 4.52 -1.87
C GLU A 55 -13.43 4.10 -0.51
N LEU A 56 -12.65 3.04 -0.45
CA LEU A 56 -11.91 2.61 0.67
C LEU A 56 -10.57 3.39 1.03
N THR A 57 -10.33 4.40 0.12
CA THR A 57 -9.03 5.05 -0.09
C THR A 57 -9.17 6.60 0.09
N GLY A 58 -8.67 7.16 1.22
CA GLY A 58 -8.82 8.60 1.47
C GLY A 58 -7.53 9.33 1.00
N GLN A 59 -7.22 10.47 1.62
CA GLN A 59 -6.07 11.34 1.45
C GLN A 59 -4.68 10.79 1.80
N ASP A 60 -4.30 9.56 1.46
CA ASP A 60 -3.12 8.75 1.85
C ASP A 60 -2.84 8.61 3.34
N ALA A 61 -3.69 8.13 4.22
CA ALA A 61 -5.14 7.86 4.09
C ALA A 61 -5.77 7.82 5.57
N VAL A 62 -7.14 7.65 5.67
CA VAL A 62 -7.86 8.01 6.92
C VAL A 62 -8.88 6.99 7.39
N ASP A 63 -9.19 6.86 8.72
CA ASP A 63 -9.97 5.72 9.21
C ASP A 63 -11.45 5.89 8.89
N LEU A 64 -12.05 4.87 8.22
CA LEU A 64 -13.33 4.84 7.55
C LEU A 64 -14.52 5.08 8.44
N GLN A 65 -14.40 4.87 9.76
CA GLN A 65 -15.45 5.09 10.76
C GLN A 65 -15.22 6.40 11.59
N PRO A 66 -16.21 6.81 12.35
CA PRO A 66 -16.13 7.83 13.39
C PRO A 66 -15.16 7.41 14.54
N GLU A 67 -14.43 8.36 15.13
CA GLU A 67 -13.43 8.15 16.20
C GLU A 67 -14.05 7.76 17.54
N PRO A 68 -13.86 6.42 17.94
CA PRO A 68 -14.49 5.77 19.14
C PRO A 68 -13.87 6.13 20.56
N ILE A 69 -12.86 7.00 20.50
CA ILE A 69 -12.19 7.47 21.77
C ILE A 69 -11.75 8.99 21.58
N TYR A 70 -11.65 9.67 22.69
CA TYR A 70 -11.22 11.13 22.66
C TYR A 70 -10.00 11.46 21.76
N SER A 71 -10.12 12.49 20.92
CA SER A 71 -9.05 12.97 20.02
C SER A 71 -7.96 13.78 20.62
N LYS B 14 -2.65 15.39 -18.88
CA LYS B 14 -3.61 14.39 -18.38
C LYS B 14 -3.33 14.07 -16.91
N THR B 15 -4.32 13.93 -16.08
CA THR B 15 -4.21 13.48 -14.69
C THR B 15 -3.89 11.99 -14.66
N VAL B 16 -2.56 11.65 -14.69
CA VAL B 16 -2.15 10.22 -14.62
C VAL B 16 -2.02 9.75 -13.12
N ARG B 17 -2.43 8.52 -12.83
CA ARG B 17 -2.27 7.96 -11.50
C ARG B 17 -1.68 6.51 -11.46
N GLU B 18 -1.98 5.70 -12.50
CA GLU B 18 -1.65 4.25 -12.68
C GLU B 18 -0.24 3.79 -12.34
N PRO B 19 0.84 4.52 -12.70
CA PRO B 19 2.19 4.07 -12.43
C PRO B 19 2.59 4.55 -10.94
N ARG B 20 1.66 5.13 -10.17
CA ARG B 20 1.88 5.69 -8.88
C ARG B 20 0.68 5.69 -7.88
N ILE B 21 -0.08 4.60 -7.89
CA ILE B 21 -1.30 4.40 -7.10
C ILE B 21 -0.88 4.21 -5.63
N VAL B 22 -0.82 5.27 -4.84
CA VAL B 22 -0.52 5.18 -3.48
C VAL B 22 -1.72 4.70 -2.63
N VAL B 23 -1.52 3.70 -1.78
CA VAL B 23 -2.51 3.04 -0.88
C VAL B 23 -1.89 2.95 0.48
N GLN B 24 -2.43 3.67 1.40
CA GLN B 24 -1.93 3.70 2.81
C GLN B 24 -2.84 3.03 3.87
N THR B 25 -2.32 2.21 4.80
CA THR B 25 -3.04 1.44 5.78
C THR B 25 -2.43 1.54 7.10
N THR B 26 -3.12 1.03 8.14
CA THR B 26 -2.59 1.08 9.50
C THR B 26 -2.53 -0.32 10.13
N SER B 27 -1.31 -0.66 10.48
CA SER B 27 -0.99 -2.01 10.99
C SER B 27 0.36 -2.04 11.72
N CYS B 28 0.50 -2.90 12.70
CA CYS B 28 1.76 -3.00 13.48
C CYS B 28 2.90 -3.81 12.77
N ILE B 29 2.63 -4.26 11.50
CA ILE B 29 3.55 -5.12 10.80
C ILE B 29 3.23 -4.94 9.29
N ASP B 30 4.25 -5.03 8.42
CA ASP B 30 4.28 -4.42 7.08
C ASP B 30 3.99 -5.40 5.87
N ILE B 31 3.89 -6.68 6.18
CA ILE B 31 3.25 -7.69 5.40
C ILE B 31 1.76 -7.37 5.04
N LEU B 32 1.34 -7.35 3.77
CA LEU B 32 -0.02 -7.06 3.29
C LEU B 32 -0.44 -8.02 2.19
N ASP B 33 -1.74 -8.31 2.20
CA ASP B 33 -2.48 -9.06 1.19
C ASP B 33 -2.99 -8.17 -0.03
N ASP B 34 -3.17 -8.83 -1.13
CA ASP B 34 -3.74 -8.35 -2.40
C ASP B 34 -4.04 -9.49 -3.44
N GLY B 35 -3.75 -10.74 -3.05
CA GLY B 35 -4.16 -11.96 -3.69
C GLY B 35 -3.30 -12.35 -4.89
N TYR B 36 -2.07 -11.86 -4.99
CA TYR B 36 -1.05 -12.23 -6.07
C TYR B 36 0.28 -12.83 -5.55
N ARG B 37 1.00 -13.58 -6.39
CA ARG B 37 2.43 -13.81 -6.06
C ARG B 37 3.29 -12.59 -6.55
N TRP B 38 4.32 -12.37 -5.73
CA TRP B 38 5.34 -11.28 -5.85
C TRP B 38 6.75 -11.82 -5.50
N ARG B 39 7.73 -10.99 -5.83
CA ARG B 39 9.12 -11.15 -5.40
C ARG B 39 9.79 -9.78 -5.20
N LYS B 40 10.60 -9.62 -4.16
CA LYS B 40 11.46 -8.43 -4.00
C LYS B 40 12.66 -8.34 -4.99
N TYR B 41 13.00 -7.15 -5.39
CA TYR B 41 14.07 -6.73 -6.22
C TYR B 41 14.74 -5.58 -5.52
N GLY B 42 15.37 -5.77 -4.40
CA GLY B 42 16.19 -4.89 -3.60
C GLY B 42 15.46 -3.88 -2.70
N GLN B 43 16.17 -2.95 -2.04
CA GLN B 43 15.58 -1.89 -1.19
C GLN B 43 16.34 -0.57 -1.15
N LYS B 44 15.77 0.55 -0.56
CA LYS B 44 16.51 1.82 -0.31
C LYS B 44 16.06 2.59 0.99
N VAL B 45 16.82 3.68 1.32
CA VAL B 45 16.58 4.69 2.38
C VAL B 45 15.34 5.58 2.12
N VAL B 46 14.58 5.93 3.18
CA VAL B 46 13.46 6.90 3.19
C VAL B 46 13.46 7.76 4.43
N CYS B 47 12.87 8.94 4.32
CA CYS B 47 12.97 10.07 5.29
C CYS B 47 12.26 9.80 6.60
N GLY B 48 12.88 9.93 7.79
CA GLY B 48 12.16 10.03 9.09
C GLY B 48 11.85 8.71 9.68
N ASN B 49 12.33 7.61 9.04
CA ASN B 49 11.89 6.22 9.29
C ASN B 49 13.14 5.38 8.95
N PRO B 50 13.70 4.48 9.84
CA PRO B 50 14.96 3.70 9.68
C PRO B 50 14.59 2.47 8.90
N ASN B 51 13.35 2.03 8.73
CA ASN B 51 12.91 0.87 8.01
C ASN B 51 13.04 1.22 6.50
N PRO B 52 13.45 0.20 5.67
CA PRO B 52 13.78 0.51 4.23
C PRO B 52 12.57 0.33 3.36
N ARG B 53 12.60 0.97 2.14
CA ARG B 53 11.53 0.87 1.13
C ARG B 53 11.79 -0.33 0.11
N SER B 54 11.01 -1.41 0.12
CA SER B 54 11.32 -2.57 -0.64
C SER B 54 10.63 -2.54 -1.96
N TYR B 55 11.23 -3.03 -3.04
CA TYR B 55 10.65 -2.91 -4.44
C TYR B 55 10.35 -4.26 -4.98
N TYR B 56 9.31 -4.36 -5.73
CA TYR B 56 8.69 -5.68 -6.08
C TYR B 56 8.11 -5.77 -7.50
N LYS B 57 8.05 -6.96 -8.17
CA LYS B 57 7.29 -7.16 -9.45
C LYS B 57 6.60 -8.53 -9.25
N CYS B 58 5.39 -8.60 -9.77
CA CYS B 58 4.60 -9.78 -10.00
C CYS B 58 5.22 -11.00 -10.68
N THR B 59 5.05 -12.27 -10.17
CA THR B 59 5.76 -13.38 -10.81
C THR B 59 5.03 -13.99 -12.07
N THR B 60 3.87 -13.48 -12.55
CA THR B 60 3.28 -13.96 -13.78
C THR B 60 4.16 -13.45 -14.91
N ILE B 61 4.56 -14.37 -15.78
CA ILE B 61 5.45 -14.15 -16.90
C ILE B 61 4.74 -13.46 -18.06
N GLY B 62 5.12 -12.25 -18.45
CA GLY B 62 4.32 -11.32 -19.18
C GLY B 62 3.56 -10.24 -18.36
N CYS B 63 3.48 -10.32 -17.02
CA CYS B 63 2.89 -9.32 -16.10
C CYS B 63 3.93 -8.24 -15.64
N PRO B 64 3.92 -7.01 -16.26
CA PRO B 64 4.76 -5.96 -15.83
C PRO B 64 4.37 -5.20 -14.53
N VAL B 65 3.33 -5.58 -13.75
CA VAL B 65 2.89 -4.79 -12.62
C VAL B 65 3.94 -4.90 -11.43
N ARG B 66 4.24 -3.81 -10.85
CA ARG B 66 5.21 -3.61 -9.76
C ARG B 66 4.61 -2.86 -8.56
N LYS B 67 5.36 -2.75 -7.46
CA LYS B 67 5.03 -2.02 -6.24
C LYS B 67 6.29 -1.63 -5.46
N HIS B 68 6.25 -0.61 -4.62
CA HIS B 68 7.23 -0.40 -3.52
C HIS B 68 6.50 -0.12 -2.23
N VAL B 69 7.07 -0.40 -1.05
CA VAL B 69 6.36 -0.50 0.16
C VAL B 69 7.26 0.10 1.42
N GLU B 70 6.64 0.77 2.39
CA GLU B 70 7.31 1.41 3.51
C GLU B 70 6.37 1.73 4.65
N ARG B 71 6.95 1.89 5.85
CA ARG B 71 6.35 2.40 7.09
C ARG B 71 6.20 3.93 6.96
N ALA B 72 5.30 4.57 7.68
CA ALA B 72 5.16 6.04 7.71
C ALA B 72 6.29 6.73 8.55
N SER B 73 6.68 7.91 8.11
CA SER B 73 7.58 8.85 8.83
C SER B 73 7.10 9.33 10.18
N HIS B 74 5.84 9.79 10.35
CA HIS B 74 5.32 10.34 11.61
C HIS B 74 4.81 9.31 12.68
N ASP B 75 4.72 8.05 12.31
CA ASP B 75 4.06 7.02 13.18
C ASP B 75 4.71 5.65 12.86
N MET B 76 4.66 4.79 13.86
CA MET B 76 5.08 3.39 13.70
C MET B 76 3.92 2.59 13.02
N ARG B 77 2.66 2.94 13.25
CA ARG B 77 1.41 2.12 12.97
C ARG B 77 0.98 2.34 11.50
N ALA B 78 1.48 3.35 10.76
CA ALA B 78 0.95 3.68 9.45
C ALA B 78 1.90 2.96 8.46
N VAL B 79 1.38 2.40 7.30
CA VAL B 79 2.20 1.70 6.35
C VAL B 79 1.69 2.14 4.98
N ILE B 80 2.55 2.40 4.00
CA ILE B 80 2.30 3.04 2.67
C ILE B 80 2.80 2.17 1.51
N THR B 81 1.87 1.52 0.80
CA THR B 81 2.17 0.86 -0.48
C THR B 81 2.04 1.87 -1.64
N THR B 82 3.03 2.01 -2.50
CA THR B 82 2.84 2.58 -3.89
C THR B 82 2.82 1.44 -4.91
N TYR B 83 1.76 1.28 -5.69
CA TYR B 83 1.50 0.33 -6.77
C TYR B 83 1.72 0.89 -8.17
N GLU B 84 2.21 0.10 -9.16
CA GLU B 84 2.58 0.62 -10.48
C GLU B 84 2.06 -0.28 -11.62
N GLY B 85 0.99 0.06 -12.26
CA GLY B 85 0.32 -0.82 -13.25
C GLY B 85 -0.88 -1.48 -12.62
N LYS B 86 -1.49 -2.20 -13.55
CA LYS B 86 -2.71 -3.04 -13.33
C LYS B 86 -2.69 -4.44 -13.96
N HIS B 87 -2.96 -5.42 -13.06
CA HIS B 87 -2.80 -6.87 -13.29
C HIS B 87 -3.80 -7.39 -14.28
N ASN B 88 -3.48 -7.60 -15.51
CA ASN B 88 -4.35 -8.34 -16.51
C ASN B 88 -4.48 -9.89 -16.32
N HIS B 89 -4.40 -10.31 -15.08
CA HIS B 89 -4.80 -11.55 -14.59
C HIS B 89 -5.49 -11.45 -13.27
N ASP B 90 -6.23 -12.49 -12.94
CA ASP B 90 -7.01 -12.69 -11.69
C ASP B 90 -6.62 -13.87 -10.85
N VAL B 91 -6.09 -14.92 -11.49
CA VAL B 91 -5.26 -15.92 -10.83
C VAL B 91 -4.05 -15.32 -10.22
N PRO B 92 -3.51 -15.74 -9.04
CA PRO B 92 -2.35 -15.15 -8.35
C PRO B 92 -0.96 -15.30 -8.95
N SER A 37 -6.93 8.14 18.58
CA SER A 37 -6.90 7.25 17.44
C SER A 37 -8.09 6.38 17.41
N ASN A 38 -8.56 6.00 16.18
CA ASN A 38 -9.39 4.78 15.94
C ASN A 38 -8.48 3.51 15.70
N PRO A 39 -8.97 2.24 15.86
CA PRO A 39 -8.14 1.03 15.69
C PRO A 39 -7.50 0.85 14.33
N MET A 40 -6.55 -0.08 14.27
CA MET A 40 -5.90 -0.56 13.05
C MET A 40 -6.92 -1.10 11.94
N ARG A 41 -6.73 -0.67 10.63
CA ARG A 41 -7.43 -1.04 9.45
C ARG A 41 -6.92 -2.32 8.83
N VAL A 42 -5.69 -2.69 9.10
CA VAL A 42 -5.06 -3.92 8.60
C VAL A 42 -5.35 -4.26 7.16
N GLN A 43 -6.19 -5.35 6.90
CA GLN A 43 -6.65 -5.81 5.57
C GLN A 43 -7.94 -5.13 4.96
N THR A 44 -8.40 -3.99 5.49
CA THR A 44 -9.58 -3.24 5.07
C THR A 44 -9.54 -2.82 3.57
N CYS A 45 -8.44 -2.49 2.95
CA CYS A 45 -8.39 -2.11 1.57
C CYS A 45 -7.76 -3.25 0.65
N ALA A 46 -7.60 -4.45 1.11
CA ALA A 46 -6.89 -5.57 0.44
C ALA A 46 -7.52 -6.25 -0.75
N SER A 47 -8.80 -6.04 -1.05
CA SER A 47 -9.57 -6.86 -2.10
C SER A 47 -9.24 -6.31 -3.47
N LYS A 48 -9.24 -7.19 -4.47
CA LYS A 48 -8.89 -6.92 -5.87
C LYS A 48 -9.85 -5.92 -6.52
N PHE A 49 -9.42 -5.23 -7.56
CA PHE A 49 -10.16 -4.15 -8.25
C PHE A 49 -9.45 -3.83 -9.59
N ARG A 50 -10.20 -3.41 -10.60
CA ARG A 50 -9.59 -2.96 -11.92
C ARG A 50 -9.30 -1.43 -11.99
N GLU A 51 -9.97 -0.61 -11.20
CA GLU A 51 -9.86 0.90 -11.22
C GLU A 51 -8.49 1.36 -10.88
N LEU A 52 -8.26 2.65 -11.06
CA LEU A 52 -7.06 3.40 -10.74
C LEU A 52 -7.07 4.13 -9.38
N VAL A 53 -8.11 3.93 -8.59
CA VAL A 53 -8.18 4.29 -7.21
C VAL A 53 -9.02 3.30 -6.49
N GLN A 54 -8.69 2.92 -5.28
CA GLN A 54 -9.49 1.92 -4.56
C GLN A 54 -10.81 2.48 -3.99
N GLU A 55 -11.88 1.67 -3.90
CA GLU A 55 -13.23 2.21 -3.74
C GLU A 55 -13.43 3.01 -2.42
N LEU A 56 -12.46 3.07 -1.48
CA LEU A 56 -12.43 3.65 -0.16
C LEU A 56 -11.31 4.70 0.03
N THR A 57 -10.60 5.15 -1.12
CA THR A 57 -9.40 5.94 -1.07
C THR A 57 -9.72 7.32 -0.33
N GLY A 58 -9.01 7.57 0.74
CA GLY A 58 -9.02 8.84 1.47
C GLY A 58 -7.84 9.78 1.02
N GLN A 59 -7.47 10.76 1.83
CA GLN A 59 -6.22 11.59 1.70
C GLN A 59 -4.89 10.90 1.84
N ASP A 60 -4.75 9.61 1.53
CA ASP A 60 -3.70 8.62 1.64
C ASP A 60 -3.18 8.40 3.06
N ALA A 61 -4.06 7.98 4.00
CA ALA A 61 -5.57 7.97 4.05
C ALA A 61 -6.23 7.88 5.43
N VAL A 62 -7.38 8.58 5.60
CA VAL A 62 -8.21 8.69 6.80
C VAL A 62 -9.01 7.53 7.26
N ASP A 63 -9.39 7.43 8.53
CA ASP A 63 -10.21 6.37 9.13
C ASP A 63 -11.69 6.46 8.69
N LEU A 64 -12.39 5.32 8.58
CA LEU A 64 -13.73 5.16 7.93
C LEU A 64 -14.85 5.17 9.00
N GLN A 65 -14.52 5.02 10.28
CA GLN A 65 -15.39 5.09 11.42
C GLN A 65 -14.99 6.35 12.17
N PRO A 66 -15.96 7.03 12.79
CA PRO A 66 -15.74 8.40 13.25
C PRO A 66 -14.75 8.43 14.38
N GLU A 67 -14.03 9.52 14.56
CA GLU A 67 -13.04 9.64 15.68
C GLU A 67 -13.62 9.41 17.14
N PRO A 68 -12.96 8.57 17.97
CA PRO A 68 -13.39 8.44 19.35
C PRO A 68 -12.85 9.51 20.27
N ILE A 69 -11.58 9.80 20.07
CA ILE A 69 -10.90 10.92 20.78
C ILE A 69 -11.09 12.27 20.02
N TYR A 70 -11.08 13.38 20.76
CA TYR A 70 -10.87 14.66 20.22
C TYR A 70 -9.65 14.85 19.29
N SER A 71 -9.61 16.01 18.63
CA SER A 71 -8.58 16.31 17.55
C SER A 71 -7.96 17.71 17.68
N LYS B 14 -4.12 15.13 -20.24
CA LYS B 14 -3.92 13.81 -19.62
C LYS B 14 -3.71 13.82 -18.14
N THR B 15 -4.30 12.88 -17.36
CA THR B 15 -3.92 12.77 -15.90
C THR B 15 -2.89 11.68 -15.77
N VAL B 16 -1.67 11.89 -15.28
CA VAL B 16 -0.71 10.81 -15.10
C VAL B 16 -0.99 10.32 -13.69
N ARG B 17 -1.20 8.99 -13.53
CA ARG B 17 -1.66 8.39 -12.29
C ARG B 17 -1.50 6.89 -12.12
N GLU B 18 -1.23 6.21 -13.26
CA GLU B 18 -0.79 4.80 -13.27
C GLU B 18 0.62 4.39 -12.69
N PRO B 19 1.65 5.21 -12.87
CA PRO B 19 2.87 4.95 -12.13
C PRO B 19 2.90 5.42 -10.64
N ARG B 20 1.69 5.69 -10.02
CA ARG B 20 1.58 6.18 -8.63
C ARG B 20 0.12 6.05 -8.14
N ILE B 21 -0.51 4.89 -8.43
CA ILE B 21 -1.62 4.36 -7.69
C ILE B 21 -1.14 4.12 -6.21
N VAL B 22 -1.70 4.90 -5.31
CA VAL B 22 -1.40 4.77 -3.84
C VAL B 22 -2.47 4.13 -3.10
N VAL B 23 -2.07 3.31 -2.10
CA VAL B 23 -2.92 2.64 -1.14
C VAL B 23 -2.40 2.81 0.30
N GLN B 24 -3.22 3.21 1.29
CA GLN B 24 -2.68 3.38 2.67
C GLN B 24 -3.47 2.46 3.59
N THR B 25 -2.86 1.81 4.56
CA THR B 25 -3.57 1.08 5.65
C THR B 25 -2.81 1.42 6.93
N THR B 26 -3.46 1.08 8.05
CA THR B 26 -2.84 1.30 9.35
C THR B 26 -2.78 -0.10 10.07
N SER B 27 -1.61 -0.50 10.64
CA SER B 27 -1.35 -1.65 11.36
C SER B 27 0.00 -1.56 12.06
N CYS B 28 0.21 -2.29 13.16
CA CYS B 28 1.45 -2.29 13.97
C CYS B 28 2.57 -3.20 13.39
N ILE B 29 2.20 -4.09 12.43
CA ILE B 29 3.18 -4.98 11.69
C ILE B 29 2.80 -5.06 10.21
N ASP B 30 3.76 -5.19 9.31
CA ASP B 30 3.57 -5.33 7.86
C ASP B 30 3.11 -6.73 7.38
N ILE B 31 2.51 -7.55 8.24
CA ILE B 31 1.96 -8.89 7.73
C ILE B 31 0.58 -8.61 7.09
N LEU B 32 0.58 -8.62 5.72
CA LEU B 32 -0.39 -7.98 4.81
C LEU B 32 -0.45 -8.71 3.53
N ASP B 33 -1.55 -8.61 2.79
CA ASP B 33 -1.73 -9.18 1.40
C ASP B 33 -2.60 -8.38 0.37
N ASP B 34 -2.50 -8.74 -0.90
CA ASP B 34 -3.19 -7.99 -1.91
C ASP B 34 -3.75 -9.06 -2.89
N GLY B 35 -3.42 -10.32 -2.73
CA GLY B 35 -3.89 -11.50 -3.52
C GLY B 35 -3.15 -11.95 -4.79
N TYR B 36 -1.90 -11.46 -4.96
CA TYR B 36 -0.91 -11.90 -6.00
C TYR B 36 0.46 -12.24 -5.39
N ARG B 37 1.22 -12.95 -6.21
CA ARG B 37 2.55 -13.44 -5.78
C ARG B 37 3.77 -12.61 -6.32
N TRP B 38 4.63 -12.12 -5.46
CA TRP B 38 5.66 -11.08 -5.82
C TRP B 38 7.14 -11.62 -5.58
N ARG B 39 8.08 -11.08 -6.33
CA ARG B 39 9.53 -11.35 -6.15
C ARG B 39 10.21 -10.02 -5.83
N LYS B 40 11.22 -10.05 -4.92
CA LYS B 40 11.93 -8.83 -4.46
C LYS B 40 13.08 -8.41 -5.45
N TYR B 41 13.21 -7.04 -5.51
CA TYR B 41 14.01 -6.30 -6.45
C TYR B 41 14.67 -5.10 -5.82
N GLY B 42 15.34 -5.42 -4.69
CA GLY B 42 15.94 -4.50 -3.82
C GLY B 42 15.06 -3.56 -2.90
N GLN B 43 15.82 -2.66 -2.19
CA GLN B 43 15.31 -1.74 -1.11
C GLN B 43 16.20 -0.53 -0.87
N LYS B 44 15.57 0.63 -0.62
CA LYS B 44 16.15 1.99 -0.61
C LYS B 44 15.86 2.75 0.74
N VAL B 45 16.80 3.53 1.25
CA VAL B 45 16.72 4.28 2.53
C VAL B 45 15.86 5.47 2.35
N VAL B 46 14.99 5.77 3.32
CA VAL B 46 13.88 6.73 3.21
C VAL B 46 13.87 7.59 4.58
N CYS B 47 13.21 8.71 4.50
CA CYS B 47 13.32 9.72 5.50
C CYS B 47 12.45 9.35 6.72
N GLY B 48 12.95 9.53 7.91
CA GLY B 48 12.23 9.33 9.19
C GLY B 48 12.15 7.87 9.68
N ASN B 49 12.00 7.03 8.70
CA ASN B 49 11.78 5.66 8.98
C ASN B 49 13.09 4.95 9.30
N PRO B 50 13.29 4.34 10.48
CA PRO B 50 14.44 3.43 10.71
C PRO B 50 14.54 2.12 9.90
N ASN B 51 13.71 1.74 8.91
CA ASN B 51 13.93 0.51 8.10
C ASN B 51 13.63 0.83 6.63
N PRO B 52 14.38 0.17 5.71
CA PRO B 52 14.32 0.63 4.28
C PRO B 52 12.85 0.45 3.63
N ARG B 53 12.63 1.00 2.39
CA ARG B 53 11.52 0.78 1.41
C ARG B 53 11.80 -0.41 0.47
N SER B 54 10.97 -1.46 0.47
CA SER B 54 11.05 -2.67 -0.36
C SER B 54 10.41 -2.48 -1.73
N TYR B 55 10.96 -3.08 -2.79
CA TYR B 55 10.49 -3.08 -4.16
C TYR B 55 10.28 -4.46 -4.65
N TYR B 56 9.08 -4.70 -5.32
CA TYR B 56 8.68 -6.02 -5.79
C TYR B 56 8.01 -6.02 -7.24
N LYS B 57 8.20 -7.18 -7.95
CA LYS B 57 7.46 -7.41 -9.21
C LYS B 57 6.52 -8.59 -9.06
N CYS B 58 5.30 -8.53 -9.65
CA CYS B 58 4.38 -9.65 -9.93
C CYS B 58 5.14 -10.90 -10.61
N THR B 59 5.11 -12.11 -10.11
CA THR B 59 5.70 -13.33 -10.66
C THR B 59 5.08 -13.85 -12.04
N THR B 60 3.88 -13.40 -12.35
CA THR B 60 3.19 -13.83 -13.57
C THR B 60 3.91 -13.33 -14.78
N ILE B 61 4.06 -14.20 -15.79
CA ILE B 61 4.69 -13.91 -17.13
C ILE B 61 3.71 -13.20 -18.03
N GLY B 62 4.20 -12.10 -18.72
CA GLY B 62 3.34 -11.12 -19.43
C GLY B 62 2.72 -10.06 -18.55
N CYS B 63 3.21 -9.87 -17.30
CA CYS B 63 2.73 -8.87 -16.33
C CYS B 63 3.82 -7.93 -15.86
N PRO B 64 4.07 -6.70 -16.42
CA PRO B 64 5.10 -5.76 -16.03
C PRO B 64 4.83 -5.22 -14.64
N VAL B 65 3.62 -5.39 -14.01
CA VAL B 65 3.23 -4.66 -12.80
C VAL B 65 4.23 -4.90 -11.59
N ARG B 66 4.45 -3.89 -10.84
CA ARG B 66 5.44 -3.68 -9.84
C ARG B 66 4.90 -2.88 -8.65
N LYS B 67 5.60 -2.84 -7.51
CA LYS B 67 5.17 -2.00 -6.40
C LYS B 67 6.32 -1.73 -5.46
N HIS B 68 6.24 -0.68 -4.68
CA HIS B 68 7.00 -0.49 -3.50
C HIS B 68 6.09 -0.40 -2.27
N VAL B 69 6.80 -0.56 -1.14
CA VAL B 69 6.22 -0.86 0.15
C VAL B 69 7.08 -0.21 1.28
N GLU B 70 6.43 0.56 2.17
CA GLU B 70 7.13 1.20 3.29
C GLU B 70 6.17 1.24 4.55
N ARG B 71 6.77 1.17 5.76
CA ARG B 71 6.26 1.77 7.04
C ARG B 71 6.21 3.30 6.85
N ALA B 72 5.12 3.88 7.49
CA ALA B 72 4.89 5.33 7.41
C ALA B 72 6.07 6.24 7.90
N SER B 73 6.27 7.41 7.40
CA SER B 73 7.57 8.12 7.63
C SER B 73 7.65 8.87 9.00
N HIS B 74 6.46 9.22 9.50
CA HIS B 74 6.25 10.11 10.67
C HIS B 74 5.54 9.28 11.84
N ASP B 75 5.21 8.05 11.55
CA ASP B 75 4.36 7.21 12.35
C ASP B 75 4.77 5.75 12.23
N MET B 76 4.90 5.01 13.35
CA MET B 76 5.09 3.52 13.32
C MET B 76 3.87 2.80 12.82
N ARG B 77 2.69 3.32 13.18
CA ARG B 77 1.39 2.58 13.07
C ARG B 77 0.75 2.43 11.68
N ALA B 78 1.44 2.81 10.58
CA ALA B 78 0.84 2.77 9.29
C ALA B 78 1.78 2.24 8.17
N VAL B 79 1.19 1.77 7.05
CA VAL B 79 1.83 1.10 5.89
C VAL B 79 1.28 1.64 4.61
N ILE B 80 2.14 1.92 3.57
CA ILE B 80 1.69 2.66 2.40
C ILE B 80 2.41 2.03 1.18
N THR B 81 1.68 1.26 0.37
CA THR B 81 2.14 0.65 -0.86
C THR B 81 1.82 1.60 -2.00
N THR B 82 2.85 1.99 -2.75
CA THR B 82 2.62 2.55 -4.12
C THR B 82 2.82 1.44 -5.18
N TYR B 83 1.98 1.43 -6.19
CA TYR B 83 1.96 0.48 -7.26
C TYR B 83 2.37 1.16 -8.64
N GLU B 84 2.81 0.40 -9.59
CA GLU B 84 3.08 0.79 -10.94
C GLU B 84 2.42 -0.21 -11.94
N GLY B 85 1.42 0.30 -12.61
CA GLY B 85 0.56 -0.57 -13.47
C GLY B 85 -0.65 -1.28 -12.87
N LYS B 86 -1.65 -1.66 -13.68
CA LYS B 86 -2.70 -2.53 -13.27
C LYS B 86 -2.54 -3.96 -13.85
N HIS B 87 -2.96 -5.02 -13.12
CA HIS B 87 -2.85 -6.48 -13.40
C HIS B 87 -3.78 -6.89 -14.58
N ASN B 88 -3.34 -7.44 -15.67
CA ASN B 88 -4.15 -8.11 -16.75
C ASN B 88 -4.74 -9.46 -16.36
N HIS B 89 -4.65 -9.87 -15.11
CA HIS B 89 -5.20 -11.19 -14.57
C HIS B 89 -5.67 -11.03 -13.13
N ASP B 90 -6.65 -11.78 -12.71
CA ASP B 90 -7.01 -11.93 -11.32
C ASP B 90 -6.46 -13.24 -10.56
N VAL B 91 -5.88 -14.21 -11.30
CA VAL B 91 -5.13 -15.33 -10.76
C VAL B 91 -3.89 -14.82 -10.03
N PRO B 92 -3.50 -15.34 -8.87
CA PRO B 92 -2.22 -14.95 -8.18
C PRO B 92 -0.92 -15.14 -8.99
N SER A 37 -6.66 8.02 18.30
CA SER A 37 -6.42 7.05 17.21
C SER A 37 -7.58 6.17 16.97
N ASN A 38 -8.08 6.10 15.74
CA ASN A 38 -9.14 5.08 15.36
C ASN A 38 -8.59 3.61 15.15
N PRO A 39 -9.39 2.51 15.28
CA PRO A 39 -9.00 1.13 15.08
C PRO A 39 -8.29 0.86 13.73
N MET A 40 -7.18 0.14 13.70
CA MET A 40 -6.44 -0.21 12.48
C MET A 40 -7.08 -0.86 11.25
N ARG A 41 -6.67 -0.33 10.10
CA ARG A 41 -7.26 -0.72 8.80
C ARG A 41 -6.58 -1.97 8.34
N VAL A 42 -5.28 -2.27 8.67
CA VAL A 42 -4.59 -3.56 8.37
C VAL A 42 -4.74 -4.03 6.93
N GLN A 43 -5.59 -5.01 6.67
CA GLN A 43 -5.95 -5.50 5.30
C GLN A 43 -7.15 -4.85 4.64
N THR A 44 -7.78 -3.78 5.27
CA THR A 44 -9.16 -3.40 4.80
C THR A 44 -9.25 -2.92 3.33
N CYS A 45 -8.15 -2.57 2.69
CA CYS A 45 -8.19 -2.30 1.18
C CYS A 45 -7.51 -3.44 0.35
N ALA A 46 -7.41 -4.71 0.79
CA ALA A 46 -6.60 -5.71 0.03
C ALA A 46 -7.34 -6.28 -1.20
N SER A 47 -8.50 -5.79 -1.59
CA SER A 47 -9.22 -6.27 -2.82
C SER A 47 -8.50 -6.12 -4.16
N LYS A 48 -8.94 -6.91 -5.12
CA LYS A 48 -8.58 -6.92 -6.55
C LYS A 48 -9.39 -5.94 -7.41
N PHE A 49 -9.34 -4.70 -7.09
CA PHE A 49 -10.16 -3.64 -7.80
C PHE A 49 -9.54 -3.41 -9.16
N ARG A 50 -10.40 -3.11 -10.17
CA ARG A 50 -9.97 -2.97 -11.55
C ARG A 50 -9.58 -1.49 -11.92
N GLU A 51 -10.11 -0.50 -11.27
CA GLU A 51 -9.89 0.90 -11.50
C GLU A 51 -8.40 1.32 -11.18
N LEU A 52 -8.10 2.61 -11.36
CA LEU A 52 -6.77 3.19 -10.97
C LEU A 52 -6.90 3.93 -9.58
N VAL A 53 -8.09 3.96 -8.97
CA VAL A 53 -8.39 4.39 -7.61
C VAL A 53 -9.25 3.30 -7.02
N GLN A 54 -8.84 2.82 -5.83
CA GLN A 54 -9.56 1.88 -4.97
C GLN A 54 -10.84 2.59 -4.42
N GLU A 55 -11.85 1.85 -4.02
CA GLU A 55 -13.17 2.38 -3.70
C GLU A 55 -13.03 3.34 -2.52
N LEU A 56 -12.14 2.98 -1.55
CA LEU A 56 -11.90 3.72 -0.29
C LEU A 56 -10.75 4.69 -0.43
N THR A 57 -10.29 5.03 -1.64
CA THR A 57 -9.26 6.03 -1.78
C THR A 57 -9.48 7.40 -0.99
N GLY A 58 -8.63 7.76 -0.06
CA GLY A 58 -8.68 9.01 0.64
C GLY A 58 -7.59 10.03 0.09
N GLN A 59 -7.07 10.90 0.99
CA GLN A 59 -5.78 11.59 0.69
C GLN A 59 -4.52 10.70 0.97
N ASP A 60 -4.67 9.37 0.88
CA ASP A 60 -3.68 8.43 1.50
C ASP A 60 -3.33 8.93 2.90
N ALA A 61 -4.20 8.85 3.91
CA ALA A 61 -5.59 8.72 3.81
C ALA A 61 -6.28 9.35 5.08
N VAL A 62 -7.66 9.31 5.21
CA VAL A 62 -8.35 9.43 6.50
C VAL A 62 -9.13 8.11 6.90
N ASP A 63 -9.43 7.92 8.15
CA ASP A 63 -9.97 6.66 8.68
C ASP A 63 -11.51 6.62 8.62
N LEU A 64 -12.08 5.43 8.53
CA LEU A 64 -13.48 5.24 8.13
C LEU A 64 -14.48 5.43 9.23
N GLN A 65 -14.13 6.21 10.26
CA GLN A 65 -14.94 6.60 11.42
C GLN A 65 -14.71 8.08 11.77
N PRO A 66 -15.79 8.77 12.28
CA PRO A 66 -15.57 10.05 13.00
C PRO A 66 -14.47 10.00 14.04
N GLU A 67 -13.82 11.16 14.28
CA GLU A 67 -12.82 11.39 15.37
C GLU A 67 -13.56 11.64 16.73
N PRO A 68 -13.26 10.83 17.82
CA PRO A 68 -14.07 10.91 19.03
C PRO A 68 -13.68 11.92 20.11
N ILE A 69 -12.43 12.37 19.94
CA ILE A 69 -11.66 13.27 20.84
C ILE A 69 -10.73 14.15 20.02
N TYR A 70 -10.19 15.11 20.70
CA TYR A 70 -9.49 16.18 20.00
C TYR A 70 -8.36 15.65 19.08
N SER A 71 -8.00 16.40 18.03
CA SER A 71 -6.76 16.32 17.30
C SER A 71 -5.54 16.59 18.07
N LYS B 14 -11.13 11.18 -18.21
CA LYS B 14 -9.73 11.59 -18.52
C LYS B 14 -8.97 12.24 -17.43
N THR B 15 -8.10 11.39 -16.85
CA THR B 15 -7.26 11.60 -15.71
C THR B 15 -6.11 10.61 -15.73
N VAL B 16 -4.80 11.02 -15.64
CA VAL B 16 -3.60 10.17 -15.49
C VAL B 16 -3.30 9.71 -14.09
N ARG B 17 -3.18 8.42 -13.85
CA ARG B 17 -3.00 7.78 -12.46
C ARG B 17 -2.15 6.45 -12.43
N GLU B 18 -2.11 5.66 -13.52
CA GLU B 18 -1.47 4.42 -13.63
C GLU B 18 0.02 4.45 -13.16
N PRO B 19 0.83 5.46 -13.45
CA PRO B 19 2.20 5.50 -13.01
C PRO B 19 2.43 5.53 -11.51
N ARG B 20 1.43 5.86 -10.66
CA ARG B 20 1.43 6.22 -9.22
C ARG B 20 0.03 5.88 -8.64
N ILE B 21 -0.33 4.66 -8.64
CA ILE B 21 -1.44 4.20 -7.85
C ILE B 21 -0.93 4.14 -6.45
N VAL B 22 -1.72 4.39 -5.40
CA VAL B 22 -1.33 4.41 -4.01
C VAL B 22 -2.52 3.85 -3.22
N VAL B 23 -2.14 2.96 -2.31
CA VAL B 23 -3.03 2.38 -1.24
C VAL B 23 -2.25 2.49 0.11
N GLN B 24 -2.82 3.27 1.07
CA GLN B 24 -2.32 3.41 2.44
C GLN B 24 -3.17 2.65 3.44
N THR B 25 -2.57 2.14 4.52
CA THR B 25 -3.29 1.52 5.67
C THR B 25 -2.66 1.65 7.07
N THR B 26 -3.44 1.71 8.08
CA THR B 26 -2.98 1.67 9.48
C THR B 26 -2.82 0.30 10.04
N SER B 27 -1.60 -0.04 10.45
CA SER B 27 -1.24 -1.33 10.97
C SER B 27 0.00 -1.32 11.74
N CYS B 28 0.13 -2.09 12.85
CA CYS B 28 1.36 -2.17 13.62
C CYS B 28 2.54 -2.88 12.95
N ILE B 29 2.35 -3.58 11.83
CA ILE B 29 3.41 -4.33 11.04
C ILE B 29 3.15 -4.48 9.52
N ASP B 30 4.14 -4.52 8.61
CA ASP B 30 4.04 -4.67 7.16
C ASP B 30 3.61 -6.03 6.57
N ILE B 31 3.03 -6.94 7.40
CA ILE B 31 2.54 -8.27 6.96
C ILE B 31 1.23 -8.00 6.21
N LEU B 32 1.27 -7.79 4.91
CA LEU B 32 0.24 -7.32 4.05
C LEU B 32 0.22 -8.24 2.80
N ASP B 33 -0.97 -8.45 2.24
CA ASP B 33 -1.06 -9.29 1.07
C ASP B 33 -2.26 -8.80 0.21
N ASP B 34 -2.03 -8.20 -0.92
CA ASP B 34 -3.04 -7.76 -1.98
C ASP B 34 -3.51 -8.94 -2.87
N GLY B 35 -3.03 -10.14 -2.57
CA GLY B 35 -3.59 -11.36 -3.09
C GLY B 35 -2.94 -11.70 -4.41
N TYR B 36 -1.69 -11.24 -4.65
CA TYR B 36 -0.98 -11.68 -5.87
C TYR B 36 0.42 -12.04 -5.44
N ARG B 37 1.11 -12.84 -6.24
CA ARG B 37 2.41 -13.55 -5.91
C ARG B 37 3.65 -12.78 -6.51
N TRP B 38 4.30 -12.05 -5.57
CA TRP B 38 5.43 -11.11 -5.86
C TRP B 38 6.82 -11.69 -5.69
N ARG B 39 7.82 -11.12 -6.36
CA ARG B 39 9.38 -11.17 -6.09
C ARG B 39 9.92 -9.78 -5.73
N LYS B 40 10.85 -9.68 -4.81
CA LYS B 40 11.67 -8.51 -4.51
C LYS B 40 12.80 -8.27 -5.54
N TYR B 41 13.02 -7.08 -5.86
CA TYR B 41 14.13 -6.56 -6.77
C TYR B 41 15.00 -5.39 -6.25
N GLY B 42 14.54 -4.79 -5.14
CA GLY B 42 15.36 -3.74 -4.49
C GLY B 42 14.91 -3.20 -3.08
N GLN B 43 15.71 -2.27 -2.52
CA GLN B 43 15.40 -1.38 -1.44
C GLN B 43 16.24 -0.13 -1.44
N LYS B 44 15.70 0.91 -0.82
CA LYS B 44 16.30 2.26 -0.65
C LYS B 44 15.89 2.85 0.71
N VAL B 45 16.81 3.50 1.42
CA VAL B 45 16.57 4.19 2.70
C VAL B 45 15.49 5.27 2.50
N VAL B 46 14.55 5.42 3.45
CA VAL B 46 13.47 6.42 3.45
C VAL B 46 13.46 7.13 4.78
N CYS B 47 13.52 8.49 4.78
CA CYS B 47 13.60 9.25 6.01
C CYS B 47 12.47 8.98 7.06
N GLY B 48 12.90 8.94 8.38
CA GLY B 48 12.03 8.80 9.59
C GLY B 48 11.86 7.38 10.04
N ASN B 49 11.96 6.44 9.12
CA ASN B 49 11.84 5.02 9.37
C ASN B 49 13.14 4.22 9.73
N PRO B 50 13.29 3.39 10.77
CA PRO B 50 14.47 2.60 11.00
C PRO B 50 14.91 1.69 9.82
N ASN B 51 13.90 1.24 9.02
CA ASN B 51 14.02 0.31 7.86
C ASN B 51 13.92 1.08 6.51
N PRO B 52 14.53 0.55 5.41
CA PRO B 52 14.25 1.01 4.10
C PRO B 52 12.79 0.81 3.62
N ARG B 53 12.57 1.34 2.42
CA ARG B 53 11.46 1.05 1.45
C ARG B 53 11.89 -0.05 0.59
N SER B 54 11.07 -1.08 0.49
CA SER B 54 11.28 -2.25 -0.35
C SER B 54 10.36 -2.33 -1.61
N TYR B 55 10.94 -2.93 -2.65
CA TYR B 55 10.48 -2.83 -4.00
C TYR B 55 10.32 -4.23 -4.62
N TYR B 56 9.18 -4.52 -5.26
CA TYR B 56 8.71 -5.90 -5.69
C TYR B 56 8.09 -5.87 -7.10
N LYS B 57 8.02 -7.02 -7.81
CA LYS B 57 7.32 -7.20 -9.10
C LYS B 57 6.53 -8.55 -9.17
N CYS B 58 5.56 -8.54 -10.08
CA CYS B 58 4.71 -9.71 -10.23
C CYS B 58 5.56 -10.90 -10.79
N THR B 59 5.20 -12.10 -10.33
CA THR B 59 5.74 -13.38 -10.89
C THR B 59 4.97 -14.09 -12.05
N THR B 60 3.70 -13.65 -12.39
CA THR B 60 2.99 -14.15 -13.62
C THR B 60 3.72 -13.95 -14.91
N ILE B 61 3.74 -14.93 -15.81
CA ILE B 61 4.41 -14.77 -17.08
C ILE B 61 3.64 -13.75 -17.95
N GLY B 62 4.36 -12.73 -18.47
CA GLY B 62 3.88 -11.54 -19.19
C GLY B 62 3.11 -10.48 -18.42
N CYS B 63 3.19 -10.45 -17.04
CA CYS B 63 2.74 -9.38 -16.15
C CYS B 63 3.90 -8.47 -15.61
N PRO B 64 4.14 -7.33 -16.23
CA PRO B 64 5.22 -6.42 -15.80
C PRO B 64 5.00 -5.61 -14.53
N VAL B 65 3.84 -5.67 -13.94
CA VAL B 65 3.38 -4.89 -12.80
C VAL B 65 4.28 -4.83 -11.60
N ARG B 66 4.42 -3.63 -11.01
CA ARG B 66 5.36 -3.30 -9.91
C ARG B 66 4.72 -2.69 -8.62
N LYS B 67 5.21 -2.99 -7.43
CA LYS B 67 4.81 -2.22 -6.27
C LYS B 67 6.05 -1.88 -5.42
N HIS B 68 5.93 -0.88 -4.48
CA HIS B 68 6.94 -0.45 -3.54
C HIS B 68 6.16 0.08 -2.31
N VAL B 69 6.82 -0.14 -1.13
CA VAL B 69 6.24 -0.34 0.25
C VAL B 69 7.17 0.22 1.38
N GLU B 70 6.52 0.99 2.28
CA GLU B 70 7.20 1.56 3.45
C GLU B 70 6.28 1.68 4.64
N ARG B 71 6.85 1.60 5.85
CA ARG B 71 6.28 2.18 7.11
C ARG B 71 6.23 3.67 7.05
N ALA B 72 5.21 4.43 7.43
CA ALA B 72 5.12 5.87 7.27
C ALA B 72 6.16 6.59 8.18
N SER B 73 6.74 7.71 7.72
CA SER B 73 7.95 8.31 8.23
C SER B 73 7.89 8.71 9.73
N HIS B 74 6.69 9.27 10.07
CA HIS B 74 6.26 9.91 11.27
C HIS B 74 5.61 9.10 12.36
N ASP B 75 5.20 7.87 11.97
CA ASP B 75 4.27 7.07 12.81
C ASP B 75 4.48 5.60 12.46
N MET B 76 4.63 4.80 13.51
CA MET B 76 4.94 3.41 13.51
C MET B 76 3.78 2.68 12.89
N ARG B 77 2.59 2.99 13.38
CA ARG B 77 1.32 2.37 13.03
C ARG B 77 0.65 2.72 11.65
N ALA B 78 1.48 2.93 10.60
CA ALA B 78 0.87 2.90 9.24
C ALA B 78 1.87 2.47 8.16
N VAL B 79 1.41 1.83 7.06
CA VAL B 79 2.20 1.29 5.93
C VAL B 79 1.64 1.81 4.63
N ILE B 80 2.55 2.22 3.77
CA ILE B 80 2.35 3.03 2.56
C ILE B 80 2.80 2.16 1.39
N THR B 81 1.86 1.69 0.50
CA THR B 81 2.13 0.89 -0.67
C THR B 81 1.78 1.79 -1.86
N THR B 82 2.55 1.71 -2.95
CA THR B 82 2.41 2.44 -4.20
C THR B 82 2.71 1.55 -5.36
N TYR B 83 1.71 1.42 -6.21
CA TYR B 83 1.70 0.58 -7.38
C TYR B 83 2.14 1.33 -8.60
N GLU B 84 2.52 0.53 -9.63
CA GLU B 84 2.69 0.95 -11.07
C GLU B 84 2.07 -0.14 -11.98
N GLY B 85 0.83 0.16 -12.43
CA GLY B 85 0.04 -0.68 -13.32
C GLY B 85 -0.91 -1.62 -12.60
N LYS B 86 -1.82 -2.24 -13.39
CA LYS B 86 -2.94 -3.07 -12.91
C LYS B 86 -2.69 -4.43 -13.37
N HIS B 87 -3.08 -5.39 -12.49
CA HIS B 87 -3.05 -6.91 -12.73
C HIS B 87 -4.17 -7.53 -13.52
N ASN B 88 -3.90 -7.78 -14.83
CA ASN B 88 -4.91 -8.22 -15.83
C ASN B 88 -5.28 -9.74 -15.76
N HIS B 89 -4.92 -10.38 -14.67
CA HIS B 89 -5.24 -11.75 -14.29
C HIS B 89 -5.89 -11.74 -12.93
N ASP B 90 -6.53 -12.89 -12.60
CA ASP B 90 -7.17 -13.17 -11.28
C ASP B 90 -6.38 -14.21 -10.47
N VAL B 91 -5.81 -15.26 -11.16
CA VAL B 91 -4.95 -16.26 -10.45
C VAL B 91 -3.77 -15.53 -9.82
N PRO B 92 -3.41 -15.84 -8.56
CA PRO B 92 -2.32 -15.20 -7.74
C PRO B 92 -1.03 -15.10 -8.51
N SER A 37 -6.75 6.85 19.06
CA SER A 37 -6.60 6.27 17.74
C SER A 37 -7.78 5.47 17.33
N ASN A 38 -8.13 5.39 16.05
CA ASN A 38 -9.06 4.44 15.45
C ASN A 38 -8.50 3.01 15.36
N PRO A 39 -9.30 1.94 15.12
CA PRO A 39 -8.80 0.58 14.99
C PRO A 39 -7.86 0.50 13.82
N MET A 40 -6.86 -0.36 13.84
CA MET A 40 -6.01 -0.73 12.67
C MET A 40 -6.83 -1.30 11.45
N ARG A 41 -6.88 -0.61 10.30
CA ARG A 41 -7.41 -1.08 9.02
C ARG A 41 -6.76 -2.24 8.42
N VAL A 42 -5.43 -2.45 8.62
CA VAL A 42 -4.54 -3.50 7.96
C VAL A 42 -5.10 -3.84 6.55
N GLN A 43 -5.87 -4.93 6.34
CA GLN A 43 -6.20 -5.52 4.98
C GLN A 43 -7.39 -4.86 4.31
N THR A 44 -8.07 -3.86 4.88
CA THR A 44 -9.35 -3.26 4.37
C THR A 44 -9.29 -2.60 3.01
N CYS A 45 -8.09 -2.09 2.62
CA CYS A 45 -7.79 -1.58 1.23
C CYS A 45 -6.88 -2.41 0.38
N ALA A 46 -6.49 -3.59 0.77
CA ALA A 46 -5.93 -4.65 -0.01
C ALA A 46 -7.02 -5.46 -0.83
N SER A 47 -7.18 -5.19 -2.12
CA SER A 47 -8.15 -5.82 -2.96
C SER A 47 -7.68 -6.06 -4.43
N LYS A 48 -8.36 -6.87 -5.33
CA LYS A 48 -7.88 -7.06 -6.70
C LYS A 48 -8.53 -6.02 -7.72
N PHE A 49 -8.43 -4.76 -7.39
CA PHE A 49 -9.17 -3.71 -8.02
C PHE A 49 -8.61 -3.36 -9.44
N ARG A 50 -9.48 -3.18 -10.41
CA ARG A 50 -9.11 -3.21 -11.82
C ARG A 50 -9.18 -1.82 -12.45
N GLU A 51 -9.84 -0.85 -11.92
CA GLU A 51 -9.74 0.67 -12.25
C GLU A 51 -8.54 1.38 -11.50
N LEU A 52 -8.13 2.66 -11.89
CA LEU A 52 -6.96 3.38 -11.36
C LEU A 52 -7.02 3.72 -9.87
N VAL A 53 -8.16 3.48 -9.23
CA VAL A 53 -8.37 3.63 -7.79
C VAL A 53 -9.15 2.44 -7.19
N GLN A 54 -8.78 2.10 -5.95
CA GLN A 54 -9.69 1.28 -5.10
C GLN A 54 -10.73 2.19 -4.42
N GLU A 55 -11.93 1.71 -4.15
CA GLU A 55 -13.11 2.55 -3.85
C GLU A 55 -12.93 3.37 -2.59
N LEU A 56 -12.30 2.84 -1.56
CA LEU A 56 -12.20 3.62 -0.33
C LEU A 56 -10.94 4.61 -0.33
N THR A 57 -10.29 4.96 -1.47
CA THR A 57 -9.23 5.92 -1.64
C THR A 57 -9.61 7.31 -1.00
N GLY A 58 -8.68 7.94 -0.30
CA GLY A 58 -8.88 9.21 0.46
C GLY A 58 -7.70 10.14 0.03
N GLN A 59 -7.44 11.09 0.95
CA GLN A 59 -6.37 12.01 0.98
C GLN A 59 -5.04 11.45 1.46
N ASP A 60 -4.74 10.12 1.27
CA ASP A 60 -3.63 9.42 1.70
C ASP A 60 -3.24 9.56 3.24
N ALA A 61 -4.07 9.19 4.18
CA ALA A 61 -5.52 8.85 4.15
C ALA A 61 -6.11 8.98 5.58
N VAL A 62 -7.38 8.60 5.72
CA VAL A 62 -7.94 8.49 7.05
C VAL A 62 -9.01 7.42 7.22
N ASP A 63 -9.20 6.97 8.41
CA ASP A 63 -10.28 6.10 8.71
C ASP A 63 -11.65 6.69 8.32
N LEU A 64 -12.57 5.73 7.91
CA LEU A 64 -13.96 6.18 7.55
C LEU A 64 -14.88 6.54 8.80
N GLN A 65 -14.46 6.15 10.01
CA GLN A 65 -14.93 6.56 11.31
C GLN A 65 -14.23 7.85 11.84
N PRO A 66 -14.98 8.79 12.46
CA PRO A 66 -14.38 9.81 13.33
C PRO A 66 -13.41 9.32 14.42
N GLU A 67 -12.57 10.21 14.98
CA GLU A 67 -11.59 9.83 15.97
C GLU A 67 -12.26 9.61 17.35
N PRO A 68 -12.12 8.56 18.07
CA PRO A 68 -12.82 8.37 19.29
C PRO A 68 -12.44 9.23 20.53
N ILE A 69 -11.16 9.55 20.75
CA ILE A 69 -10.57 10.42 21.71
C ILE A 69 -10.26 11.78 20.98
N TYR A 70 -10.22 12.88 21.77
CA TYR A 70 -9.95 14.24 21.35
C TYR A 70 -8.64 14.46 20.55
N SER A 71 -8.68 15.51 19.72
CA SER A 71 -7.55 15.87 18.85
C SER A 71 -6.52 16.85 19.52
N LYS B 14 -5.69 15.94 -19.04
CA LYS B 14 -6.31 15.28 -17.87
C LYS B 14 -5.22 14.67 -17.04
N THR B 15 -5.42 14.67 -15.74
CA THR B 15 -4.41 14.29 -14.72
C THR B 15 -3.82 12.92 -14.95
N VAL B 16 -2.53 12.73 -14.78
CA VAL B 16 -1.90 11.39 -14.75
C VAL B 16 -2.12 10.65 -13.39
N ARG B 17 -2.41 9.33 -13.38
CA ARG B 17 -2.62 8.48 -12.22
C ARG B 17 -1.97 7.09 -12.28
N GLU B 18 -1.91 6.44 -13.45
CA GLU B 18 -1.49 4.97 -13.59
C GLU B 18 -0.04 4.72 -13.14
N PRO B 19 0.94 5.62 -13.36
CA PRO B 19 2.28 5.50 -12.82
C PRO B 19 2.26 5.56 -11.24
N ARG B 20 1.12 5.87 -10.55
CA ARG B 20 1.08 6.24 -9.11
C ARG B 20 -0.21 5.99 -8.31
N ILE B 21 -0.45 4.69 -8.35
CA ILE B 21 -1.63 4.08 -7.70
C ILE B 21 -1.20 3.83 -6.15
N VAL B 22 -1.40 4.88 -5.31
CA VAL B 22 -1.08 4.85 -3.87
C VAL B 22 -2.23 4.21 -3.10
N VAL B 23 -1.91 3.30 -2.20
CA VAL B 23 -2.88 2.80 -1.20
C VAL B 23 -2.30 2.76 0.19
N GLN B 24 -2.88 3.54 1.21
CA GLN B 24 -2.40 3.57 2.55
C GLN B 24 -3.31 2.78 3.52
N THR B 25 -2.74 2.23 4.59
CA THR B 25 -3.50 1.61 5.65
C THR B 25 -2.78 1.77 6.97
N THR B 26 -3.48 1.47 8.15
CA THR B 26 -2.86 1.47 9.48
C THR B 26 -2.66 0.04 10.01
N SER B 27 -1.39 -0.24 10.39
CA SER B 27 -0.98 -1.47 10.98
C SER B 27 0.26 -1.30 11.76
N CYS B 28 0.43 -1.87 13.00
CA CYS B 28 1.79 -1.95 13.60
C CYS B 28 2.87 -2.73 12.81
N ILE B 29 2.60 -3.42 11.73
CA ILE B 29 3.65 -3.99 10.81
C ILE B 29 3.42 -3.68 9.32
N ASP B 30 4.46 -3.77 8.52
CA ASP B 30 4.29 -3.61 7.09
C ASP B 30 3.73 -4.83 6.31
N ILE B 31 3.79 -6.00 6.91
CA ILE B 31 3.43 -7.25 6.23
C ILE B 31 1.96 -7.31 6.03
N LEU B 32 1.56 -7.47 4.75
CA LEU B 32 0.20 -7.46 4.12
C LEU B 32 0.19 -8.37 2.84
N ASP B 33 -0.98 -8.92 2.50
CA ASP B 33 -1.05 -9.80 1.29
C ASP B 33 -2.28 -9.31 0.54
N ASP B 34 -2.03 -8.65 -0.61
CA ASP B 34 -2.92 -8.06 -1.55
C ASP B 34 -3.52 -8.99 -2.62
N GLY B 35 -3.27 -10.28 -2.36
CA GLY B 35 -3.79 -11.41 -3.09
C GLY B 35 -3.13 -11.86 -4.42
N TYR B 36 -2.06 -11.15 -4.77
CA TYR B 36 -1.07 -11.63 -5.78
C TYR B 36 0.28 -12.07 -5.17
N ARG B 37 1.17 -12.64 -5.96
CA ARG B 37 2.47 -13.20 -5.56
C ARG B 37 3.63 -12.39 -6.18
N TRP B 38 4.53 -11.92 -5.28
CA TRP B 38 5.50 -10.94 -5.57
C TRP B 38 6.90 -11.60 -5.62
N ARG B 39 7.92 -10.91 -6.15
CA ARG B 39 9.37 -10.97 -5.83
C ARG B 39 9.98 -9.64 -5.58
N LYS B 40 11.11 -9.54 -4.80
CA LYS B 40 11.92 -8.36 -4.48
C LYS B 40 13.24 -8.21 -5.26
N TYR B 41 13.48 -6.94 -5.68
CA TYR B 41 14.56 -6.56 -6.60
C TYR B 41 15.16 -5.17 -6.20
N GLY B 42 14.65 -4.50 -5.16
CA GLY B 42 15.38 -3.37 -4.64
C GLY B 42 14.75 -2.87 -3.32
N GLN B 43 15.62 -2.09 -2.64
CA GLN B 43 15.41 -1.66 -1.25
C GLN B 43 16.11 -0.28 -1.09
N LYS B 44 15.46 0.81 -0.74
CA LYS B 44 16.08 2.12 -0.43
C LYS B 44 15.99 2.69 1.00
N VAL B 45 16.97 3.48 1.38
CA VAL B 45 16.99 4.32 2.53
C VAL B 45 15.80 5.35 2.46
N VAL B 46 15.08 5.57 3.64
CA VAL B 46 13.93 6.46 3.64
C VAL B 46 13.77 7.11 5.04
N CYS B 47 13.33 8.32 5.00
CA CYS B 47 13.39 9.19 6.13
C CYS B 47 12.43 8.84 7.28
N GLY B 48 12.82 9.18 8.49
CA GLY B 48 12.12 8.95 9.80
C GLY B 48 11.95 7.46 10.12
N ASN B 49 12.43 6.53 9.33
CA ASN B 49 12.07 5.11 9.36
C ASN B 49 13.29 4.17 9.54
N PRO B 50 13.37 3.28 10.57
CA PRO B 50 14.49 2.34 10.76
C PRO B 50 14.61 1.20 9.78
N ASN B 51 13.78 1.01 8.75
CA ASN B 51 13.93 -0.01 7.73
C ASN B 51 13.59 0.59 6.32
N PRO B 52 14.12 -0.04 5.21
CA PRO B 52 14.08 0.49 3.83
C PRO B 52 12.71 0.60 3.24
N ARG B 53 12.42 1.46 2.25
CA ARG B 53 11.32 1.17 1.27
C ARG B 53 11.71 -0.08 0.39
N SER B 54 10.90 -1.14 0.29
CA SER B 54 11.06 -2.31 -0.54
C SER B 54 10.40 -2.15 -1.93
N TYR B 55 10.94 -2.82 -2.91
CA TYR B 55 10.60 -2.73 -4.34
C TYR B 55 10.40 -4.15 -4.90
N TYR B 56 9.35 -4.41 -5.70
CA TYR B 56 8.85 -5.74 -6.01
C TYR B 56 8.17 -5.79 -7.41
N LYS B 57 8.18 -6.99 -8.05
CA LYS B 57 7.38 -7.19 -9.25
C LYS B 57 6.52 -8.47 -9.05
N CYS B 58 5.47 -8.53 -9.89
CA CYS B 58 4.51 -9.63 -9.99
C CYS B 58 5.12 -10.90 -10.64
N THR B 59 5.08 -12.09 -10.11
CA THR B 59 5.76 -13.30 -10.57
C THR B 59 5.09 -13.93 -11.80
N THR B 60 3.80 -13.68 -12.04
CA THR B 60 2.95 -14.23 -13.07
C THR B 60 3.55 -13.91 -14.48
N ILE B 61 3.88 -14.90 -15.36
CA ILE B 61 4.71 -14.60 -16.58
C ILE B 61 3.95 -13.60 -17.48
N GLY B 62 4.66 -12.64 -18.09
CA GLY B 62 4.01 -11.55 -18.86
C GLY B 62 3.21 -10.47 -18.06
N CYS B 63 3.29 -10.33 -16.73
CA CYS B 63 2.73 -9.24 -15.93
C CYS B 63 3.87 -8.27 -15.41
N PRO B 64 3.91 -7.01 -15.91
CA PRO B 64 5.06 -6.12 -15.71
C PRO B 64 5.02 -5.34 -14.44
N VAL B 65 4.10 -5.59 -13.57
CA VAL B 65 3.58 -4.66 -12.56
C VAL B 65 4.61 -4.43 -11.49
N ARG B 66 4.95 -3.17 -11.34
CA ARG B 66 5.80 -2.70 -10.27
C ARG B 66 4.97 -2.32 -9.00
N LYS B 67 5.53 -2.68 -7.86
CA LYS B 67 5.12 -2.33 -6.51
C LYS B 67 6.31 -1.65 -5.74
N HIS B 68 6.04 -0.75 -4.86
CA HIS B 68 6.86 -0.27 -3.76
C HIS B 68 6.10 -0.18 -2.41
N VAL B 69 6.75 -0.60 -1.31
CA VAL B 69 6.09 -0.67 -0.02
C VAL B 69 6.96 -0.05 1.07
N GLU B 70 6.35 0.70 2.00
CA GLU B 70 7.06 1.34 3.11
C GLU B 70 6.15 1.59 4.32
N ARG B 71 6.74 1.61 5.50
CA ARG B 71 6.08 2.32 6.71
C ARG B 71 5.99 3.86 6.48
N ALA B 72 5.10 4.56 7.19
CA ALA B 72 5.06 5.98 7.23
C ALA B 72 6.14 6.72 8.07
N SER B 73 6.86 7.70 7.48
CA SER B 73 7.95 8.44 8.22
C SER B 73 7.52 8.87 9.58
N HIS B 74 6.32 9.40 9.64
CA HIS B 74 5.66 9.92 10.94
C HIS B 74 5.02 8.88 11.88
N ASP B 75 4.82 7.63 11.52
CA ASP B 75 4.05 6.66 12.30
C ASP B 75 4.53 5.23 12.16
N MET B 76 4.79 4.65 13.36
CA MET B 76 4.98 3.25 13.65
C MET B 76 3.88 2.41 13.18
N ARG B 77 2.71 2.95 13.30
CA ARG B 77 1.45 2.20 13.03
C ARG B 77 0.78 2.44 11.68
N ALA B 78 1.46 2.81 10.62
CA ALA B 78 0.86 3.07 9.31
C ALA B 78 1.79 2.74 8.14
N VAL B 79 1.28 2.15 7.08
CA VAL B 79 2.08 1.42 5.99
C VAL B 79 1.45 1.79 4.60
N ILE B 80 2.33 2.21 3.65
CA ILE B 80 1.94 2.84 2.36
C ILE B 80 2.46 1.91 1.25
N THR B 81 1.62 1.57 0.25
CA THR B 81 1.96 0.87 -0.93
C THR B 81 1.86 1.83 -2.14
N THR B 82 2.71 1.69 -3.19
CA THR B 82 2.49 2.42 -4.44
C THR B 82 2.61 1.47 -5.58
N TYR B 83 1.59 1.28 -6.41
CA TYR B 83 1.74 0.49 -7.64
C TYR B 83 2.05 1.43 -8.83
N GLU B 84 2.72 0.88 -9.87
CA GLU B 84 2.84 1.35 -11.24
C GLU B 84 2.50 0.14 -12.02
N GLY B 85 1.33 0.12 -12.53
CA GLY B 85 0.62 -0.94 -13.27
C GLY B 85 -0.68 -1.43 -12.65
N LYS B 86 -1.48 -1.93 -13.58
CA LYS B 86 -2.70 -2.76 -13.42
C LYS B 86 -2.37 -4.21 -13.72
N HIS B 87 -2.93 -5.11 -12.95
CA HIS B 87 -2.70 -6.57 -13.02
C HIS B 87 -3.84 -7.07 -14.01
N ASN B 88 -3.44 -7.54 -15.23
CA ASN B 88 -4.33 -8.07 -16.26
C ASN B 88 -4.69 -9.57 -15.97
N HIS B 89 -4.56 -10.13 -14.79
CA HIS B 89 -4.91 -11.45 -14.37
C HIS B 89 -5.48 -11.54 -12.95
N ASP B 90 -6.17 -12.61 -12.61
CA ASP B 90 -6.87 -12.82 -11.36
C ASP B 90 -6.26 -13.93 -10.49
N VAL B 91 -5.69 -14.97 -11.12
CA VAL B 91 -4.82 -15.97 -10.42
C VAL B 91 -3.60 -15.30 -9.82
N PRO B 92 -3.35 -15.60 -8.51
CA PRO B 92 -2.37 -14.78 -7.72
C PRO B 92 -0.97 -14.70 -8.32
N SER A 37 -7.49 8.55 17.58
CA SER A 37 -6.94 7.29 17.07
C SER A 37 -8.00 6.19 17.06
N ASN A 38 -8.09 5.40 16.02
CA ASN A 38 -9.13 4.35 15.80
C ASN A 38 -8.52 2.94 15.53
N PRO A 39 -9.32 1.84 15.46
CA PRO A 39 -8.79 0.54 15.25
C PRO A 39 -8.00 0.44 13.95
N MET A 40 -7.05 -0.48 14.04
CA MET A 40 -6.10 -0.60 12.97
C MET A 40 -6.91 -1.11 11.72
N ARG A 41 -6.59 -0.67 10.50
CA ARG A 41 -7.21 -1.06 9.23
C ARG A 41 -6.73 -2.36 8.72
N VAL A 42 -5.47 -2.65 8.89
CA VAL A 42 -4.89 -3.95 8.42
C VAL A 42 -5.22 -4.30 6.95
N GLN A 43 -6.16 -5.19 6.62
CA GLN A 43 -6.50 -5.66 5.29
C GLN A 43 -7.73 -4.97 4.61
N THR A 44 -8.36 -3.99 5.20
CA THR A 44 -9.57 -3.35 4.70
C THR A 44 -9.50 -2.74 3.32
N CYS A 45 -8.33 -2.50 2.70
CA CYS A 45 -8.18 -1.97 1.31
C CYS A 45 -7.46 -3.02 0.39
N ALA A 46 -7.20 -4.23 0.92
CA ALA A 46 -6.48 -5.34 0.29
C ALA A 46 -7.22 -6.07 -0.80
N SER A 47 -8.53 -5.85 -0.99
CA SER A 47 -9.20 -6.71 -2.03
C SER A 47 -8.97 -6.12 -3.40
N LYS A 48 -9.25 -6.93 -4.44
CA LYS A 48 -8.96 -6.72 -5.89
C LYS A 48 -9.94 -5.76 -6.59
N PHE A 49 -10.06 -4.53 -6.08
CA PHE A 49 -10.78 -3.38 -6.74
C PHE A 49 -10.27 -3.23 -8.19
N ARG A 50 -11.15 -3.26 -9.23
CA ARG A 50 -10.76 -3.22 -10.60
C ARG A 50 -10.24 -1.82 -11.06
N GLU A 51 -10.84 -0.76 -10.58
CA GLU A 51 -10.47 0.59 -11.00
C GLU A 51 -9.05 1.01 -10.60
N LEU A 52 -8.55 2.12 -11.18
CA LEU A 52 -7.35 2.82 -10.80
C LEU A 52 -7.26 3.34 -9.33
N VAL A 53 -8.38 3.57 -8.55
CA VAL A 53 -8.46 4.07 -7.17
C VAL A 53 -9.43 3.29 -6.34
N GLN A 54 -9.03 3.00 -5.11
CA GLN A 54 -9.76 2.13 -4.09
C GLN A 54 -10.91 2.85 -3.32
N GLU A 55 -12.01 2.17 -2.91
CA GLU A 55 -13.22 2.85 -2.42
C GLU A 55 -13.03 3.78 -1.23
N LEU A 56 -12.05 3.57 -0.33
CA LEU A 56 -11.93 4.31 0.96
C LEU A 56 -10.95 5.50 0.80
N THR A 57 -10.27 5.71 -0.32
CA THR A 57 -9.04 6.54 -0.54
C THR A 57 -9.21 7.97 -0.09
N GLY A 58 -8.57 8.34 1.02
CA GLY A 58 -8.42 9.73 1.59
C GLY A 58 -7.14 10.49 1.21
N GLN A 59 -6.88 11.63 1.74
CA GLN A 59 -5.62 12.41 1.71
C GLN A 59 -4.41 11.83 2.50
N ASP A 60 -4.25 10.53 2.31
CA ASP A 60 -3.26 9.63 2.92
C ASP A 60 -3.23 9.84 4.46
N ALA A 61 -4.27 9.55 5.19
CA ALA A 61 -5.45 8.81 4.79
C ALA A 61 -6.73 9.20 5.55
N VAL A 62 -7.82 8.44 5.52
CA VAL A 62 -8.96 8.51 6.36
C VAL A 62 -9.43 7.15 6.93
N ASP A 63 -9.85 7.10 8.18
CA ASP A 63 -10.53 5.96 8.82
C ASP A 63 -12.00 5.86 8.41
N LEU A 64 -12.60 4.67 8.56
CA LEU A 64 -14.02 4.47 8.48
C LEU A 64 -14.70 5.32 9.53
N GLN A 65 -14.37 5.24 10.82
CA GLN A 65 -15.02 5.94 11.93
C GLN A 65 -14.64 7.41 12.00
N PRO A 66 -15.43 8.30 12.68
CA PRO A 66 -15.04 9.71 13.08
C PRO A 66 -13.92 9.72 14.10
N GLU A 67 -13.43 10.87 14.48
CA GLU A 67 -12.26 11.00 15.37
C GLU A 67 -12.62 11.11 16.85
N PRO A 68 -12.42 10.07 17.74
CA PRO A 68 -12.93 10.09 19.07
C PRO A 68 -12.24 11.00 20.03
N ILE A 69 -11.15 11.67 19.61
CA ILE A 69 -10.41 12.68 20.42
C ILE A 69 -10.09 13.92 19.56
N TYR A 70 -10.07 15.03 20.31
CA TYR A 70 -9.69 16.40 19.92
C TYR A 70 -8.48 16.31 19.03
N SER A 71 -8.57 16.99 17.86
CA SER A 71 -7.59 16.96 16.79
C SER A 71 -7.31 18.34 16.11
N LYS B 14 -6.21 16.62 -16.62
CA LYS B 14 -6.89 15.42 -16.06
C LYS B 14 -6.13 14.79 -14.84
N THR B 15 -6.77 13.93 -14.13
CA THR B 15 -6.07 13.22 -13.03
C THR B 15 -5.38 11.96 -13.63
N VAL B 16 -4.06 11.94 -13.70
CA VAL B 16 -3.23 10.77 -14.18
C VAL B 16 -2.68 10.01 -12.93
N ARG B 17 -2.86 8.68 -12.94
CA ARG B 17 -2.97 7.83 -11.71
C ARG B 17 -2.55 6.37 -11.96
N GLU B 18 -2.55 5.86 -13.17
CA GLU B 18 -2.15 4.53 -13.47
C GLU B 18 -0.68 4.23 -13.11
N PRO B 19 0.29 5.12 -13.39
CA PRO B 19 1.72 4.74 -13.21
C PRO B 19 2.13 4.74 -11.72
N ARG B 20 1.36 5.23 -10.79
CA ARG B 20 1.49 5.30 -9.37
C ARG B 20 0.11 5.28 -8.67
N ILE B 21 -0.42 4.08 -8.57
CA ILE B 21 -1.61 3.73 -7.78
C ILE B 21 -1.19 3.57 -6.33
N VAL B 22 -1.93 4.15 -5.36
CA VAL B 22 -1.54 4.32 -3.98
C VAL B 22 -2.71 3.92 -3.16
N VAL B 23 -2.47 3.01 -2.18
CA VAL B 23 -3.49 2.68 -1.10
C VAL B 23 -2.87 2.54 0.26
N GLN B 24 -3.41 3.21 1.31
CA GLN B 24 -2.84 3.19 2.65
C GLN B 24 -3.52 2.31 3.69
N THR B 25 -2.75 1.82 4.67
CA THR B 25 -3.25 1.18 5.86
C THR B 25 -2.57 1.51 7.17
N THR B 26 -3.29 1.39 8.29
CA THR B 26 -2.80 1.49 9.70
C THR B 26 -2.58 0.13 10.33
N SER B 27 -1.38 -0.19 10.70
CA SER B 27 -1.06 -1.45 11.26
C SER B 27 0.38 -1.39 11.81
N CYS B 28 0.68 -2.25 12.80
CA CYS B 28 1.91 -2.14 13.67
C CYS B 28 3.13 -2.73 13.01
N ILE B 29 2.98 -3.51 11.95
CA ILE B 29 3.99 -4.18 11.16
C ILE B 29 3.50 -4.58 9.77
N ASP B 30 4.40 -4.41 8.80
CA ASP B 30 4.15 -4.52 7.37
C ASP B 30 4.22 -6.02 6.84
N ILE B 31 3.60 -6.95 7.63
CA ILE B 31 3.19 -8.36 7.26
C ILE B 31 1.77 -8.15 6.71
N LEU B 32 1.66 -7.82 5.41
CA LEU B 32 0.39 -7.59 4.68
C LEU B 32 0.26 -8.43 3.41
N ASP B 33 -0.89 -8.75 2.91
CA ASP B 33 -1.15 -9.70 1.78
C ASP B 33 -2.20 -9.06 0.81
N ASP B 34 -2.17 -9.35 -0.48
CA ASP B 34 -2.97 -8.67 -1.58
C ASP B 34 -3.35 -9.75 -2.60
N GLY B 35 -3.14 -11.07 -2.33
CA GLY B 35 -3.56 -12.18 -3.23
C GLY B 35 -2.93 -12.26 -4.59
N TYR B 36 -1.86 -11.56 -4.79
CA TYR B 36 -0.91 -11.75 -5.88
C TYR B 36 0.49 -12.20 -5.39
N ARG B 37 1.18 -12.89 -6.26
CA ARG B 37 2.54 -13.45 -5.95
C ARG B 37 3.61 -12.54 -6.63
N TRP B 38 4.51 -11.97 -5.82
CA TRP B 38 5.56 -11.02 -6.16
C TRP B 38 7.00 -11.42 -5.91
N ARG B 39 7.99 -11.12 -6.73
CA ARG B 39 9.37 -11.33 -6.36
C ARG B 39 9.97 -10.01 -5.94
N LYS B 40 10.78 -9.95 -4.92
CA LYS B 40 11.58 -8.71 -4.55
C LYS B 40 12.74 -8.52 -5.53
N TYR B 41 13.08 -7.28 -5.79
CA TYR B 41 14.29 -6.89 -6.49
C TYR B 41 15.21 -5.77 -5.86
N GLY B 42 14.88 -5.25 -4.72
CA GLY B 42 15.72 -4.37 -3.93
C GLY B 42 15.04 -3.89 -2.67
N GLN B 43 15.83 -3.11 -1.94
CA GLN B 43 15.38 -2.25 -0.83
C GLN B 43 16.31 -0.96 -0.72
N LYS B 44 15.82 0.18 -0.14
CA LYS B 44 16.68 1.38 0.17
C LYS B 44 16.34 1.94 1.58
N VAL B 45 17.31 2.62 2.14
CA VAL B 45 17.13 3.47 3.37
C VAL B 45 16.43 4.81 3.15
N VAL B 46 15.31 5.06 3.83
CA VAL B 46 14.44 6.27 3.81
C VAL B 46 14.32 6.95 5.21
N CYS B 47 13.93 8.21 5.18
CA CYS B 47 13.99 9.15 6.26
C CYS B 47 12.93 8.98 7.35
N GLY B 48 13.24 9.23 8.65
CA GLY B 48 12.34 9.10 9.83
C GLY B 48 11.86 7.66 9.95
N ASN B 49 12.49 6.65 9.39
CA ASN B 49 12.12 5.27 9.35
C ASN B 49 13.28 4.28 9.49
N PRO B 50 13.33 3.30 10.42
CA PRO B 50 14.38 2.28 10.44
C PRO B 50 14.07 1.18 9.45
N ASN B 51 12.81 0.81 9.07
CA ASN B 51 12.33 0.02 7.93
C ASN B 51 12.69 0.71 6.61
N PRO B 52 13.42 0.00 5.72
CA PRO B 52 13.60 0.46 4.36
C PRO B 52 12.32 0.43 3.51
N ARG B 53 12.31 1.07 2.39
CA ARG B 53 11.30 1.00 1.37
C ARG B 53 11.75 -0.20 0.47
N SER B 54 10.80 -1.12 0.35
CA SER B 54 11.02 -2.31 -0.43
C SER B 54 10.44 -2.31 -1.89
N TYR B 55 11.14 -3.00 -2.80
CA TYR B 55 10.78 -3.01 -4.25
C TYR B 55 10.49 -4.49 -4.74
N TYR B 56 9.44 -4.64 -5.56
CA TYR B 56 8.89 -5.91 -6.02
C TYR B 56 8.25 -5.79 -7.37
N LYS B 57 8.11 -6.93 -8.09
CA LYS B 57 7.42 -7.21 -9.37
C LYS B 57 6.61 -8.51 -9.41
N CYS B 58 5.52 -8.44 -10.21
CA CYS B 58 4.55 -9.50 -10.45
C CYS B 58 5.19 -10.77 -11.02
N THR B 59 5.00 -11.88 -10.33
CA THR B 59 5.48 -13.19 -10.90
C THR B 59 4.90 -13.62 -12.20
N THR B 60 3.75 -13.12 -12.62
CA THR B 60 3.04 -13.61 -13.75
C THR B 60 3.82 -13.29 -15.08
N ILE B 61 4.06 -14.22 -15.98
CA ILE B 61 4.73 -13.90 -17.26
C ILE B 61 4.02 -12.75 -18.00
N GLY B 62 4.82 -11.87 -18.59
CA GLY B 62 4.41 -10.71 -19.33
C GLY B 62 3.65 -9.71 -18.57
N CYS B 63 3.74 -9.71 -17.24
CA CYS B 63 3.10 -8.71 -16.45
C CYS B 63 4.12 -7.59 -16.02
N PRO B 64 3.85 -6.28 -16.30
CA PRO B 64 4.74 -5.23 -15.98
C PRO B 64 4.54 -4.60 -14.57
N VAL B 65 3.49 -5.09 -13.75
CA VAL B 65 3.13 -4.45 -12.44
C VAL B 65 4.28 -4.52 -11.45
N ARG B 66 4.77 -3.32 -11.19
CA ARG B 66 5.77 -3.12 -10.15
C ARG B 66 5.17 -2.55 -8.84
N LYS B 67 5.79 -2.83 -7.70
CA LYS B 67 5.20 -2.57 -6.39
C LYS B 67 6.20 -1.92 -5.44
N HIS B 68 5.74 -1.06 -4.53
CA HIS B 68 6.55 -0.63 -3.39
C HIS B 68 5.78 -0.21 -2.16
N VAL B 69 6.48 -0.31 -1.06
CA VAL B 69 5.92 -0.23 0.30
C VAL B 69 6.87 0.57 1.23
N GLU B 70 6.27 1.44 2.00
CA GLU B 70 7.03 2.21 3.05
C GLU B 70 6.19 2.54 4.26
N ARG B 71 6.77 2.47 5.44
CA ARG B 71 6.13 3.08 6.61
C ARG B 71 6.22 4.65 6.48
N ALA B 72 5.25 5.39 7.01
CA ALA B 72 5.30 6.82 7.01
C ALA B 72 6.32 7.32 8.01
N SER B 73 7.20 8.28 7.56
CA SER B 73 8.29 8.93 8.34
C SER B 73 7.82 9.67 9.67
N HIS B 74 6.51 9.75 10.02
CA HIS B 74 5.96 10.54 11.09
C HIS B 74 5.16 9.74 12.06
N ASP B 75 4.73 8.54 11.71
CA ASP B 75 3.94 7.68 12.61
C ASP B 75 4.44 6.27 12.42
N MET B 76 4.66 5.57 13.53
CA MET B 76 5.01 4.16 13.53
C MET B 76 3.90 3.21 12.89
N ARG B 77 2.68 3.47 13.29
CA ARG B 77 1.57 2.69 12.96
C ARG B 77 1.01 2.78 11.47
N ALA B 78 1.52 3.64 10.61
CA ALA B 78 0.92 3.79 9.23
C ALA B 78 1.88 3.23 8.20
N VAL B 79 1.40 2.62 7.10
CA VAL B 79 2.13 2.10 5.93
C VAL B 79 1.39 2.32 4.66
N ILE B 80 2.14 2.73 3.66
CA ILE B 80 1.68 2.97 2.29
C ILE B 80 2.13 1.87 1.35
N THR B 81 1.24 1.40 0.49
CA THR B 81 1.52 0.46 -0.64
C THR B 81 1.22 1.23 -1.94
N THR B 82 2.10 1.14 -2.92
CA THR B 82 1.96 1.61 -4.30
C THR B 82 2.04 0.43 -5.30
N TYR B 83 1.18 0.45 -6.34
CA TYR B 83 1.49 -0.39 -7.51
C TYR B 83 1.69 0.54 -8.71
N GLU B 84 2.52 0.10 -9.64
CA GLU B 84 2.47 0.72 -10.95
C GLU B 84 1.58 -0.12 -11.87
N GLY B 85 0.41 0.43 -12.26
CA GLY B 85 -0.61 -0.26 -13.15
C GLY B 85 -1.40 -1.34 -12.54
N LYS B 86 -2.38 -1.81 -13.33
CA LYS B 86 -3.36 -2.86 -12.91
C LYS B 86 -2.96 -4.12 -13.54
N HIS B 87 -2.96 -5.21 -12.84
CA HIS B 87 -2.77 -6.62 -13.30
C HIS B 87 -3.80 -6.97 -14.39
N ASN B 88 -3.37 -7.28 -15.62
CA ASN B 88 -4.25 -7.79 -16.70
C ASN B 88 -4.71 -9.25 -16.45
N HIS B 89 -5.05 -9.69 -15.25
CA HIS B 89 -5.25 -11.03 -14.64
C HIS B 89 -5.75 -10.93 -13.19
N ASP B 90 -6.84 -11.57 -12.79
CA ASP B 90 -7.26 -11.67 -11.37
C ASP B 90 -6.47 -12.68 -10.50
N VAL B 91 -5.97 -13.73 -11.12
CA VAL B 91 -5.23 -14.82 -10.49
C VAL B 91 -3.91 -14.38 -9.81
N PRO B 92 -3.36 -15.10 -8.78
CA PRO B 92 -2.30 -14.64 -7.93
C PRO B 92 -1.01 -14.50 -8.71
N SER A 37 -8.24 6.50 19.64
CA SER A 37 -7.84 5.53 18.60
C SER A 37 -8.94 4.59 18.17
N ASN A 38 -9.09 4.32 16.87
CA ASN A 38 -9.68 3.00 16.44
C ASN A 38 -8.53 2.01 16.23
N PRO A 39 -8.83 0.69 16.16
CA PRO A 39 -7.88 -0.35 15.83
C PRO A 39 -7.13 -0.13 14.48
N MET A 40 -6.00 -0.80 14.37
CA MET A 40 -5.25 -0.80 13.08
C MET A 40 -6.06 -1.60 12.00
N ARG A 41 -6.13 -1.12 10.79
CA ARG A 41 -7.08 -1.53 9.60
C ARG A 41 -6.50 -2.65 8.69
N VAL A 42 -5.17 -2.89 8.87
CA VAL A 42 -4.28 -4.02 8.27
C VAL A 42 -4.73 -4.46 6.90
N GLN A 43 -5.27 -5.66 6.70
CA GLN A 43 -5.67 -6.32 5.46
C GLN A 43 -6.81 -5.59 4.69
N THR A 44 -7.34 -4.44 5.16
CA THR A 44 -8.61 -3.92 4.59
C THR A 44 -8.50 -3.59 3.11
N CYS A 45 -7.35 -3.26 2.54
CA CYS A 45 -7.27 -2.79 1.11
C CYS A 45 -6.92 -3.94 0.10
N ALA A 46 -7.20 -5.25 0.35
CA ALA A 46 -6.75 -6.32 -0.57
C ALA A 46 -7.77 -6.64 -1.70
N SER A 47 -8.84 -5.93 -2.01
CA SER A 47 -9.57 -6.06 -3.32
C SER A 47 -8.66 -5.90 -4.55
N LYS A 48 -8.86 -6.63 -5.65
CA LYS A 48 -8.04 -6.61 -6.87
C LYS A 48 -8.53 -5.47 -7.79
N PHE A 49 -8.45 -4.27 -7.33
CA PHE A 49 -9.16 -3.09 -7.90
C PHE A 49 -8.56 -2.68 -9.28
N ARG A 50 -9.49 -2.49 -10.25
CA ARG A 50 -9.24 -2.13 -11.64
C ARG A 50 -8.91 -0.66 -11.86
N GLU A 51 -9.34 0.14 -10.97
CA GLU A 51 -9.05 1.56 -11.07
C GLU A 51 -7.61 2.08 -10.78
N LEU A 52 -7.28 3.29 -11.27
CA LEU A 52 -6.11 4.07 -10.74
C LEU A 52 -6.16 4.50 -9.19
N VAL A 53 -7.32 4.59 -8.64
CA VAL A 53 -7.68 4.96 -7.27
C VAL A 53 -8.72 3.97 -6.66
N GLN A 54 -8.36 3.27 -5.54
CA GLN A 54 -9.25 2.39 -4.80
C GLN A 54 -10.56 3.09 -4.23
N GLU A 55 -11.70 2.39 -4.09
CA GLU A 55 -12.92 2.94 -3.49
C GLU A 55 -12.70 3.12 -1.94
N LEU A 56 -11.68 2.44 -1.35
CA LEU A 56 -11.38 2.66 0.11
C LEU A 56 -10.40 3.80 0.40
N THR A 57 -9.90 4.50 -0.64
CA THR A 57 -9.04 5.73 -0.63
C THR A 57 -9.58 6.85 0.16
N GLY A 58 -9.02 7.12 1.31
CA GLY A 58 -9.56 8.09 2.33
C GLY A 58 -9.04 9.51 2.18
N GLN A 59 -9.54 10.44 3.01
CA GLN A 59 -9.22 11.89 3.23
C GLN A 59 -7.73 12.20 3.64
N ASP A 60 -6.95 11.19 3.85
CA ASP A 60 -5.62 11.24 4.39
C ASP A 60 -5.60 11.83 5.80
N ALA A 61 -5.80 11.03 6.83
CA ALA A 61 -6.13 9.61 6.76
C ALA A 61 -7.23 9.34 7.82
N VAL A 62 -8.03 8.28 7.63
CA VAL A 62 -9.21 8.00 8.45
C VAL A 62 -9.57 6.53 8.48
N ASP A 63 -10.34 6.13 9.47
CA ASP A 63 -10.77 4.72 9.62
C ASP A 63 -12.25 4.73 9.15
N LEU A 64 -12.85 3.54 9.01
CA LEU A 64 -14.26 3.44 8.57
C LEU A 64 -15.26 4.02 9.54
N GLN A 65 -15.01 3.74 10.88
CA GLN A 65 -15.75 4.32 11.97
C GLN A 65 -15.26 5.70 12.39
N PRO A 66 -16.09 6.53 13.01
CA PRO A 66 -15.62 7.84 13.54
C PRO A 66 -14.52 7.82 14.58
N GLU A 67 -13.76 8.92 14.79
CA GLU A 67 -12.89 9.01 15.97
C GLU A 67 -13.42 10.14 16.96
N PRO A 68 -14.22 9.81 17.97
CA PRO A 68 -14.69 10.73 19.00
C PRO A 68 -13.69 11.32 19.93
N ILE A 69 -12.56 10.62 20.23
CA ILE A 69 -11.46 11.05 21.06
C ILE A 69 -10.84 12.37 20.60
N TYR A 70 -10.60 13.38 21.50
CA TYR A 70 -9.89 14.61 21.20
C TYR A 70 -8.54 14.34 20.46
N SER A 71 -8.30 15.16 19.42
CA SER A 71 -7.08 15.29 18.62
C SER A 71 -6.05 16.32 19.18
N LYS B 14 -6.41 15.36 -18.44
CA LYS B 14 -6.12 13.93 -18.03
C LYS B 14 -5.04 13.88 -17.04
N THR B 15 -5.19 13.36 -15.84
CA THR B 15 -4.20 13.47 -14.76
C THR B 15 -3.22 12.27 -14.85
N VAL B 16 -1.94 12.57 -14.60
CA VAL B 16 -0.98 11.46 -14.46
C VAL B 16 -1.26 10.64 -13.22
N ARG B 17 -1.35 9.31 -13.21
CA ARG B 17 -1.45 8.47 -12.02
C ARG B 17 -1.04 7.00 -12.20
N GLU B 18 -0.97 6.52 -13.44
CA GLU B 18 -0.45 5.19 -13.77
C GLU B 18 1.01 4.94 -13.22
N PRO B 19 1.96 5.89 -13.07
CA PRO B 19 3.22 5.66 -12.39
C PRO B 19 3.12 5.50 -10.83
N ARG B 20 1.99 6.05 -10.24
CA ARG B 20 1.89 6.21 -8.78
C ARG B 20 0.56 5.88 -8.20
N ILE B 21 0.03 4.68 -8.45
CA ILE B 21 -1.19 4.23 -7.81
C ILE B 21 -0.79 4.02 -6.35
N VAL B 22 -1.46 4.66 -5.39
CA VAL B 22 -1.14 4.66 -3.97
C VAL B 22 -2.16 3.93 -3.15
N VAL B 23 -1.77 3.18 -2.06
CA VAL B 23 -2.68 2.49 -1.14
C VAL B 23 -2.09 2.55 0.29
N GLN B 24 -2.94 2.97 1.25
CA GLN B 24 -2.56 3.08 2.66
C GLN B 24 -3.48 2.19 3.58
N THR B 25 -2.81 1.62 4.60
CA THR B 25 -3.46 1.08 5.78
C THR B 25 -2.70 1.36 7.02
N THR B 26 -3.15 0.84 8.12
CA THR B 26 -2.42 0.89 9.38
C THR B 26 -2.10 -0.56 9.91
N SER B 27 -0.88 -0.82 10.32
CA SER B 27 -0.31 -2.06 10.81
C SER B 27 1.01 -1.75 11.51
N CYS B 28 1.33 -2.45 12.62
CA CYS B 28 2.65 -2.37 13.24
C CYS B 28 3.83 -2.92 12.37
N ILE B 29 3.43 -3.52 11.25
CA ILE B 29 4.41 -4.10 10.30
C ILE B 29 3.95 -4.15 8.85
N ASP B 30 4.84 -4.11 7.89
CA ASP B 30 4.54 -4.13 6.44
C ASP B 30 4.09 -5.49 5.82
N ILE B 31 3.88 -6.55 6.64
CA ILE B 31 3.42 -7.86 6.11
C ILE B 31 1.92 -7.73 5.76
N LEU B 32 1.60 -7.31 4.54
CA LEU B 32 0.27 -7.27 3.91
C LEU B 32 0.21 -8.29 2.75
N ASP B 33 -0.85 -9.16 2.68
CA ASP B 33 -1.36 -9.75 1.46
C ASP B 33 -2.34 -8.96 0.64
N ASP B 34 -2.17 -8.96 -0.70
CA ASP B 34 -3.00 -8.24 -1.63
C ASP B 34 -3.70 -9.13 -2.66
N GLY B 35 -3.49 -10.44 -2.55
CA GLY B 35 -4.13 -11.42 -3.42
C GLY B 35 -3.24 -11.87 -4.61
N TYR B 36 -2.09 -11.26 -4.82
CA TYR B 36 -1.16 -11.55 -5.91
C TYR B 36 0.15 -12.21 -5.40
N ARG B 37 0.89 -12.73 -6.43
CA ARG B 37 2.21 -13.29 -6.07
C ARG B 37 3.43 -12.43 -6.55
N TRP B 38 4.39 -12.12 -5.62
CA TRP B 38 5.48 -11.13 -5.76
C TRP B 38 6.92 -11.65 -5.48
N ARG B 39 7.83 -11.41 -6.37
CA ARG B 39 9.32 -11.44 -6.07
C ARG B 39 9.63 -10.09 -5.50
N LYS B 40 10.71 -10.10 -4.70
CA LYS B 40 11.36 -9.00 -3.90
C LYS B 40 12.74 -8.68 -4.55
N TYR B 41 13.06 -7.37 -4.59
CA TYR B 41 14.23 -6.78 -5.32
C TYR B 41 15.01 -5.88 -4.41
N GLY B 42 15.30 -6.45 -3.26
CA GLY B 42 16.05 -5.67 -2.22
C GLY B 42 15.18 -4.53 -1.54
N GLN B 43 15.87 -3.59 -0.96
CA GLN B 43 15.35 -2.62 -0.06
C GLN B 43 16.28 -1.38 0.15
N LYS B 44 15.75 -0.19 0.14
CA LYS B 44 16.51 1.08 0.11
C LYS B 44 16.13 2.07 1.24
N VAL B 45 17.07 2.84 1.74
CA VAL B 45 16.81 3.77 2.83
C VAL B 45 15.91 5.04 2.39
N VAL B 46 15.00 5.45 3.25
CA VAL B 46 14.01 6.53 3.12
C VAL B 46 13.87 7.49 4.34
N CYS B 47 13.11 8.58 4.15
CA CYS B 47 12.97 9.69 5.05
C CYS B 47 12.09 9.46 6.30
N GLY B 48 12.51 10.04 7.45
CA GLY B 48 11.57 10.19 8.55
C GLY B 48 11.23 8.87 9.38
N ASN B 49 11.87 7.80 8.98
CA ASN B 49 11.53 6.36 9.19
C ASN B 49 12.80 5.53 9.38
N PRO B 50 12.83 4.69 10.42
CA PRO B 50 13.95 3.78 10.53
C PRO B 50 13.94 2.48 9.65
N ASN B 51 12.81 2.16 9.08
CA ASN B 51 12.66 1.00 8.19
C ASN B 51 12.85 1.33 6.72
N PRO B 52 13.50 0.44 5.99
CA PRO B 52 13.85 0.72 4.55
C PRO B 52 12.58 0.47 3.75
N ARG B 53 12.55 1.11 2.61
CA ARG B 53 11.52 0.91 1.54
C ARG B 53 11.88 -0.27 0.68
N SER B 54 11.12 -1.33 0.80
CA SER B 54 11.31 -2.53 -0.05
C SER B 54 10.67 -2.52 -1.44
N TYR B 55 11.27 -3.21 -2.41
CA TYR B 55 10.70 -3.31 -3.78
C TYR B 55 10.26 -4.68 -4.20
N TYR B 56 9.27 -4.74 -5.14
CA TYR B 56 8.54 -5.96 -5.44
C TYR B 56 8.01 -5.92 -6.88
N LYS B 57 8.03 -7.05 -7.56
CA LYS B 57 7.42 -7.17 -8.89
C LYS B 57 6.51 -8.45 -9.00
N CYS B 58 5.41 -8.36 -9.76
CA CYS B 58 4.49 -9.40 -9.94
C CYS B 58 5.00 -10.68 -10.70
N THR B 59 4.94 -11.85 -10.12
CA THR B 59 5.42 -13.15 -10.71
C THR B 59 4.76 -13.67 -12.00
N THR B 60 3.54 -13.34 -12.28
CA THR B 60 2.91 -13.77 -13.53
C THR B 60 3.71 -13.38 -14.79
N ILE B 61 3.89 -14.36 -15.66
CA ILE B 61 4.57 -14.16 -16.97
C ILE B 61 3.71 -13.26 -17.89
N GLY B 62 4.32 -12.18 -18.35
CA GLY B 62 3.59 -11.17 -19.17
C GLY B 62 2.83 -10.11 -18.37
N CYS B 63 3.07 -10.03 -17.03
CA CYS B 63 2.72 -9.03 -16.07
C CYS B 63 3.81 -7.91 -15.86
N PRO B 64 3.51 -6.64 -16.34
CA PRO B 64 4.42 -5.53 -16.16
C PRO B 64 4.36 -4.94 -14.79
N VAL B 65 3.43 -5.34 -13.92
CA VAL B 65 3.09 -4.52 -12.72
C VAL B 65 4.22 -4.63 -11.69
N ARG B 66 4.54 -3.57 -10.92
CA ARG B 66 5.53 -3.55 -9.88
C ARG B 66 5.01 -2.70 -8.67
N LYS B 67 5.71 -2.81 -7.56
CA LYS B 67 5.39 -2.04 -6.32
C LYS B 67 6.59 -1.90 -5.39
N HIS B 68 6.48 -0.94 -4.44
CA HIS B 68 7.42 -0.71 -3.30
C HIS B 68 6.62 -0.55 -1.98
N VAL B 69 7.12 -0.80 -0.78
CA VAL B 69 6.36 -0.69 0.48
C VAL B 69 7.25 -0.10 1.55
N GLU B 70 6.75 0.88 2.19
CA GLU B 70 7.44 1.62 3.31
C GLU B 70 6.42 2.00 4.40
N ARG B 71 6.92 2.32 5.56
CA ARG B 71 6.13 3.01 6.62
C ARG B 71 5.93 4.50 6.27
N ALA B 72 4.84 5.14 6.65
CA ALA B 72 4.57 6.57 6.44
C ALA B 72 5.64 7.44 7.11
N SER B 73 6.30 8.24 6.31
CA SER B 73 7.36 9.12 6.90
C SER B 73 6.93 10.04 8.06
N HIS B 74 5.69 10.56 7.95
CA HIS B 74 5.10 11.39 9.00
C HIS B 74 4.53 10.56 10.20
N ASP B 75 4.21 9.29 10.03
CA ASP B 75 3.47 8.42 10.94
C ASP B 75 4.05 7.00 11.34
N MET B 76 4.21 6.80 12.63
CA MET B 76 4.70 5.53 13.16
C MET B 76 3.73 4.40 12.81
N ARG B 77 2.48 4.62 12.47
CA ARG B 77 1.41 3.63 12.40
C ARG B 77 0.87 3.22 10.97
N ALA B 78 0.88 4.06 9.93
CA ALA B 78 0.49 3.74 8.58
C ALA B 78 1.62 3.08 7.79
N VAL B 79 1.14 2.13 7.00
CA VAL B 79 1.96 1.46 5.97
C VAL B 79 1.35 1.66 4.53
N ILE B 80 2.22 1.98 3.60
CA ILE B 80 1.92 2.63 2.32
C ILE B 80 2.59 1.83 1.16
N THR B 81 1.74 1.24 0.33
CA THR B 81 2.07 0.67 -0.99
C THR B 81 1.96 1.76 -2.07
N THR B 82 2.88 1.64 -3.02
CA THR B 82 2.81 2.41 -4.26
C THR B 82 3.02 1.38 -5.37
N TYR B 83 1.91 1.11 -6.05
CA TYR B 83 1.91 0.24 -7.26
C TYR B 83 2.25 1.08 -8.49
N GLU B 84 2.92 0.50 -9.45
CA GLU B 84 3.01 0.96 -10.83
C GLU B 84 2.45 -0.01 -11.86
N GLY B 85 1.63 0.53 -12.71
CA GLY B 85 0.73 -0.18 -13.60
C GLY B 85 -0.43 -0.91 -12.89
N LYS B 86 -1.32 -1.54 -13.65
CA LYS B 86 -2.46 -2.40 -13.18
C LYS B 86 -2.46 -3.92 -13.54
N HIS B 87 -2.92 -4.91 -12.74
CA HIS B 87 -3.00 -6.31 -13.18
C HIS B 87 -4.06 -6.65 -14.28
N ASN B 88 -3.56 -7.09 -15.45
CA ASN B 88 -4.45 -7.69 -16.54
C ASN B 88 -4.68 -9.16 -16.46
N HIS B 89 -4.59 -9.72 -15.24
CA HIS B 89 -4.97 -11.11 -14.76
C HIS B 89 -5.51 -10.97 -13.27
N ASP B 90 -6.36 -11.86 -12.84
CA ASP B 90 -6.90 -11.97 -11.46
C ASP B 90 -6.35 -13.18 -10.64
N VAL B 91 -6.11 -14.32 -11.29
CA VAL B 91 -5.54 -15.54 -10.65
C VAL B 91 -4.11 -15.00 -10.00
N PRO B 92 -3.72 -15.41 -8.80
CA PRO B 92 -2.58 -14.96 -8.00
C PRO B 92 -1.32 -14.84 -8.77
N SER A 37 -8.21 -1.86 21.70
CA SER A 37 -7.56 -1.32 20.52
C SER A 37 -8.39 -1.74 19.33
N ASN A 38 -8.46 -0.93 18.25
CA ASN A 38 -9.08 -1.33 17.02
C ASN A 38 -8.29 -2.46 16.29
N PRO A 39 -9.04 -3.21 15.45
CA PRO A 39 -8.49 -4.14 14.52
C PRO A 39 -7.94 -3.34 13.30
N MET A 40 -6.92 -3.83 12.63
CA MET A 40 -6.21 -3.12 11.51
C MET A 40 -7.08 -3.15 10.23
N ARG A 41 -6.87 -2.12 9.42
CA ARG A 41 -7.67 -1.87 8.21
C ARG A 41 -7.37 -2.80 6.99
N VAL A 42 -6.46 -3.77 7.10
CA VAL A 42 -5.77 -4.46 5.96
C VAL A 42 -6.68 -5.21 5.04
N GLN A 43 -7.46 -6.13 5.58
CA GLN A 43 -8.34 -7.04 4.83
C GLN A 43 -9.35 -6.24 4.06
N THR A 44 -9.57 -4.97 4.39
CA THR A 44 -10.39 -4.10 3.56
C THR A 44 -9.55 -3.51 2.42
N CYS A 45 -8.39 -2.94 2.70
CA CYS A 45 -7.40 -2.43 1.72
C CYS A 45 -7.03 -3.41 0.59
N ALA A 46 -6.94 -4.73 0.92
CA ALA A 46 -6.71 -5.81 0.00
C ALA A 46 -7.78 -6.11 -1.06
N SER A 47 -8.97 -5.44 -1.06
CA SER A 47 -10.09 -5.68 -1.99
C SER A 47 -9.70 -5.24 -3.42
N LYS A 48 -9.79 -6.16 -4.40
CA LYS A 48 -9.36 -5.96 -5.82
C LYS A 48 -10.40 -4.99 -6.50
N PHE A 49 -9.97 -4.11 -7.35
CA PHE A 49 -10.81 -3.11 -8.04
C PHE A 49 -10.72 -3.09 -9.55
N ARG A 50 -11.82 -2.87 -10.27
CA ARG A 50 -11.93 -2.69 -11.75
C ARG A 50 -11.70 -1.23 -12.22
N GLU A 51 -11.59 -0.25 -11.33
CA GLU A 51 -11.05 1.09 -11.55
C GLU A 51 -9.46 1.11 -11.68
N LEU A 52 -8.90 2.20 -12.20
CA LEU A 52 -7.49 2.49 -12.36
C LEU A 52 -6.94 3.00 -10.98
N VAL A 53 -7.75 3.87 -10.31
CA VAL A 53 -7.44 4.47 -8.96
C VAL A 53 -8.33 3.83 -7.90
N GLN A 54 -7.75 3.45 -6.76
CA GLN A 54 -8.48 2.81 -5.62
C GLN A 54 -9.66 3.72 -5.06
N GLU A 55 -10.89 3.23 -4.99
CA GLU A 55 -12.02 3.94 -4.38
C GLU A 55 -11.78 4.35 -3.01
N LEU A 56 -11.25 3.42 -2.19
CA LEU A 56 -10.94 3.53 -0.78
C LEU A 56 -9.66 4.25 -0.46
N THR A 57 -9.37 5.26 -1.32
CA THR A 57 -8.53 6.46 -1.02
C THR A 57 -9.20 7.33 0.06
N GLY A 58 -8.35 7.75 0.98
CA GLY A 58 -8.77 8.78 1.94
C GLY A 58 -7.65 9.82 2.23
N GLN A 59 -7.89 10.54 3.32
CA GLN A 59 -6.96 11.53 3.90
C GLN A 59 -5.72 11.00 4.66
N ASP A 60 -5.34 9.73 4.41
CA ASP A 60 -4.08 9.17 5.01
C ASP A 60 -3.99 9.05 6.58
N ALA A 61 -4.93 8.54 7.33
CA ALA A 61 -6.23 8.11 6.97
C ALA A 61 -7.03 7.86 8.22
N VAL A 62 -8.32 8.08 8.16
CA VAL A 62 -9.32 7.77 9.14
C VAL A 62 -9.37 6.24 9.37
N ASP A 63 -9.38 5.79 10.65
CA ASP A 63 -9.76 4.38 10.90
C ASP A 63 -11.22 3.99 10.57
N LEU A 64 -11.54 2.72 10.28
CA LEU A 64 -12.93 2.30 10.00
C LEU A 64 -13.82 2.22 11.24
N GLN A 65 -13.24 2.13 12.45
CA GLN A 65 -13.83 2.17 13.82
C GLN A 65 -13.99 3.65 14.40
N PRO A 66 -14.64 3.80 15.57
CA PRO A 66 -14.58 5.01 16.39
C PRO A 66 -13.06 5.40 16.71
N GLU A 67 -12.79 6.72 16.84
CA GLU A 67 -11.48 7.05 17.24
C GLU A 67 -11.21 6.78 18.71
N PRO A 68 -10.16 6.03 19.16
CA PRO A 68 -9.91 5.80 20.59
C PRO A 68 -9.42 7.09 21.34
N ILE A 69 -9.39 8.33 20.78
CA ILE A 69 -8.92 9.52 21.45
C ILE A 69 -10.07 10.51 21.45
N TYR A 70 -10.10 11.40 22.45
CA TYR A 70 -10.99 12.66 22.65
C TYR A 70 -10.84 13.73 21.59
N SER A 71 -10.44 13.45 20.35
CA SER A 71 -10.24 14.47 19.33
C SER A 71 -11.53 15.21 18.90
N LYS B 14 -3.91 17.87 -16.51
CA LYS B 14 -4.28 16.45 -16.54
C LYS B 14 -3.15 15.53 -15.97
N THR B 15 -3.32 15.09 -14.71
CA THR B 15 -2.27 14.37 -13.98
C THR B 15 -2.08 12.99 -14.60
N VAL B 16 -0.86 12.46 -14.77
CA VAL B 16 -0.58 11.11 -15.31
C VAL B 16 -0.58 10.15 -14.11
N ARG B 17 -1.63 9.33 -14.01
CA ARG B 17 -1.81 8.53 -12.80
C ARG B 17 -1.31 7.07 -12.80
N GLU B 18 -1.08 6.44 -13.92
CA GLU B 18 -0.61 5.09 -13.92
C GLU B 18 0.65 4.77 -13.12
N PRO B 19 1.70 5.65 -13.12
CA PRO B 19 2.89 5.33 -12.34
C PRO B 19 2.81 5.73 -10.89
N ARG B 20 1.63 6.21 -10.48
CA ARG B 20 1.24 6.89 -9.21
C ARG B 20 -0.12 6.41 -8.72
N ILE B 21 -0.27 5.07 -8.65
CA ILE B 21 -1.36 4.39 -7.90
C ILE B 21 -0.96 4.06 -6.45
N VAL B 22 -1.70 4.46 -5.45
CA VAL B 22 -1.35 4.25 -4.02
C VAL B 22 -2.50 3.51 -3.27
N VAL B 23 -2.04 2.74 -2.29
CA VAL B 23 -2.87 2.08 -1.30
C VAL B 23 -2.21 2.23 0.03
N GLN B 24 -2.84 2.97 0.97
CA GLN B 24 -2.38 3.20 2.32
C GLN B 24 -3.22 2.41 3.29
N THR B 25 -2.66 1.75 4.32
CA THR B 25 -3.37 0.89 5.33
C THR B 25 -2.91 1.19 6.75
N THR B 26 -3.64 0.82 7.80
CA THR B 26 -3.01 0.58 9.14
C THR B 26 -2.46 -0.84 9.21
N SER B 27 -1.34 -1.11 9.96
CA SER B 27 -0.71 -2.50 10.04
C SER B 27 0.31 -2.52 11.15
N CYS B 28 0.42 -3.64 11.95
CA CYS B 28 1.47 -3.91 12.95
C CYS B 28 2.89 -4.17 12.40
N ILE B 29 3.05 -4.46 11.11
CA ILE B 29 4.33 -4.71 10.38
C ILE B 29 4.25 -4.20 8.90
N ASP B 30 5.42 -3.81 8.36
CA ASP B 30 5.47 -3.24 6.98
C ASP B 30 5.29 -4.26 5.87
N ILE B 31 5.09 -5.56 6.23
CA ILE B 31 4.96 -6.72 5.32
C ILE B 31 3.45 -7.02 5.32
N LEU B 32 2.91 -6.92 4.15
CA LEU B 32 1.48 -6.98 3.83
C LEU B 32 1.12 -8.00 2.69
N ASP B 33 -0.11 -8.45 2.52
CA ASP B 33 -0.68 -9.27 1.42
C ASP B 33 -1.98 -8.62 0.89
N ASP B 34 -1.91 -8.13 -0.28
CA ASP B 34 -2.82 -7.35 -1.15
C ASP B 34 -3.61 -8.22 -2.08
N GLY B 35 -3.54 -9.49 -1.94
CA GLY B 35 -4.18 -10.57 -2.77
C GLY B 35 -3.43 -11.02 -4.02
N TYR B 36 -2.19 -10.63 -4.15
CA TYR B 36 -1.30 -10.94 -5.27
C TYR B 36 0.14 -11.48 -4.86
N ARG B 37 0.87 -12.04 -5.84
CA ARG B 37 2.16 -12.73 -5.59
C ARG B 37 3.30 -11.87 -6.19
N TRP B 38 4.44 -11.85 -5.51
CA TRP B 38 5.43 -10.81 -5.68
C TRP B 38 6.82 -11.32 -5.31
N ARG B 39 7.77 -11.13 -6.23
CA ARG B 39 9.23 -11.12 -5.93
C ARG B 39 9.81 -9.77 -5.62
N LYS B 40 10.87 -9.75 -4.81
CA LYS B 40 11.60 -8.59 -4.43
C LYS B 40 12.65 -8.12 -5.55
N TYR B 41 12.76 -6.85 -5.76
CA TYR B 41 13.61 -6.11 -6.71
C TYR B 41 14.32 -4.94 -6.11
N GLY B 42 14.84 -5.16 -4.89
CA GLY B 42 15.71 -4.16 -4.16
C GLY B 42 15.15 -3.54 -2.88
N GLN B 43 15.89 -2.73 -2.11
CA GLN B 43 15.55 -1.99 -0.92
C GLN B 43 16.30 -0.60 -0.78
N LYS B 44 15.66 0.36 -0.10
CA LYS B 44 16.21 1.74 0.05
C LYS B 44 15.92 2.42 1.42
N VAL B 45 16.85 3.24 1.95
CA VAL B 45 16.51 4.13 3.10
C VAL B 45 15.51 5.22 2.67
N VAL B 46 14.64 5.64 3.53
CA VAL B 46 13.89 6.89 3.49
C VAL B 46 13.87 7.53 4.93
N CYS B 47 13.34 8.76 4.92
CA CYS B 47 13.24 9.68 6.09
C CYS B 47 12.41 9.09 7.31
N GLY B 48 12.91 9.34 8.51
CA GLY B 48 12.26 8.90 9.80
C GLY B 48 12.37 7.42 10.10
N ASN B 49 11.59 6.69 9.35
CA ASN B 49 11.52 5.19 9.31
C ASN B 49 12.89 4.51 9.18
N PRO B 50 13.26 3.64 10.15
CA PRO B 50 14.49 2.95 10.14
C PRO B 50 14.54 1.61 9.34
N ASN B 51 13.36 1.09 9.06
CA ASN B 51 13.17 -0.02 8.07
C ASN B 51 13.11 0.52 6.63
N PRO B 52 13.70 -0.15 5.65
CA PRO B 52 13.80 0.37 4.28
C PRO B 52 12.33 0.46 3.71
N ARG B 53 12.20 1.35 2.69
CA ARG B 53 11.33 1.16 1.53
C ARG B 53 11.77 0.00 0.67
N SER B 54 10.84 -0.88 0.32
CA SER B 54 11.09 -2.18 -0.38
C SER B 54 10.29 -2.32 -1.72
N TYR B 55 10.99 -2.87 -2.74
CA TYR B 55 10.61 -2.76 -4.16
C TYR B 55 10.23 -4.20 -4.68
N TYR B 56 9.10 -4.38 -5.39
CA TYR B 56 8.59 -5.72 -5.80
C TYR B 56 8.03 -5.69 -7.25
N LYS B 57 7.81 -6.92 -7.86
CA LYS B 57 7.21 -7.13 -9.19
C LYS B 57 6.49 -8.51 -9.26
N CYS B 58 5.47 -8.57 -10.08
CA CYS B 58 4.59 -9.69 -10.18
C CYS B 58 5.31 -11.03 -10.61
N THR B 59 4.98 -12.22 -10.11
CA THR B 59 5.58 -13.53 -10.49
C THR B 59 4.74 -14.34 -11.49
N THR B 60 3.70 -13.71 -11.98
CA THR B 60 2.95 -14.21 -13.14
C THR B 60 3.69 -13.79 -14.45
N ILE B 61 4.12 -14.70 -15.32
CA ILE B 61 4.86 -14.38 -16.52
C ILE B 61 4.05 -13.45 -17.45
N GLY B 62 4.72 -12.40 -17.89
CA GLY B 62 3.99 -11.37 -18.74
C GLY B 62 3.07 -10.30 -18.04
N CYS B 63 2.97 -10.39 -16.71
CA CYS B 63 2.36 -9.38 -15.82
C CYS B 63 3.47 -8.40 -15.38
N PRO B 64 3.58 -7.19 -15.94
CA PRO B 64 4.68 -6.27 -15.67
C PRO B 64 4.53 -5.53 -14.30
N VAL B 65 3.50 -5.86 -13.55
CA VAL B 65 3.09 -5.03 -12.36
C VAL B 65 4.05 -4.98 -11.20
N ARG B 66 4.47 -3.74 -10.83
CA ARG B 66 5.47 -3.38 -9.78
C ARG B 66 4.79 -2.67 -8.63
N LYS B 67 5.43 -2.73 -7.41
CA LYS B 67 5.09 -1.75 -6.38
C LYS B 67 6.33 -1.36 -5.55
N HIS B 68 6.35 -0.27 -4.80
CA HIS B 68 7.06 -0.20 -3.51
C HIS B 68 6.04 -0.15 -2.39
N VAL B 69 6.61 -0.48 -1.26
CA VAL B 69 5.99 -0.61 0.14
C VAL B 69 6.99 0.13 1.13
N GLU B 70 6.36 0.87 2.08
CA GLU B 70 7.03 1.60 3.20
C GLU B 70 6.22 1.74 4.51
N ARG B 71 6.89 1.82 5.66
CA ARG B 71 6.40 2.54 6.86
C ARG B 71 6.33 4.06 6.69
N ALA B 72 5.33 4.75 7.11
CA ALA B 72 5.36 6.23 7.20
C ALA B 72 6.50 6.95 7.96
N SER B 73 6.74 8.18 7.52
CA SER B 73 7.93 8.99 7.87
C SER B 73 7.92 9.32 9.36
N HIS B 74 6.84 9.17 10.16
CA HIS B 74 6.84 9.32 11.64
C HIS B 74 5.91 8.31 12.35
N ASP B 75 4.82 7.86 11.67
CA ASP B 75 3.85 7.00 12.36
C ASP B 75 4.21 5.51 12.33
N MET B 76 4.35 4.83 13.43
CA MET B 76 4.59 3.40 13.46
C MET B 76 3.54 2.50 12.85
N ARG B 77 2.25 2.99 12.81
CA ARG B 77 1.07 2.18 12.45
C ARG B 77 0.67 2.21 10.99
N ALA B 78 1.19 3.20 10.30
CA ALA B 78 0.81 3.41 8.93
C ALA B 78 1.80 2.82 7.85
N VAL B 79 1.27 2.03 6.89
CA VAL B 79 2.05 1.39 5.81
C VAL B 79 1.41 1.72 4.47
N ILE B 80 2.23 2.18 3.50
CA ILE B 80 1.76 2.69 2.22
C ILE B 80 2.24 1.70 1.18
N THR B 81 1.52 1.51 0.03
CA THR B 81 2.06 0.87 -1.20
C THR B 81 1.87 1.85 -2.39
N THR B 82 2.93 2.00 -3.21
CA THR B 82 2.89 2.67 -4.45
C THR B 82 3.08 1.73 -5.66
N TYR B 83 2.05 1.49 -6.48
CA TYR B 83 2.10 0.64 -7.73
C TYR B 83 2.47 1.40 -8.99
N GLU B 84 2.90 0.60 -10.04
CA GLU B 84 2.49 0.97 -11.39
C GLU B 84 1.40 0.07 -11.94
N GLY B 85 0.38 0.64 -12.55
CA GLY B 85 -0.73 -0.13 -13.20
C GLY B 85 -1.55 -1.05 -12.31
N LYS B 86 -2.29 -1.95 -12.95
CA LYS B 86 -3.21 -2.95 -12.38
C LYS B 86 -2.85 -4.32 -12.95
N HIS B 87 -3.06 -5.35 -12.09
CA HIS B 87 -2.94 -6.79 -12.51
C HIS B 87 -4.16 -7.20 -13.27
N ASN B 88 -4.05 -7.54 -14.61
CA ASN B 88 -5.26 -8.00 -15.40
C ASN B 88 -6.00 -9.29 -15.02
N HIS B 89 -5.33 -10.21 -14.27
CA HIS B 89 -5.75 -11.45 -13.67
C HIS B 89 -6.44 -11.25 -12.30
N ASP B 90 -7.57 -11.97 -12.09
CA ASP B 90 -8.35 -12.00 -10.87
C ASP B 90 -7.74 -12.88 -9.75
N VAL B 91 -7.07 -13.98 -10.17
CA VAL B 91 -6.30 -14.89 -9.34
C VAL B 91 -5.00 -14.26 -8.80
N PRO B 92 -4.42 -14.64 -7.71
CA PRO B 92 -3.17 -13.99 -7.30
C PRO B 92 -2.01 -14.09 -8.25
#